data_9CW5
#
_entry.id   9CW5
#
_cell.length_a   59.159
_cell.length_b   151.847
_cell.length_c   107.829
_cell.angle_alpha   90.00
_cell.angle_beta   90.73
_cell.angle_gamma   90.00
#
_symmetry.space_group_name_H-M   'P 1 21 1'
#
loop_
_entity.id
_entity.type
_entity.pdbx_description
1 polymer 'Nitric oxide synthase, endothelial'
2 non-polymer 'PROTOPORPHYRIN IX CONTAINING FE'
3 non-polymer 5,6,7,8-TETRAHYDROBIOPTERIN
4 non-polymer (6P)-4-methyl-6-{3-[(methylamino)methyl]-5-(trifluoromethyl)phenyl}pyridin-2-amine
5 non-polymer 2-[BIS-(2-HYDROXY-ETHYL)-AMINO]-2-HYDROXYMETHYL-PROPANE-1,3-DIOL
6 non-polymer GLYCEROL
7 non-polymer 'CHLORIDE ION'
8 non-polymer 'GADOLINIUM ION'
9 non-polymer 'ZINC ION'
10 water water
#
_entity_poly.entity_id   1
_entity_poly.type   'polypeptide(L)'
_entity_poly.pdbx_seq_one_letter_code
;APASLLPPAPEHSPPSSPLTQPPEGPKFPRVKNWEVGSITYDTLSAQAQQDGPCTPRRCLGSLVFPRKLQGRPSPGPPAP
EQLLSQARDFINQYYSSIKRSGSQAHEQRLQEVEAEVAATGTYQLRESELVFGAKQAWRNAPRCVGRIQWGKLQVFDARD
CRSAQEMFTYICNHIKYATNRGNLRSAITVFPQRCPGRGDFRIWNSQLVRYAGYRQQDGSVRGDPANVEITELCIQHGWT
PGNGRFDVLPLLLQAPDEPPELFLLPPELVLEVPLEHPTLEWFAALGLRWYALPAVSNMLLEIGGLEFPAAPFSGWYMST
EIGTRNLCDPHRYNILEDVAVCMDLDTRTTSSLWKDKAAVEINVAVLHSYQLAKVTIVDHHAATASFMKHLENEQKARGG
CPADWAWIVPPISGSLTPVFHQEMVNYFLSPAFRYQPDPW
;
_entity_poly.pdbx_strand_id   A,B,C,D
#
loop_
_chem_comp.id
_chem_comp.type
_chem_comp.name
_chem_comp.formula
A1A0F non-polymer (6P)-4-methyl-6-{3-[(methylamino)methyl]-5-(trifluoromethyl)phenyl}pyridin-2-amine 'C15 H16 F3 N3'
BTB non-polymer 2-[BIS-(2-HYDROXY-ETHYL)-AMINO]-2-HYDROXYMETHYL-PROPANE-1,3-DIOL 'C8 H19 N O5'
CL non-polymer 'CHLORIDE ION' 'Cl -1'
GD3 non-polymer 'GADOLINIUM ION' 'Gd 3'
GOL non-polymer GLYCEROL 'C3 H8 O3'
H4B non-polymer 5,6,7,8-TETRAHYDROBIOPTERIN 'C9 H15 N5 O3'
HEM non-polymer 'PROTOPORPHYRIN IX CONTAINING FE' 'C34 H32 Fe N4 O4'
ZN non-polymer 'ZINC ION' 'Zn 2'
#
# COMPACT_ATOMS: atom_id res chain seq x y z
N LYS A 27 26.57 -27.33 -35.45
CA LYS A 27 27.26 -27.97 -34.32
C LYS A 27 27.60 -26.97 -33.22
N PHE A 28 27.23 -25.71 -33.43
CA PHE A 28 27.45 -24.65 -32.44
C PHE A 28 26.11 -24.09 -31.98
N PRO A 29 25.66 -24.42 -30.77
CA PRO A 29 24.28 -24.13 -30.38
C PRO A 29 23.99 -22.64 -30.43
N ARG A 30 22.90 -22.29 -31.10
CA ARG A 30 22.37 -20.94 -31.08
C ARG A 30 21.70 -20.69 -29.73
N VAL A 31 21.98 -19.54 -29.14
CA VAL A 31 21.55 -19.21 -27.79
C VAL A 31 20.93 -17.83 -27.84
N LYS A 32 19.66 -17.73 -27.48
CA LYS A 32 18.94 -16.47 -27.58
C LYS A 32 18.63 -15.94 -26.19
N ASN A 33 18.76 -14.62 -26.03
CA ASN A 33 18.15 -13.92 -24.91
C ASN A 33 16.83 -13.33 -25.35
N TRP A 34 15.74 -13.80 -24.74
CA TRP A 34 14.38 -13.46 -25.17
C TRP A 34 13.91 -12.11 -24.67
N GLU A 35 14.61 -11.51 -23.71
CA GLU A 35 14.24 -10.18 -23.25
C GLU A 35 14.73 -9.12 -24.22
N VAL A 36 15.92 -9.32 -24.77
CA VAL A 36 16.54 -8.34 -25.64
C VAL A 36 16.53 -8.76 -27.10
N GLY A 37 16.41 -10.06 -27.39
CA GLY A 37 16.47 -10.55 -28.75
C GLY A 37 17.85 -10.92 -29.23
N SER A 38 18.86 -10.76 -28.39
CA SER A 38 20.23 -10.98 -28.84
C SER A 38 20.54 -12.47 -28.93
N ILE A 39 21.46 -12.80 -29.84
CA ILE A 39 21.81 -14.16 -30.20
C ILE A 39 23.31 -14.31 -30.03
N THR A 40 23.74 -15.43 -29.43
CA THR A 40 25.14 -15.85 -29.43
C THR A 40 25.21 -17.33 -29.80
N TYR A 41 26.42 -17.80 -30.06
CA TYR A 41 26.70 -19.20 -30.29
C TYR A 41 27.68 -19.69 -29.24
N ASP A 42 27.38 -20.84 -28.63
CA ASP A 42 28.26 -21.44 -27.64
C ASP A 42 29.22 -22.35 -28.39
N THR A 43 30.39 -21.80 -28.74
CA THR A 43 31.45 -22.60 -29.31
C THR A 43 32.25 -23.36 -28.25
N LEU A 44 32.19 -22.90 -26.99
CA LEU A 44 32.91 -23.57 -25.92
C LEU A 44 32.35 -24.96 -25.65
N SER A 45 31.06 -25.16 -25.89
CA SER A 45 30.44 -26.47 -25.65
C SER A 45 31.14 -27.59 -26.41
N ALA A 46 31.86 -27.25 -27.49
CA ALA A 46 32.58 -28.25 -28.27
C ALA A 46 33.68 -28.96 -27.49
N GLN A 47 33.99 -28.52 -26.26
CA GLN A 47 35.05 -29.12 -25.46
C GLN A 47 34.56 -30.11 -24.42
N ALA A 48 33.25 -30.21 -24.20
CA ALA A 48 32.69 -30.96 -23.07
C ALA A 48 33.24 -32.38 -22.96
N GLN A 49 34.07 -32.63 -21.95
CA GLN A 49 34.68 -33.95 -21.77
C GLN A 49 33.65 -34.95 -21.22
N GLN A 50 33.21 -34.78 -19.97
CA GLN A 50 32.35 -35.78 -19.36
C GLN A 50 30.97 -35.71 -19.99
N ASP A 51 30.51 -36.84 -20.54
CA ASP A 51 29.16 -36.88 -21.07
C ASP A 51 28.15 -36.59 -19.97
N GLY A 52 27.25 -35.64 -20.24
CA GLY A 52 26.14 -35.40 -19.37
C GLY A 52 25.07 -36.48 -19.51
N PRO A 53 23.97 -36.30 -18.79
CA PRO A 53 22.95 -37.36 -18.71
C PRO A 53 21.90 -37.33 -19.80
N CYS A 54 21.96 -36.37 -20.73
CA CYS A 54 20.92 -36.21 -21.72
C CYS A 54 21.22 -36.99 -23.00
N THR A 55 20.17 -37.35 -23.71
CA THR A 55 20.29 -37.95 -25.04
C THR A 55 19.28 -37.29 -25.95
N PRO A 56 19.44 -37.45 -27.28
CA PRO A 56 18.41 -36.98 -28.21
C PRO A 56 17.01 -37.43 -27.83
N ARG A 57 16.94 -38.56 -27.12
CA ARG A 57 15.69 -39.22 -26.77
C ARG A 57 15.00 -38.60 -25.55
N ARG A 58 15.75 -38.09 -24.57
CA ARG A 58 15.13 -37.61 -23.35
C ARG A 58 16.11 -36.67 -22.68
N CYS A 59 15.62 -35.58 -22.12
CA CYS A 59 16.45 -34.61 -21.43
C CYS A 59 16.33 -34.88 -19.94
N LEU A 60 17.49 -34.99 -19.28
CA LEU A 60 17.53 -35.24 -17.86
C LEU A 60 18.11 -34.06 -17.11
N GLY A 61 17.95 -32.86 -17.69
CA GLY A 61 18.54 -31.65 -17.15
C GLY A 61 18.05 -31.30 -15.76
N SER A 62 16.86 -31.73 -15.39
CA SER A 62 16.32 -31.39 -14.08
C SER A 62 16.77 -32.35 -12.98
N LEU A 63 17.53 -33.39 -13.28
CA LEU A 63 17.94 -34.33 -12.25
C LEU A 63 19.09 -33.73 -11.45
N VAL A 64 18.97 -33.77 -10.12
CA VAL A 64 20.00 -33.18 -9.26
C VAL A 64 21.31 -33.95 -9.38
N PHE A 65 21.26 -35.27 -9.15
CA PHE A 65 22.40 -36.16 -9.35
C PHE A 65 22.01 -37.21 -10.38
N PRO A 66 22.45 -37.08 -11.64
CA PRO A 66 22.07 -38.00 -12.73
C PRO A 66 22.36 -39.47 -12.44
N PRO A 80 46.11 -47.74 -16.66
CA PRO A 80 45.81 -46.70 -15.68
C PRO A 80 46.27 -45.30 -16.12
N GLU A 81 46.92 -45.21 -17.28
CA GLU A 81 47.51 -43.96 -17.77
C GLU A 81 46.49 -43.00 -18.38
N GLN A 82 45.20 -43.13 -18.03
CA GLN A 82 44.23 -42.09 -18.34
C GLN A 82 44.60 -40.76 -17.69
N LEU A 83 45.48 -40.79 -16.68
CA LEU A 83 45.81 -39.60 -15.92
C LEU A 83 46.57 -38.58 -16.78
N LEU A 84 47.34 -39.05 -17.76
CA LEU A 84 48.20 -38.17 -18.55
C LEU A 84 47.41 -37.33 -19.54
N SER A 85 46.37 -37.90 -20.16
CA SER A 85 45.54 -37.11 -21.07
C SER A 85 44.95 -35.89 -20.37
N GLN A 86 44.40 -36.09 -19.17
CA GLN A 86 43.83 -34.97 -18.45
C GLN A 86 44.92 -34.02 -17.92
N ALA A 87 46.10 -34.55 -17.58
CA ALA A 87 47.20 -33.68 -17.16
C ALA A 87 47.71 -32.83 -18.32
N ARG A 88 48.00 -33.47 -19.46
CA ARG A 88 48.40 -32.72 -20.64
C ARG A 88 47.42 -31.61 -20.93
N ASP A 89 46.13 -31.95 -20.98
CA ASP A 89 45.09 -30.98 -21.27
C ASP A 89 45.10 -29.82 -20.29
N PHE A 90 45.15 -30.12 -19.00
CA PHE A 90 45.09 -29.05 -18.01
C PHE A 90 46.32 -28.16 -18.09
N ILE A 91 47.50 -28.76 -18.36
CA ILE A 91 48.71 -27.95 -18.45
C ILE A 91 48.63 -26.99 -19.62
N ASN A 92 48.11 -27.47 -20.76
CA ASN A 92 47.87 -26.59 -21.90
C ASN A 92 46.91 -25.46 -21.56
N GLN A 93 45.87 -25.75 -20.78
CA GLN A 93 44.96 -24.70 -20.33
C GLN A 93 45.72 -23.64 -19.54
N TYR A 94 46.60 -24.08 -18.64
CA TYR A 94 47.35 -23.14 -17.82
C TYR A 94 48.16 -22.18 -18.68
N TYR A 95 48.88 -22.72 -19.67
CA TYR A 95 49.83 -21.89 -20.41
C TYR A 95 49.15 -21.01 -21.45
N SER A 96 48.01 -21.42 -22.00
CA SER A 96 47.23 -20.49 -22.80
C SER A 96 46.71 -19.34 -21.96
N SER A 97 46.23 -19.64 -20.75
CA SER A 97 45.66 -18.61 -19.87
C SER A 97 46.68 -17.55 -19.47
N ILE A 98 47.97 -17.89 -19.46
CA ILE A 98 49.02 -16.93 -19.20
C ILE A 98 49.76 -16.55 -20.49
N LYS A 99 49.13 -16.76 -21.64
CA LYS A 99 49.70 -16.36 -22.94
C LYS A 99 51.06 -17.00 -23.17
N ARG A 100 51.26 -18.22 -22.68
CA ARG A 100 52.57 -18.88 -22.75
C ARG A 100 52.43 -20.27 -23.33
N SER A 101 51.50 -20.45 -24.27
CA SER A 101 51.41 -21.70 -25.01
C SER A 101 52.54 -21.79 -26.03
N GLY A 102 53.16 -22.96 -26.11
CA GLY A 102 54.23 -23.20 -27.07
C GLY A 102 55.48 -22.37 -26.83
N SER A 103 55.95 -22.36 -25.58
CA SER A 103 57.14 -21.60 -25.23
C SER A 103 57.76 -22.17 -23.96
N GLN A 104 59.05 -22.52 -24.06
CA GLN A 104 59.92 -23.05 -23.02
C GLN A 104 59.25 -23.66 -21.80
N ALA A 105 58.81 -22.83 -20.86
CA ALA A 105 58.27 -23.33 -19.59
C ALA A 105 57.09 -24.27 -19.81
N HIS A 106 56.30 -24.02 -20.86
CA HIS A 106 55.21 -24.93 -21.20
C HIS A 106 55.75 -26.33 -21.49
N GLU A 107 56.67 -26.46 -22.44
CA GLU A 107 57.22 -27.76 -22.78
C GLU A 107 57.87 -28.41 -21.56
N GLN A 108 58.73 -27.68 -20.86
CA GLN A 108 59.40 -28.22 -19.68
C GLN A 108 58.41 -28.81 -18.68
N ARG A 109 57.32 -28.08 -18.39
CA ARG A 109 56.30 -28.60 -17.48
C ARG A 109 55.62 -29.84 -18.07
N LEU A 110 55.46 -29.90 -19.40
CA LEU A 110 54.89 -31.10 -20.01
C LEU A 110 55.74 -32.33 -19.73
N GLN A 111 57.07 -32.18 -19.77
CA GLN A 111 57.95 -33.32 -19.52
C GLN A 111 57.92 -33.73 -18.06
N GLU A 112 57.94 -32.75 -17.14
CA GLU A 112 58.01 -33.07 -15.72
C GLU A 112 56.80 -33.90 -15.28
N VAL A 113 55.60 -33.55 -15.76
CA VAL A 113 54.45 -34.38 -15.43
C VAL A 113 54.56 -35.74 -16.12
N GLU A 114 55.00 -35.75 -17.39
CA GLU A 114 55.28 -37.02 -18.07
C GLU A 114 56.25 -37.87 -17.28
N ALA A 115 57.37 -37.28 -16.85
CA ALA A 115 58.34 -38.03 -16.06
C ALA A 115 57.78 -38.41 -14.70
N GLU A 116 57.04 -37.48 -14.06
CA GLU A 116 56.47 -37.75 -12.73
C GLU A 116 55.53 -38.94 -12.76
N VAL A 117 54.62 -38.97 -13.72
CA VAL A 117 53.67 -40.09 -13.81
C VAL A 117 54.41 -41.38 -14.17
N ALA A 118 55.29 -41.32 -15.18
CA ALA A 118 56.12 -42.48 -15.49
C ALA A 118 56.84 -43.00 -14.24
N ALA A 119 57.46 -42.09 -13.48
CA ALA A 119 58.24 -42.52 -12.32
C ALA A 119 57.37 -42.86 -11.11
N THR A 120 56.19 -42.24 -10.96
CA THR A 120 55.40 -42.44 -9.75
C THR A 120 53.93 -42.76 -9.98
N GLY A 121 53.43 -42.73 -11.22
CA GLY A 121 52.03 -43.01 -11.48
C GLY A 121 51.09 -41.86 -11.21
N THR A 122 51.60 -40.66 -10.96
CA THR A 122 50.78 -39.49 -10.68
C THR A 122 51.70 -38.27 -10.78
N TYR A 123 51.22 -37.12 -10.32
CA TYR A 123 52.06 -35.93 -10.32
C TYR A 123 51.52 -34.95 -9.29
N GLN A 124 52.38 -34.01 -8.92
CA GLN A 124 52.00 -32.92 -8.03
C GLN A 124 51.82 -31.66 -8.87
N LEU A 125 50.73 -30.92 -8.58
CA LEU A 125 50.52 -29.64 -9.20
C LEU A 125 51.45 -28.58 -8.62
N ARG A 126 52.02 -27.76 -9.50
CA ARG A 126 52.62 -26.51 -9.07
C ARG A 126 51.60 -25.67 -8.32
N GLU A 127 52.11 -24.86 -7.39
CA GLU A 127 51.28 -23.92 -6.64
C GLU A 127 50.39 -23.11 -7.57
N SER A 128 50.98 -22.50 -8.60
CA SER A 128 50.21 -21.63 -9.48
C SER A 128 49.16 -22.40 -10.26
N GLU A 129 49.43 -23.67 -10.54
CA GLU A 129 48.45 -24.50 -11.24
C GLU A 129 47.32 -24.92 -10.33
N LEU A 130 47.64 -25.25 -9.07
CA LEU A 130 46.58 -25.52 -8.10
C LEU A 130 45.66 -24.32 -7.99
N VAL A 131 46.25 -23.13 -7.91
CA VAL A 131 45.49 -21.88 -7.91
C VAL A 131 44.64 -21.77 -9.17
N PHE A 132 45.29 -21.79 -10.33
CA PHE A 132 44.56 -21.64 -11.59
C PHE A 132 43.50 -22.72 -11.77
N GLY A 133 43.78 -23.93 -11.30
CA GLY A 133 42.81 -25.01 -11.43
C GLY A 133 41.60 -24.82 -10.55
N ALA A 134 41.79 -24.33 -9.33
CA ALA A 134 40.66 -24.10 -8.43
C ALA A 134 39.73 -23.04 -9.00
N LYS A 135 40.30 -21.93 -9.48
CA LYS A 135 39.49 -20.90 -10.11
C LYS A 135 38.77 -21.41 -11.35
N GLN A 136 39.38 -22.35 -12.08
CA GLN A 136 38.72 -22.87 -13.28
C GLN A 136 37.55 -23.78 -12.93
N ALA A 137 37.76 -24.69 -11.98
CA ALA A 137 36.67 -25.53 -11.51
C ALA A 137 35.50 -24.69 -11.03
N TRP A 138 35.77 -23.58 -10.32
CA TRP A 138 34.68 -22.68 -9.95
C TRP A 138 34.06 -22.04 -11.19
N ARG A 139 34.91 -21.55 -12.09
CA ARG A 139 34.44 -20.93 -13.33
C ARG A 139 33.58 -21.89 -14.15
N ASN A 140 33.90 -23.18 -14.08
CA ASN A 140 33.24 -24.19 -14.87
C ASN A 140 32.01 -24.78 -14.21
N ALA A 141 31.70 -24.38 -12.97
CA ALA A 141 30.58 -24.90 -12.20
C ALA A 141 29.25 -24.43 -12.80
N PRO A 142 28.56 -25.26 -13.58
CA PRO A 142 27.40 -24.75 -14.34
C PRO A 142 26.26 -24.27 -13.48
N ARG A 143 26.14 -24.79 -12.26
CA ARG A 143 25.04 -24.42 -11.40
C ARG A 143 25.33 -23.21 -10.52
N CYS A 144 26.51 -22.62 -10.65
CA CYS A 144 26.91 -21.54 -9.75
C CYS A 144 26.57 -20.20 -10.36
N VAL A 145 25.68 -19.46 -9.69
CA VAL A 145 25.26 -18.15 -10.18
C VAL A 145 26.24 -17.05 -9.81
N GLY A 146 27.17 -17.31 -8.89
CA GLY A 146 28.08 -16.30 -8.41
C GLY A 146 29.41 -16.27 -9.12
N ARG A 147 29.47 -16.83 -10.34
CA ARG A 147 30.76 -17.00 -11.01
C ARG A 147 31.36 -15.71 -11.55
N ILE A 148 30.66 -14.58 -11.50
CA ILE A 148 31.29 -13.31 -11.83
C ILE A 148 32.51 -13.08 -10.94
N GLN A 149 32.57 -13.77 -9.80
CA GLN A 149 33.63 -13.62 -8.81
C GLN A 149 34.77 -14.60 -9.01
N TRP A 150 34.74 -15.38 -10.10
CA TRP A 150 35.60 -16.55 -10.19
C TRP A 150 37.08 -16.19 -10.19
N GLY A 151 37.45 -15.00 -10.65
CA GLY A 151 38.84 -14.59 -10.61
C GLY A 151 39.37 -14.24 -9.23
N LYS A 152 38.49 -14.05 -8.26
CA LYS A 152 38.84 -13.61 -6.92
C LYS A 152 38.61 -14.77 -5.97
N LEU A 153 39.65 -15.58 -5.77
CA LEU A 153 39.55 -16.79 -4.97
C LEU A 153 40.87 -16.99 -4.25
N GLN A 154 40.80 -17.21 -2.95
CA GLN A 154 41.97 -17.44 -2.11
C GLN A 154 42.14 -18.94 -1.90
N VAL A 155 43.30 -19.45 -2.30
CA VAL A 155 43.53 -20.89 -2.36
C VAL A 155 44.54 -21.26 -1.29
N PHE A 156 44.09 -21.97 -0.26
CA PHE A 156 44.97 -22.46 0.80
C PHE A 156 45.45 -23.85 0.44
N ASP A 157 46.75 -24.02 0.33
CA ASP A 157 47.34 -25.29 -0.07
C ASP A 157 47.58 -26.12 1.18
N ALA A 158 46.72 -27.11 1.40
CA ALA A 158 46.85 -28.06 2.49
C ALA A 158 47.33 -29.42 2.01
N ARG A 159 48.05 -29.46 0.91
CA ARG A 159 48.48 -30.74 0.36
C ARG A 159 49.53 -31.43 1.21
N ASP A 160 50.18 -30.72 2.12
CA ASP A 160 51.10 -31.34 3.07
C ASP A 160 50.39 -31.79 4.34
N CYS A 161 49.07 -31.95 4.29
CA CYS A 161 48.30 -32.28 5.49
C CYS A 161 48.46 -33.75 5.86
N ARG A 162 48.26 -34.04 7.14
CA ARG A 162 48.32 -35.41 7.64
C ARG A 162 47.62 -35.42 9.00
N SER A 163 46.42 -36.02 9.04
CA SER A 163 45.60 -36.32 10.21
C SER A 163 44.45 -35.34 10.41
N ALA A 164 43.38 -35.81 11.06
CA ALA A 164 42.19 -35.00 11.28
C ALA A 164 42.48 -33.80 12.18
N GLN A 165 43.50 -33.90 13.04
CA GLN A 165 43.90 -32.73 13.82
C GLN A 165 44.47 -31.66 12.92
N GLU A 166 45.27 -32.05 11.92
CA GLU A 166 45.80 -31.09 10.96
C GLU A 166 44.70 -30.49 10.11
N MET A 167 43.77 -31.34 9.64
CA MET A 167 42.61 -30.84 8.91
C MET A 167 41.90 -29.75 9.69
N PHE A 168 41.63 -30.02 10.97
CA PHE A 168 40.78 -29.13 11.76
C PHE A 168 41.36 -27.72 11.81
N THR A 169 42.68 -27.59 11.99
CA THR A 169 43.25 -26.26 12.02
C THR A 169 43.28 -25.63 10.62
N TYR A 170 43.48 -26.44 9.58
CA TYR A 170 43.32 -25.93 8.21
C TYR A 170 41.90 -25.43 7.99
N ILE A 171 40.91 -26.26 8.30
CA ILE A 171 39.52 -25.83 8.18
C ILE A 171 39.29 -24.58 9.02
N CYS A 172 39.89 -24.55 10.21
CA CYS A 172 39.68 -23.41 11.10
C CYS A 172 40.35 -22.15 10.54
N ASN A 173 41.53 -22.29 9.95
CA ASN A 173 42.17 -21.15 9.29
C ASN A 173 41.28 -20.62 8.17
N HIS A 174 40.78 -21.53 7.33
CA HIS A 174 39.86 -21.17 6.25
C HIS A 174 38.65 -20.41 6.78
N ILE A 175 37.91 -21.03 7.71
CA ILE A 175 36.69 -20.44 8.24
C ILE A 175 36.94 -19.02 8.72
N LYS A 176 38.01 -18.82 9.49
CA LYS A 176 38.25 -17.50 10.06
C LYS A 176 38.67 -16.50 8.97
N TYR A 177 39.52 -16.93 8.03
CA TYR A 177 39.88 -16.06 6.91
C TYR A 177 38.66 -15.75 6.04
N ALA A 178 37.89 -16.80 5.69
CA ALA A 178 36.73 -16.58 4.85
C ALA A 178 35.69 -15.73 5.55
N THR A 179 35.46 -15.97 6.84
CA THR A 179 34.46 -15.20 7.57
C THR A 179 34.86 -13.74 7.68
N ASN A 180 36.09 -13.48 8.17
CA ASN A 180 36.66 -12.14 8.12
C ASN A 180 35.75 -11.11 8.78
N ARG A 181 35.15 -11.50 9.91
CA ARG A 181 34.28 -10.62 10.70
C ARG A 181 33.05 -10.20 9.90
N GLY A 182 32.63 -11.05 8.96
CA GLY A 182 31.46 -10.77 8.17
C GLY A 182 31.74 -10.20 6.79
N ASN A 183 32.96 -9.75 6.53
CA ASN A 183 33.33 -9.30 5.18
C ASN A 183 33.86 -10.51 4.44
N LEU A 184 32.93 -11.32 3.94
CA LEU A 184 33.25 -12.66 3.49
C LEU A 184 34.19 -12.62 2.28
N ARG A 185 35.06 -13.61 2.20
CA ARG A 185 36.03 -13.70 1.12
C ARG A 185 36.04 -15.14 0.62
N SER A 186 35.85 -15.30 -0.69
CA SER A 186 35.84 -16.64 -1.28
C SER A 186 37.17 -17.33 -1.01
N ALA A 187 37.09 -18.59 -0.59
CA ALA A 187 38.29 -19.34 -0.27
C ALA A 187 38.03 -20.81 -0.50
N ILE A 188 39.11 -21.53 -0.79
CA ILE A 188 39.12 -22.97 -0.89
C ILE A 188 40.39 -23.46 -0.21
N THR A 189 40.29 -24.56 0.54
CA THR A 189 41.43 -25.22 1.14
C THR A 189 41.55 -26.59 0.49
N VAL A 190 42.70 -26.88 -0.07
CA VAL A 190 42.91 -28.08 -0.88
C VAL A 190 43.72 -29.07 -0.04
N PHE A 191 43.04 -30.05 0.52
CA PHE A 191 43.71 -31.12 1.25
C PHE A 191 44.37 -32.08 0.26
N PRO A 192 45.20 -33.02 0.74
CA PRO A 192 46.01 -33.82 -0.19
C PRO A 192 45.18 -34.60 -1.20
N GLN A 193 45.73 -34.71 -2.41
CA GLN A 193 45.06 -35.42 -3.49
C GLN A 193 44.97 -36.91 -3.17
N ARG A 194 44.20 -37.61 -3.99
CA ARG A 194 43.99 -39.03 -3.83
C ARG A 194 45.12 -39.81 -4.51
N CYS A 195 45.62 -40.84 -3.83
CA CYS A 195 46.62 -41.72 -4.40
C CYS A 195 46.17 -43.16 -4.25
N PRO A 196 46.61 -44.06 -5.13
CA PRO A 196 46.20 -45.46 -5.01
C PRO A 196 46.78 -46.11 -3.77
N GLY A 197 46.09 -47.18 -3.34
CA GLY A 197 46.56 -48.00 -2.24
C GLY A 197 46.53 -47.38 -0.86
N ARG A 198 45.92 -46.19 -0.73
CA ARG A 198 45.88 -45.48 0.54
C ARG A 198 44.57 -44.72 0.64
N GLY A 199 43.99 -44.70 1.85
CA GLY A 199 42.72 -44.05 2.10
C GLY A 199 42.71 -42.57 1.80
N ASP A 200 41.53 -41.94 1.91
CA ASP A 200 41.37 -40.57 1.42
C ASP A 200 40.99 -39.61 2.55
N PHE A 201 41.44 -38.37 2.41
CA PHE A 201 40.93 -37.28 3.22
C PHE A 201 39.48 -36.98 2.82
N ARG A 202 38.60 -36.89 3.81
CA ARG A 202 37.19 -36.59 3.60
C ARG A 202 36.66 -35.77 4.77
N ILE A 203 35.83 -34.77 4.46
CA ILE A 203 34.98 -34.13 5.45
C ILE A 203 33.60 -34.76 5.34
N TRP A 204 33.10 -35.30 6.46
CA TRP A 204 31.85 -36.04 6.39
C TRP A 204 30.62 -35.13 6.31
N ASN A 205 30.71 -33.94 6.90
CA ASN A 205 29.64 -32.96 6.77
C ASN A 205 29.60 -32.43 5.34
N SER A 206 28.38 -32.18 4.86
CA SER A 206 28.22 -31.59 3.53
C SER A 206 28.71 -30.15 3.49
N GLN A 207 28.61 -29.43 4.61
CA GLN A 207 29.14 -28.09 4.73
C GLN A 207 29.94 -27.99 6.02
N LEU A 208 30.74 -26.94 6.13
CA LEU A 208 31.47 -26.75 7.39
C LEU A 208 30.54 -26.31 8.51
N VAL A 209 29.48 -25.58 8.17
CA VAL A 209 28.47 -25.20 9.14
C VAL A 209 27.15 -25.85 8.73
N ARG A 210 26.65 -26.73 9.61
CA ARG A 210 25.37 -27.40 9.44
C ARG A 210 24.65 -27.40 10.78
N TYR A 211 23.34 -27.23 10.74
CA TYR A 211 22.53 -27.31 11.94
C TYR A 211 22.02 -28.72 12.18
N ALA A 212 21.86 -29.05 13.47
CA ALA A 212 21.50 -30.40 13.86
C ALA A 212 20.06 -30.73 13.45
N GLY A 213 19.81 -32.01 13.19
CA GLY A 213 18.47 -32.51 12.97
C GLY A 213 18.16 -33.69 13.86
N TYR A 214 17.31 -33.47 14.85
CA TYR A 214 17.01 -34.47 15.87
C TYR A 214 15.64 -35.09 15.60
N ARG A 215 15.58 -36.42 15.56
CA ARG A 215 14.29 -37.11 15.48
C ARG A 215 13.54 -36.94 16.81
N GLN A 216 12.35 -37.52 16.89
CA GLN A 216 11.48 -37.31 18.04
C GLN A 216 10.85 -38.62 18.49
N GLN A 217 10.03 -38.55 19.55
CA GLN A 217 9.05 -39.56 19.92
C GLN A 217 8.00 -39.79 18.84
N ASP A 218 8.25 -39.25 17.64
CA ASP A 218 7.31 -39.27 16.53
C ASP A 218 8.01 -39.04 15.19
N GLY A 219 9.22 -39.59 15.03
CA GLY A 219 9.93 -39.54 13.77
C GLY A 219 10.32 -38.16 13.27
N SER A 220 9.40 -37.20 13.35
CA SER A 220 9.64 -35.86 12.84
C SER A 220 10.88 -35.24 13.50
N VAL A 221 11.32 -34.13 12.92
CA VAL A 221 12.64 -33.57 13.17
C VAL A 221 12.53 -32.20 13.83
N ARG A 222 13.33 -31.99 14.87
CA ARG A 222 13.65 -30.65 15.35
C ARG A 222 15.02 -30.26 14.79
N GLY A 223 15.13 -29.01 14.35
CA GLY A 223 16.33 -28.56 13.66
C GLY A 223 16.23 -28.68 12.15
N ASP A 224 17.35 -28.94 11.49
CA ASP A 224 17.39 -29.02 10.03
C ASP A 224 17.18 -30.46 9.60
N PRO A 225 16.07 -30.80 8.94
CA PRO A 225 15.88 -32.17 8.45
C PRO A 225 16.87 -32.58 7.38
N ALA A 226 17.54 -31.64 6.72
CA ALA A 226 18.56 -32.01 5.74
C ALA A 226 19.71 -32.78 6.38
N ASN A 227 20.00 -32.51 7.65
CA ASN A 227 21.21 -33.01 8.29
C ASN A 227 20.92 -34.09 9.34
N VAL A 228 19.71 -34.67 9.34
CA VAL A 228 19.35 -35.73 10.28
C VAL A 228 20.38 -36.86 10.23
N GLU A 229 20.90 -37.15 9.04
CA GLU A 229 21.84 -38.25 8.88
C GLU A 229 23.18 -37.94 9.53
N ILE A 230 23.81 -36.82 9.17
CA ILE A 230 25.08 -36.48 9.79
C ILE A 230 24.90 -36.18 11.26
N THR A 231 23.73 -35.66 11.65
CA THR A 231 23.43 -35.48 13.07
C THR A 231 23.46 -36.81 13.81
N GLU A 232 22.96 -37.87 13.18
CA GLU A 232 22.98 -39.17 13.83
C GLU A 232 24.37 -39.80 13.81
N LEU A 233 25.19 -39.48 12.80
CA LEU A 233 26.57 -39.94 12.79
C LEU A 233 27.37 -39.26 13.90
N CYS A 234 27.20 -37.94 14.06
CA CYS A 234 27.92 -37.21 15.10
C CYS A 234 27.56 -37.74 16.49
N ILE A 235 26.27 -37.91 16.76
CA ILE A 235 25.83 -38.46 18.03
C ILE A 235 26.40 -39.86 18.22
N GLN A 236 26.41 -40.66 17.16
CA GLN A 236 26.94 -42.02 17.22
C GLN A 236 28.45 -42.05 17.41
N HIS A 237 29.16 -41.00 17.01
CA HIS A 237 30.61 -40.93 17.17
C HIS A 237 31.03 -40.21 18.45
N GLY A 238 30.09 -39.96 19.36
CA GLY A 238 30.43 -39.43 20.67
C GLY A 238 29.92 -38.03 20.96
N TRP A 239 29.28 -37.33 20.04
CA TRP A 239 28.84 -35.97 20.31
C TRP A 239 27.58 -35.96 21.17
N THR A 240 27.54 -35.04 22.13
CA THR A 240 26.40 -34.90 23.01
C THR A 240 25.36 -34.03 22.32
N PRO A 241 24.19 -34.57 21.95
CA PRO A 241 23.19 -33.77 21.24
C PRO A 241 22.63 -32.67 22.12
N GLY A 242 22.60 -31.45 21.58
CA GLY A 242 21.82 -30.39 22.16
C GLY A 242 20.34 -30.67 21.98
N ASN A 243 19.53 -29.71 22.39
CA ASN A 243 18.09 -29.83 22.20
C ASN A 243 17.54 -28.91 21.13
N GLY A 244 18.30 -27.93 20.67
CA GLY A 244 17.76 -26.80 19.96
C GLY A 244 17.47 -27.05 18.49
N ARG A 245 16.90 -26.02 17.85
CA ARG A 245 16.61 -26.04 16.44
C ARG A 245 17.73 -25.45 15.60
N PHE A 246 18.80 -24.99 16.22
CA PHE A 246 19.92 -24.37 15.51
C PHE A 246 21.25 -24.71 16.18
N ASP A 247 21.42 -25.95 16.62
CA ASP A 247 22.70 -26.39 17.16
C ASP A 247 23.65 -26.63 16.01
N VAL A 248 24.78 -25.91 16.02
CA VAL A 248 25.81 -26.10 15.01
C VAL A 248 26.47 -27.46 15.22
N LEU A 249 26.48 -28.27 14.16
CA LEU A 249 26.97 -29.62 14.31
C LEU A 249 28.49 -29.63 14.46
N PRO A 250 29.04 -30.67 15.10
CA PRO A 250 30.49 -30.85 15.11
C PRO A 250 30.96 -31.46 13.79
N LEU A 251 32.23 -31.20 13.48
CA LEU A 251 32.82 -31.72 12.25
C LEU A 251 33.27 -33.17 12.43
N LEU A 252 33.05 -33.98 11.41
CA LEU A 252 33.58 -35.35 11.36
C LEU A 252 34.67 -35.35 10.30
N LEU A 253 35.93 -35.33 10.73
CA LEU A 253 37.06 -35.23 9.82
C LEU A 253 37.80 -36.56 9.76
N GLN A 254 38.13 -36.98 8.54
CA GLN A 254 38.61 -38.33 8.26
C GLN A 254 39.98 -38.26 7.59
N ALA A 255 41.02 -38.56 8.36
CA ALA A 255 42.33 -38.79 7.79
C ALA A 255 42.35 -40.14 7.08
N PRO A 256 43.26 -40.32 6.12
CA PRO A 256 43.30 -41.59 5.37
C PRO A 256 43.34 -42.82 6.26
N ASP A 257 42.48 -43.79 5.93
CA ASP A 257 42.48 -45.11 6.56
C ASP A 257 42.24 -45.03 8.07
N GLU A 258 41.55 -44.00 8.53
CA GLU A 258 41.22 -43.88 9.94
C GLU A 258 39.74 -43.56 10.10
N PRO A 259 39.11 -44.07 11.16
CA PRO A 259 37.76 -43.63 11.47
C PRO A 259 37.76 -42.14 11.74
N PRO A 260 36.63 -41.47 11.52
CA PRO A 260 36.61 -40.02 11.68
C PRO A 260 36.82 -39.63 13.12
N GLU A 261 37.11 -38.35 13.33
CA GLU A 261 37.23 -37.79 14.66
C GLU A 261 36.32 -36.58 14.75
N LEU A 262 35.49 -36.53 15.79
CA LEU A 262 34.64 -35.38 16.03
C LEU A 262 35.49 -34.15 16.40
N PHE A 263 34.99 -32.98 16.02
CA PHE A 263 35.65 -31.71 16.34
C PHE A 263 34.58 -30.66 16.59
N LEU A 264 34.49 -30.18 17.83
CA LEU A 264 33.63 -29.04 18.14
C LEU A 264 34.24 -27.78 17.52
N LEU A 265 33.48 -27.12 16.65
CA LEU A 265 33.96 -25.88 16.07
C LEU A 265 34.01 -24.80 17.14
N PRO A 266 35.06 -23.98 17.17
CA PRO A 266 35.09 -22.86 18.11
C PRO A 266 33.87 -21.98 17.93
N PRO A 267 33.05 -21.85 18.98
CA PRO A 267 31.77 -21.11 18.82
C PRO A 267 31.95 -19.68 18.36
N GLU A 268 33.05 -19.02 18.75
CA GLU A 268 33.33 -17.68 18.27
C GLU A 268 33.79 -17.65 16.81
N LEU A 269 34.04 -18.80 16.21
CA LEU A 269 34.47 -18.85 14.82
C LEU A 269 33.33 -19.14 13.87
N VAL A 270 32.16 -19.51 14.39
CA VAL A 270 30.98 -19.74 13.57
C VAL A 270 30.13 -18.47 13.69
N LEU A 271 30.32 -17.57 12.74
CA LEU A 271 29.54 -16.34 12.73
C LEU A 271 28.12 -16.63 12.27
N GLU A 272 27.14 -16.30 13.11
CA GLU A 272 25.75 -16.49 12.75
C GLU A 272 25.02 -15.17 12.81
N VAL A 273 23.87 -15.13 12.15
CA VAL A 273 23.04 -13.93 12.05
C VAL A 273 21.67 -14.27 12.60
N PRO A 274 21.26 -13.67 13.71
CA PRO A 274 19.85 -13.81 14.13
C PRO A 274 18.98 -13.09 13.12
N LEU A 275 17.82 -13.67 12.85
CA LEU A 275 16.98 -13.16 11.78
C LEU A 275 15.93 -12.25 12.39
N GLU A 276 15.88 -11.01 11.92
CA GLU A 276 14.82 -10.09 12.27
C GLU A 276 14.28 -9.47 10.99
N HIS A 277 13.12 -8.87 11.11
CA HIS A 277 12.53 -8.23 9.94
C HIS A 277 12.50 -6.72 10.18
N PRO A 278 12.72 -5.91 9.15
CA PRO A 278 12.80 -4.45 9.38
C PRO A 278 11.52 -3.83 9.92
N THR A 279 10.35 -4.38 9.61
CA THR A 279 9.12 -3.80 10.09
C THR A 279 8.21 -4.77 10.83
N LEU A 280 8.43 -6.07 10.70
CA LEU A 280 7.63 -7.07 11.40
C LEU A 280 8.34 -7.40 12.70
N GLU A 281 7.97 -6.69 13.77
CA GLU A 281 8.70 -6.73 15.02
C GLU A 281 8.73 -8.13 15.63
N TRP A 282 7.65 -8.89 15.47
CA TRP A 282 7.58 -10.26 16.01
C TRP A 282 8.46 -11.26 15.28
N PHE A 283 9.05 -10.91 14.12
CA PHE A 283 9.81 -11.90 13.37
C PHE A 283 11.02 -12.37 14.18
N ALA A 284 11.69 -11.45 14.87
CA ALA A 284 12.80 -11.81 15.73
C ALA A 284 12.39 -12.87 16.75
N ALA A 285 11.18 -12.73 17.31
CA ALA A 285 10.72 -13.66 18.33
C ALA A 285 10.58 -15.08 17.82
N LEU A 286 10.50 -15.28 16.50
CA LEU A 286 10.50 -16.62 15.95
C LEU A 286 11.81 -17.36 16.20
N GLY A 287 12.85 -16.67 16.69
CA GLY A 287 14.11 -17.31 17.04
C GLY A 287 14.91 -17.86 15.89
N LEU A 288 14.67 -17.39 14.67
CA LEU A 288 15.39 -17.93 13.52
C LEU A 288 16.78 -17.32 13.43
N ARG A 289 17.72 -18.15 12.94
CA ARG A 289 19.10 -17.74 12.71
C ARG A 289 19.59 -18.47 11.47
N TRP A 290 20.64 -17.94 10.85
CA TRP A 290 21.41 -18.71 9.88
C TRP A 290 22.87 -18.32 10.00
N TYR A 291 23.75 -19.16 9.48
CA TYR A 291 25.17 -18.87 9.63
C TYR A 291 25.66 -18.04 8.45
N ALA A 292 26.85 -17.46 8.63
CA ALA A 292 27.39 -16.52 7.66
C ALA A 292 28.02 -17.23 6.47
N LEU A 293 28.72 -18.33 6.71
CA LEU A 293 29.62 -18.86 5.70
C LEU A 293 29.03 -20.08 5.01
N PRO A 294 28.71 -20.02 3.71
CA PRO A 294 28.41 -21.25 2.97
C PRO A 294 29.70 -21.88 2.49
N ALA A 295 30.04 -23.03 3.06
CA ALA A 295 31.31 -23.69 2.79
C ALA A 295 31.01 -25.14 2.49
N VAL A 296 30.99 -25.49 1.21
CA VAL A 296 30.67 -26.84 0.78
C VAL A 296 31.90 -27.72 1.00
N SER A 297 31.71 -28.83 1.72
CA SER A 297 32.83 -29.63 2.21
C SER A 297 32.66 -31.11 1.87
N ASN A 298 31.80 -31.43 0.91
CA ASN A 298 31.63 -32.83 0.52
C ASN A 298 31.91 -33.04 -0.96
N MET A 299 32.40 -32.04 -1.66
CA MET A 299 32.58 -32.15 -3.10
C MET A 299 34.03 -32.41 -3.43
N LEU A 300 34.23 -33.06 -4.57
CA LEU A 300 35.53 -33.55 -4.99
C LEU A 300 36.05 -32.63 -6.09
N LEU A 301 37.20 -32.02 -5.84
CA LEU A 301 37.83 -31.13 -6.80
C LEU A 301 38.74 -31.95 -7.70
N GLU A 302 38.55 -31.80 -9.00
CA GLU A 302 39.31 -32.56 -9.98
C GLU A 302 40.07 -31.57 -10.85
N ILE A 303 41.39 -31.69 -10.87
CA ILE A 303 42.24 -30.81 -11.69
C ILE A 303 43.24 -31.68 -12.43
N GLY A 304 43.20 -31.63 -13.75
CA GLY A 304 44.22 -32.31 -14.55
C GLY A 304 44.39 -33.77 -14.20
N GLY A 305 43.28 -34.48 -13.99
CA GLY A 305 43.32 -35.88 -13.64
C GLY A 305 43.45 -36.15 -12.16
N LEU A 306 43.91 -35.17 -11.38
CA LEU A 306 44.05 -35.38 -9.95
C LEU A 306 42.72 -35.11 -9.24
N GLU A 307 42.49 -35.83 -8.15
CA GLU A 307 41.23 -35.78 -7.43
C GLU A 307 41.49 -35.38 -5.99
N PHE A 308 40.74 -34.38 -5.51
CA PHE A 308 40.88 -33.89 -4.15
C PHE A 308 39.53 -34.09 -3.46
N PRO A 309 39.27 -35.27 -2.90
CA PRO A 309 37.99 -35.50 -2.22
C PRO A 309 37.77 -34.61 -1.01
N ALA A 310 38.81 -33.93 -0.52
CA ALA A 310 38.70 -32.96 0.55
C ALA A 310 39.28 -31.66 0.04
N ALA A 311 38.40 -30.74 -0.36
CA ALA A 311 38.74 -29.40 -0.85
C ALA A 311 37.59 -28.46 -0.56
N PRO A 312 37.36 -28.07 0.70
CA PRO A 312 36.19 -27.24 1.01
C PRO A 312 36.34 -25.84 0.47
N PHE A 313 35.30 -25.38 -0.24
CA PHE A 313 35.27 -24.03 -0.80
C PHE A 313 34.11 -23.25 -0.19
N SER A 314 34.27 -21.94 -0.13
CA SER A 314 33.27 -21.08 0.48
C SER A 314 33.23 -19.75 -0.27
N GLY A 315 32.07 -19.11 -0.20
CA GLY A 315 31.90 -17.79 -0.75
C GLY A 315 31.06 -16.96 0.19
N TRP A 316 29.95 -16.41 -0.32
CA TRP A 316 28.94 -15.80 0.52
C TRP A 316 27.58 -16.24 0.00
N TYR A 317 26.57 -16.08 0.84
CA TYR A 317 25.25 -16.56 0.50
C TYR A 317 24.56 -15.63 -0.49
N MET A 318 23.79 -16.23 -1.38
CA MET A 318 22.69 -15.54 -2.02
C MET A 318 21.46 -15.70 -1.14
N SER A 319 20.72 -14.61 -0.94
CA SER A 319 19.72 -14.61 0.12
C SER A 319 18.62 -15.64 -0.10
N THR A 320 18.28 -15.98 -1.36
CA THR A 320 17.22 -16.96 -1.54
C THR A 320 17.62 -18.35 -1.03
N GLU A 321 18.91 -18.67 -1.03
CA GLU A 321 19.34 -19.96 -0.50
C GLU A 321 18.87 -20.13 0.93
N ILE A 322 19.03 -19.09 1.75
CA ILE A 322 18.62 -19.16 3.14
C ILE A 322 17.12 -18.96 3.26
N GLY A 323 16.62 -17.84 2.73
CA GLY A 323 15.26 -17.43 2.98
C GLY A 323 14.22 -18.22 2.21
N THR A 324 14.58 -18.74 1.05
CA THR A 324 13.61 -19.53 0.31
C THR A 324 13.80 -21.02 0.50
N ARG A 325 15.00 -21.52 0.25
CA ARG A 325 15.22 -22.96 0.28
C ARG A 325 15.36 -23.46 1.72
N ASN A 326 16.32 -22.91 2.48
CA ASN A 326 16.62 -23.47 3.80
C ASN A 326 15.46 -23.27 4.75
N LEU A 327 14.85 -22.09 4.74
CA LEU A 327 13.77 -21.79 5.68
C LEU A 327 12.38 -22.19 5.17
N CYS A 328 12.14 -22.23 3.86
CA CYS A 328 10.78 -22.47 3.37
C CYS A 328 10.57 -23.79 2.62
N ASP A 329 11.60 -24.55 2.28
CA ASP A 329 11.36 -25.86 1.68
C ASP A 329 10.52 -26.71 2.63
N PRO A 330 9.57 -27.49 2.11
CA PRO A 330 8.75 -28.32 3.01
C PRO A 330 9.57 -29.34 3.76
N HIS A 331 10.69 -29.79 3.20
CA HIS A 331 11.55 -30.79 3.81
C HIS A 331 12.74 -30.14 4.51
N ARG A 332 12.74 -28.82 4.65
CA ARG A 332 13.77 -28.15 5.42
C ARG A 332 13.10 -27.53 6.63
N TYR A 333 13.42 -26.28 6.97
CA TYR A 333 12.83 -25.74 8.19
C TYR A 333 11.33 -25.47 8.03
N ASN A 334 10.81 -25.39 6.81
CA ASN A 334 9.37 -25.39 6.57
C ASN A 334 8.64 -24.35 7.44
N ILE A 335 9.15 -23.11 7.44
CA ILE A 335 8.58 -22.09 8.33
C ILE A 335 7.47 -21.30 7.65
N LEU A 336 7.16 -21.57 6.39
CA LEU A 336 6.34 -20.65 5.61
C LEU A 336 4.98 -20.39 6.27
N GLU A 337 4.31 -21.44 6.74
CA GLU A 337 2.99 -21.23 7.32
C GLU A 337 3.10 -20.51 8.66
N ASP A 338 4.16 -20.76 9.39
CA ASP A 338 4.33 -20.10 10.69
C ASP A 338 4.49 -18.60 10.52
N VAL A 339 5.23 -18.17 9.50
CA VAL A 339 5.35 -16.74 9.24
C VAL A 339 4.03 -16.17 8.72
N ALA A 340 3.32 -16.94 7.89
CA ALA A 340 2.06 -16.45 7.36
C ALA A 340 1.01 -16.31 8.45
N VAL A 341 1.00 -17.22 9.42
CA VAL A 341 0.11 -17.05 10.57
C VAL A 341 0.44 -15.74 11.29
N CYS A 342 1.73 -15.48 11.49
CA CYS A 342 2.13 -14.26 12.19
C CYS A 342 1.78 -13.02 11.39
N MET A 343 1.83 -13.09 10.06
CA MET A 343 1.44 -11.96 9.24
C MET A 343 -0.06 -11.83 9.11
N ASP A 344 -0.82 -12.70 9.77
CA ASP A 344 -2.28 -12.71 9.72
C ASP A 344 -2.80 -12.93 8.31
N LEU A 345 -2.10 -13.73 7.52
CA LEU A 345 -2.50 -13.99 6.15
C LEU A 345 -3.59 -15.06 6.08
N ASP A 346 -4.39 -14.99 5.01
CA ASP A 346 -5.46 -15.95 4.78
C ASP A 346 -4.85 -17.22 4.21
N THR A 347 -4.52 -18.17 5.08
CA THR A 347 -3.93 -19.42 4.64
C THR A 347 -4.97 -20.45 4.22
N ARG A 348 -6.24 -20.06 4.13
CA ARG A 348 -7.28 -21.03 3.80
C ARG A 348 -7.41 -21.24 2.30
N THR A 349 -6.97 -20.30 1.48
CA THR A 349 -7.10 -20.37 0.03
C THR A 349 -5.75 -20.07 -0.63
N THR A 350 -5.29 -20.97 -1.50
CA THR A 350 -4.00 -20.75 -2.14
C THR A 350 -3.98 -19.49 -2.99
N SER A 351 -5.14 -18.98 -3.40
CA SER A 351 -5.19 -17.86 -4.33
C SER A 351 -5.01 -16.52 -3.63
N SER A 352 -4.97 -16.50 -2.30
CA SER A 352 -4.51 -15.30 -1.61
C SER A 352 -3.03 -15.05 -1.82
N LEU A 353 -2.30 -16.03 -2.38
CA LEU A 353 -0.84 -15.99 -2.52
C LEU A 353 -0.15 -15.72 -1.17
N TRP A 354 -0.72 -16.27 -0.10
CA TRP A 354 -0.11 -16.10 1.22
C TRP A 354 1.27 -16.73 1.27
N LYS A 355 1.47 -17.85 0.56
CA LYS A 355 2.82 -18.46 0.52
C LYS A 355 3.81 -17.50 -0.10
N ASP A 356 3.43 -16.88 -1.21
CA ASP A 356 4.33 -15.97 -1.91
C ASP A 356 4.65 -14.76 -1.04
N LYS A 357 3.65 -14.24 -0.33
CA LYS A 357 3.86 -13.07 0.53
C LYS A 357 4.77 -13.39 1.71
N ALA A 358 4.49 -14.51 2.40
CA ALA A 358 5.33 -14.92 3.51
C ALA A 358 6.75 -15.17 3.05
N ALA A 359 6.89 -15.83 1.90
CA ALA A 359 8.23 -16.12 1.37
C ALA A 359 8.99 -14.82 1.14
N VAL A 360 8.34 -13.83 0.52
CA VAL A 360 9.06 -12.59 0.21
C VAL A 360 9.53 -11.93 1.49
N GLU A 361 8.69 -11.94 2.54
CA GLU A 361 9.08 -11.26 3.78
C GLU A 361 10.20 -11.99 4.49
N ILE A 362 10.21 -13.33 4.43
CA ILE A 362 11.33 -14.09 4.97
C ILE A 362 12.62 -13.74 4.25
N ASN A 363 12.56 -13.59 2.92
CA ASN A 363 13.75 -13.18 2.19
C ASN A 363 14.16 -11.77 2.54
N VAL A 364 13.18 -10.87 2.73
CA VAL A 364 13.52 -9.52 3.19
C VAL A 364 14.21 -9.59 4.54
N ALA A 365 13.71 -10.44 5.43
CA ALA A 365 14.30 -10.58 6.75
C ALA A 365 15.72 -11.10 6.65
N VAL A 366 15.99 -12.03 5.73
CA VAL A 366 17.37 -12.51 5.60
C VAL A 366 18.29 -11.38 5.17
N LEU A 367 17.94 -10.69 4.09
CA LEU A 367 18.78 -9.61 3.59
C LEU A 367 19.00 -8.54 4.64
N HIS A 368 17.92 -8.12 5.30
CA HIS A 368 18.03 -7.08 6.32
C HIS A 368 18.93 -7.51 7.46
N SER A 369 18.78 -8.76 7.91
CA SER A 369 19.53 -9.22 9.07
C SER A 369 21.02 -9.29 8.77
N TYR A 370 21.37 -9.85 7.61
CA TYR A 370 22.76 -9.95 7.20
C TYR A 370 23.38 -8.57 6.99
N GLN A 371 22.66 -7.66 6.34
CA GLN A 371 23.16 -6.30 6.17
C GLN A 371 23.33 -5.62 7.52
N LEU A 372 22.41 -5.83 8.44
CA LEU A 372 22.54 -5.25 9.78
C LEU A 372 23.75 -5.85 10.51
N ALA A 373 23.91 -7.17 10.43
CA ALA A 373 25.09 -7.81 10.99
C ALA A 373 26.35 -7.56 10.17
N LYS A 374 26.25 -6.79 9.08
CA LYS A 374 27.39 -6.50 8.21
C LYS A 374 28.08 -7.79 7.79
N VAL A 375 27.27 -8.75 7.32
CA VAL A 375 27.74 -10.01 6.78
C VAL A 375 27.41 -9.99 5.30
N THR A 376 28.42 -10.17 4.46
CA THR A 376 28.21 -10.15 3.02
C THR A 376 27.06 -11.08 2.63
N ILE A 377 26.12 -10.55 1.85
CA ILE A 377 25.05 -11.35 1.28
C ILE A 377 24.66 -10.69 -0.03
N VAL A 378 24.13 -11.48 -0.96
CA VAL A 378 23.70 -10.92 -2.23
C VAL A 378 22.28 -11.39 -2.53
N ASP A 379 21.42 -10.46 -2.91
CA ASP A 379 20.06 -10.82 -3.25
C ASP A 379 20.03 -11.38 -4.66
N HIS A 380 18.94 -12.07 -4.96
CA HIS A 380 18.87 -12.81 -6.22
C HIS A 380 18.79 -11.89 -7.43
N HIS A 381 18.34 -10.64 -7.27
CA HIS A 381 18.34 -9.71 -8.40
C HIS A 381 19.76 -9.27 -8.73
N ALA A 382 20.51 -8.80 -7.73
CA ALA A 382 21.90 -8.43 -7.97
C ALA A 382 22.71 -9.63 -8.46
N ALA A 383 22.48 -10.81 -7.85
CA ALA A 383 23.28 -11.97 -8.20
C ALA A 383 23.04 -12.37 -9.65
N THR A 384 21.79 -12.32 -10.11
CA THR A 384 21.51 -12.74 -11.48
C THR A 384 21.94 -11.68 -12.49
N ALA A 385 21.78 -10.40 -12.15
CA ALA A 385 22.33 -9.35 -13.02
C ALA A 385 23.83 -9.53 -13.18
N SER A 386 24.53 -9.83 -12.08
CA SER A 386 25.97 -10.06 -12.18
CA SER A 386 25.97 -10.06 -12.20
C SER A 386 26.25 -11.28 -13.04
N PHE A 387 25.38 -12.30 -12.98
CA PHE A 387 25.64 -13.50 -13.76
C PHE A 387 25.47 -13.23 -15.25
N MET A 388 24.49 -12.41 -15.63
CA MET A 388 24.37 -11.97 -17.02
C MET A 388 25.63 -11.25 -17.47
N LYS A 389 26.19 -10.41 -16.60
CA LYS A 389 27.47 -9.80 -16.93
C LYS A 389 28.53 -10.88 -17.08
N HIS A 390 28.53 -11.87 -16.19
CA HIS A 390 29.46 -12.99 -16.33
C HIS A 390 29.27 -13.71 -17.66
N LEU A 391 28.03 -13.94 -18.07
CA LEU A 391 27.81 -14.60 -19.36
C LEU A 391 28.43 -13.79 -20.50
N GLU A 392 28.22 -12.47 -20.49
CA GLU A 392 28.75 -11.65 -21.57
C GLU A 392 30.27 -11.66 -21.57
N ASN A 393 30.89 -11.55 -20.39
CA ASN A 393 32.34 -11.68 -20.26
C ASN A 393 32.84 -13.01 -20.81
N GLU A 394 32.17 -14.10 -20.43
CA GLU A 394 32.64 -15.42 -20.81
C GLU A 394 32.46 -15.64 -22.30
N GLN A 395 31.41 -15.06 -22.89
CA GLN A 395 31.22 -15.14 -24.33
C GLN A 395 32.43 -14.57 -25.06
N LYS A 396 32.89 -13.40 -24.63
CA LYS A 396 34.06 -12.78 -25.24
C LYS A 396 35.33 -13.56 -24.90
N ALA A 397 35.46 -14.02 -23.66
CA ALA A 397 36.71 -14.65 -23.23
C ALA A 397 36.84 -16.06 -23.78
N ARG A 398 35.81 -16.89 -23.63
CA ARG A 398 35.89 -18.31 -23.98
C ARG A 398 34.86 -18.77 -25.01
N GLY A 399 34.00 -17.88 -25.52
CA GLY A 399 33.04 -18.31 -26.50
C GLY A 399 31.83 -19.03 -25.93
N GLY A 400 31.48 -18.76 -24.68
CA GLY A 400 30.33 -19.39 -24.09
C GLY A 400 30.55 -19.65 -22.63
N CYS A 401 29.62 -20.34 -22.03
CA CYS A 401 29.66 -20.56 -20.59
C CYS A 401 28.72 -21.71 -20.24
N PRO A 402 29.20 -22.76 -19.58
CA PRO A 402 28.29 -23.81 -19.11
C PRO A 402 27.41 -23.26 -18.01
N ALA A 403 26.11 -23.29 -18.25
CA ALA A 403 25.17 -22.76 -17.29
C ALA A 403 23.98 -23.70 -17.22
N ASP A 404 23.55 -23.99 -16.00
CA ASP A 404 22.45 -24.90 -15.73
C ASP A 404 21.24 -24.04 -15.37
N TRP A 405 20.37 -23.80 -16.35
CA TRP A 405 19.26 -22.87 -16.23
C TRP A 405 18.46 -23.08 -14.94
N ALA A 406 18.13 -24.34 -14.64
CA ALA A 406 17.25 -24.65 -13.50
C ALA A 406 17.87 -24.23 -12.17
N TRP A 407 19.19 -24.18 -12.10
CA TRP A 407 19.89 -23.76 -10.88
C TRP A 407 20.28 -22.29 -10.89
N ILE A 408 20.50 -21.71 -12.06
CA ILE A 408 20.85 -20.30 -12.14
C ILE A 408 19.64 -19.43 -11.81
N VAL A 409 18.49 -19.77 -12.36
CA VAL A 409 17.25 -19.08 -12.07
C VAL A 409 16.90 -19.25 -10.60
N PRO A 410 16.64 -18.18 -9.87
CA PRO A 410 16.43 -18.29 -8.42
C PRO A 410 15.11 -18.97 -8.11
N PRO A 411 14.94 -19.47 -6.87
CA PRO A 411 13.73 -20.21 -6.53
C PRO A 411 12.53 -19.35 -6.17
N ILE A 412 12.67 -18.02 -6.13
CA ILE A 412 11.53 -17.12 -6.11
C ILE A 412 11.75 -16.13 -7.24
N SER A 413 10.66 -15.57 -7.72
CA SER A 413 10.68 -14.47 -8.69
C SER A 413 11.57 -14.79 -9.90
N GLY A 414 11.58 -16.05 -10.31
CA GLY A 414 12.40 -16.47 -11.42
C GLY A 414 12.34 -15.57 -12.65
N SER A 415 11.15 -15.38 -13.21
CA SER A 415 11.06 -14.58 -14.43
C SER A 415 11.26 -13.09 -14.20
N LEU A 416 11.32 -12.64 -12.94
CA LEU A 416 11.70 -11.25 -12.68
C LEU A 416 13.21 -11.02 -12.77
N THR A 417 13.97 -12.06 -12.89
CA THR A 417 15.40 -11.86 -13.06
C THR A 417 15.78 -12.09 -14.53
N PRO A 418 16.87 -11.50 -14.99
CA PRO A 418 17.20 -11.60 -16.43
C PRO A 418 17.60 -13.00 -16.88
N VAL A 419 18.19 -13.82 -15.99
CA VAL A 419 18.62 -15.15 -16.39
C VAL A 419 17.45 -16.01 -16.83
N PHE A 420 16.24 -15.72 -16.35
CA PHE A 420 15.07 -16.49 -16.77
C PHE A 420 14.92 -16.46 -18.28
N HIS A 421 15.13 -15.30 -18.87
CA HIS A 421 14.92 -15.05 -20.28
C HIS A 421 16.15 -15.37 -21.11
N GLN A 422 17.21 -15.86 -20.48
CA GLN A 422 18.45 -16.22 -21.16
C GLN A 422 18.47 -17.73 -21.39
N GLU A 423 18.50 -18.14 -22.66
CA GLU A 423 18.77 -19.53 -22.95
C GLU A 423 20.21 -19.86 -22.58
N MET A 424 20.41 -21.10 -22.13
CA MET A 424 21.70 -21.52 -21.62
C MET A 424 22.02 -22.92 -22.12
N VAL A 425 23.32 -23.22 -22.19
CA VAL A 425 23.83 -24.52 -22.60
C VAL A 425 24.59 -25.10 -21.42
N ASN A 426 24.26 -26.34 -21.06
CA ASN A 426 24.86 -27.01 -19.92
C ASN A 426 25.76 -28.14 -20.39
N TYR A 427 26.99 -28.18 -19.85
CA TYR A 427 27.95 -29.20 -20.21
C TYR A 427 29.08 -29.18 -19.19
N PHE A 428 29.91 -30.23 -19.24
CA PHE A 428 30.98 -30.44 -18.28
C PHE A 428 32.30 -30.03 -18.90
N LEU A 429 32.99 -29.08 -18.26
CA LEU A 429 34.38 -28.76 -18.58
C LEU A 429 35.28 -29.10 -17.40
N SER A 430 36.54 -29.36 -17.72
CA SER A 430 37.53 -29.59 -16.70
C SER A 430 38.52 -28.44 -16.67
N PRO A 431 39.04 -28.05 -15.49
CA PRO A 431 38.76 -28.69 -14.19
C PRO A 431 37.38 -28.39 -13.64
N ALA A 432 36.97 -29.16 -12.62
CA ALA A 432 35.59 -29.10 -12.18
C ALA A 432 35.48 -29.52 -10.73
N PHE A 433 34.39 -29.08 -10.12
CA PHE A 433 33.89 -29.67 -8.88
C PHE A 433 32.89 -30.76 -9.24
N ARG A 434 33.11 -31.95 -8.69
CA ARG A 434 32.20 -33.06 -8.93
C ARG A 434 31.62 -33.53 -7.60
N TYR A 435 30.37 -33.99 -7.65
CA TYR A 435 29.81 -34.69 -6.50
C TYR A 435 30.50 -36.04 -6.36
N GLN A 436 30.40 -36.61 -5.16
CA GLN A 436 31.09 -37.86 -4.86
C GLN A 436 30.26 -38.64 -3.85
N PRO A 437 30.49 -39.95 -3.71
CA PRO A 437 29.68 -40.73 -2.77
C PRO A 437 29.97 -40.34 -1.33
N ASP A 438 28.99 -40.56 -0.47
CA ASP A 438 29.21 -40.41 0.95
C ASP A 438 30.24 -41.44 1.41
N PRO A 439 31.18 -41.07 2.29
CA PRO A 439 32.23 -42.03 2.69
C PRO A 439 31.72 -43.07 3.69
N TRP A 440 30.52 -43.60 3.46
CA TRP A 440 29.99 -44.70 4.27
C TRP A 440 28.90 -45.43 3.49
N PHE B 28 16.41 -47.00 -17.91
CA PHE B 28 15.26 -46.20 -17.49
C PHE B 28 15.64 -45.15 -16.45
N PRO B 29 15.40 -43.88 -16.77
CA PRO B 29 15.83 -42.79 -15.87
C PRO B 29 15.14 -42.88 -14.51
N ARG B 30 15.95 -42.78 -13.45
CA ARG B 30 15.40 -42.67 -12.11
C ARG B 30 15.10 -41.21 -11.79
N VAL B 31 13.93 -40.99 -11.20
CA VAL B 31 13.34 -39.68 -11.01
C VAL B 31 13.00 -39.54 -9.54
N LYS B 32 13.53 -38.50 -8.90
CA LYS B 32 13.34 -38.30 -7.48
C LYS B 32 12.45 -37.08 -7.25
N ASN B 33 11.58 -37.19 -6.24
CA ASN B 33 10.90 -36.04 -5.67
C ASN B 33 11.63 -35.68 -4.38
N TRP B 34 12.23 -34.49 -4.34
CA TRP B 34 13.07 -34.14 -3.22
C TRP B 34 12.29 -33.67 -2.00
N GLU B 35 11.03 -33.30 -2.16
CA GLU B 35 10.24 -32.91 -1.00
C GLU B 35 9.87 -34.14 -0.15
N VAL B 36 9.51 -35.25 -0.79
CA VAL B 36 8.95 -36.41 -0.12
C VAL B 36 9.99 -37.51 0.02
N GLY B 37 10.89 -37.62 -0.95
CA GLY B 37 11.76 -38.77 -1.08
C GLY B 37 11.31 -39.80 -2.09
N SER B 38 10.14 -39.63 -2.69
CA SER B 38 9.62 -40.57 -3.68
C SER B 38 10.65 -40.81 -4.80
N ILE B 39 10.66 -42.03 -5.31
CA ILE B 39 11.52 -42.39 -6.44
C ILE B 39 10.72 -43.25 -7.43
N THR B 40 10.74 -42.85 -8.69
CA THR B 40 10.08 -43.57 -9.77
C THR B 40 11.06 -43.72 -10.93
N TYR B 41 10.69 -44.57 -11.89
CA TYR B 41 11.48 -44.77 -13.09
C TYR B 41 10.61 -44.44 -14.29
N ASP B 42 11.12 -43.61 -15.18
CA ASP B 42 10.33 -43.19 -16.35
C ASP B 42 10.58 -44.21 -17.45
N THR B 43 9.78 -45.27 -17.45
CA THR B 43 9.85 -46.27 -18.50
C THR B 43 9.21 -45.77 -19.79
N LEU B 44 8.33 -44.79 -19.70
CA LEU B 44 7.65 -44.29 -20.89
C LEU B 44 8.61 -43.57 -21.82
N SER B 45 9.66 -42.97 -21.28
CA SER B 45 10.61 -42.24 -22.12
C SER B 45 11.28 -43.17 -23.12
N ALA B 46 11.38 -44.47 -22.82
CA ALA B 46 12.02 -45.40 -23.74
C ALA B 46 11.29 -45.48 -25.07
N GLN B 47 9.99 -45.20 -25.08
CA GLN B 47 9.21 -45.14 -26.29
C GLN B 47 9.22 -43.76 -26.93
N ALA B 48 10.11 -42.87 -26.49
CA ALA B 48 10.17 -41.53 -27.08
C ALA B 48 10.47 -41.62 -28.56
N GLN B 49 9.53 -41.19 -29.38
CA GLN B 49 9.67 -41.34 -30.83
C GLN B 49 10.69 -40.35 -31.37
N GLN B 50 10.29 -39.10 -31.57
CA GLN B 50 11.18 -38.13 -32.18
C GLN B 50 12.26 -37.69 -31.19
N ASP B 51 13.27 -37.02 -31.71
CA ASP B 51 14.46 -36.71 -30.94
C ASP B 51 14.47 -35.23 -30.56
N GLY B 52 14.95 -34.94 -29.37
CA GLY B 52 15.05 -33.59 -28.88
C GLY B 52 16.41 -32.97 -29.16
N PRO B 53 16.71 -31.85 -28.51
CA PRO B 53 17.92 -31.10 -28.82
C PRO B 53 19.15 -31.49 -28.01
N CYS B 54 19.02 -32.33 -26.99
CA CYS B 54 20.13 -32.62 -26.10
C CYS B 54 20.96 -33.79 -26.58
N THR B 55 22.24 -33.77 -26.21
CA THR B 55 23.15 -34.88 -26.41
C THR B 55 23.89 -35.14 -25.11
N PRO B 56 24.65 -36.22 -25.02
CA PRO B 56 25.52 -36.41 -23.85
C PRO B 56 26.55 -35.31 -23.69
N ARG B 57 26.91 -34.61 -24.76
CA ARG B 57 27.86 -33.51 -24.67
C ARG B 57 27.27 -32.30 -23.97
N ARG B 58 26.02 -31.97 -24.30
CA ARG B 58 25.44 -30.69 -23.91
C ARG B 58 23.93 -30.81 -23.81
N CYS B 59 23.37 -30.26 -22.74
CA CYS B 59 21.94 -30.17 -22.58
C CYS B 59 21.47 -28.82 -23.15
N LEU B 60 20.51 -28.88 -24.07
CA LEU B 60 19.84 -27.69 -24.58
C LEU B 60 18.39 -27.61 -24.11
N GLY B 61 18.10 -28.19 -22.95
CA GLY B 61 16.76 -28.19 -22.42
C GLY B 61 16.14 -26.81 -22.25
N SER B 62 16.96 -25.78 -22.04
CA SER B 62 16.42 -24.42 -21.81
C SER B 62 16.10 -23.67 -23.11
N LEU B 63 16.34 -24.25 -24.27
CA LEU B 63 16.04 -23.53 -25.50
C LEU B 63 14.52 -23.52 -25.73
N VAL B 64 13.99 -22.36 -26.11
CA VAL B 64 12.55 -22.26 -26.32
C VAL B 64 12.14 -23.05 -27.55
N PHE B 65 12.84 -22.84 -28.67
CA PHE B 65 12.59 -23.58 -29.91
C PHE B 65 13.86 -24.35 -30.22
N PRO B 66 13.96 -25.61 -29.79
CA PRO B 66 15.10 -26.50 -30.06
C PRO B 66 15.47 -26.57 -31.55
N ALA B 79 7.35 -39.91 -48.81
CA ALA B 79 7.78 -40.77 -47.71
C ALA B 79 6.61 -41.55 -47.11
N PRO B 80 6.08 -42.52 -47.86
CA PRO B 80 4.91 -43.27 -47.35
C PRO B 80 5.26 -44.28 -46.27
N GLU B 81 6.45 -44.86 -46.30
CA GLU B 81 6.80 -45.91 -45.34
C GLU B 81 6.84 -45.37 -43.91
N GLN B 82 7.24 -44.11 -43.75
CA GLN B 82 7.35 -43.52 -42.42
C GLN B 82 6.02 -42.93 -41.97
N LEU B 83 5.22 -42.41 -42.89
CA LEU B 83 3.82 -42.14 -42.58
C LEU B 83 3.14 -43.40 -42.07
N LEU B 84 3.43 -44.54 -42.70
CA LEU B 84 2.80 -45.79 -42.31
C LEU B 84 3.16 -46.18 -40.88
N SER B 85 4.45 -46.06 -40.51
CA SER B 85 4.83 -46.52 -39.18
C SER B 85 4.27 -45.61 -38.10
N GLN B 86 4.21 -44.29 -38.34
CA GLN B 86 3.54 -43.39 -37.41
C GLN B 86 2.06 -43.70 -37.29
N ALA B 87 1.39 -43.88 -38.44
CA ALA B 87 -0.03 -44.19 -38.40
C ALA B 87 -0.26 -45.50 -37.67
N ARG B 88 0.54 -46.51 -38.00
CA ARG B 88 0.44 -47.83 -37.37
C ARG B 88 0.56 -47.71 -35.86
N ASP B 89 1.52 -46.89 -35.40
CA ASP B 89 1.71 -46.73 -33.96
C ASP B 89 0.51 -46.04 -33.32
N PHE B 90 -0.01 -44.98 -33.95
CA PHE B 90 -1.16 -44.29 -33.37
C PHE B 90 -2.38 -45.19 -33.33
N ILE B 91 -2.64 -45.95 -34.41
CA ILE B 91 -3.75 -46.89 -34.40
C ILE B 91 -3.57 -47.90 -33.27
N ASN B 92 -2.34 -48.40 -33.08
CA ASN B 92 -2.05 -49.25 -31.92
C ASN B 92 -2.43 -48.53 -30.63
N GLN B 93 -2.05 -47.26 -30.50
CA GLN B 93 -2.42 -46.48 -29.32
C GLN B 93 -3.93 -46.42 -29.17
N TYR B 94 -4.63 -46.14 -30.26
CA TYR B 94 -6.08 -45.98 -30.16
C TYR B 94 -6.75 -47.27 -29.73
N TYR B 95 -6.38 -48.39 -30.35
CA TYR B 95 -7.02 -49.64 -29.97
C TYR B 95 -6.63 -50.10 -28.56
N SER B 96 -5.46 -49.70 -28.05
CA SER B 96 -5.17 -49.95 -26.63
C SER B 96 -6.14 -49.19 -25.73
N SER B 97 -6.42 -47.93 -26.05
CA SER B 97 -7.30 -47.11 -25.22
C SER B 97 -8.74 -47.62 -25.20
N ILE B 98 -9.18 -48.31 -26.25
CA ILE B 98 -10.53 -48.86 -26.28
C ILE B 98 -10.54 -50.35 -25.94
N LYS B 99 -9.47 -50.85 -25.32
CA LYS B 99 -9.38 -52.23 -24.82
C LYS B 99 -9.76 -53.23 -25.89
N ARG B 100 -9.28 -52.99 -27.12
CA ARG B 100 -9.49 -53.88 -28.24
C ARG B 100 -8.18 -54.05 -29.00
N SER B 101 -7.07 -54.08 -28.27
CA SER B 101 -5.77 -54.26 -28.90
CA SER B 101 -5.77 -54.26 -28.90
C SER B 101 -5.67 -55.65 -29.53
N GLY B 102 -5.02 -55.72 -30.70
CA GLY B 102 -4.86 -56.96 -31.42
C GLY B 102 -6.15 -57.62 -31.87
N SER B 103 -7.28 -56.91 -31.81
CA SER B 103 -8.55 -57.53 -32.10
C SER B 103 -8.88 -57.42 -33.59
N GLN B 104 -10.04 -57.97 -33.96
CA GLN B 104 -10.51 -57.96 -35.35
C GLN B 104 -10.47 -56.56 -35.93
N ALA B 105 -11.24 -55.64 -35.34
CA ALA B 105 -11.31 -54.26 -35.82
C ALA B 105 -9.93 -53.61 -35.89
N HIS B 106 -9.02 -53.97 -34.97
CA HIS B 106 -7.68 -53.40 -34.97
C HIS B 106 -6.94 -53.72 -36.26
N GLU B 107 -6.86 -55.00 -36.62
CA GLU B 107 -6.21 -55.38 -37.87
C GLU B 107 -6.88 -54.71 -39.06
N GLN B 108 -8.20 -54.75 -39.09
CA GLN B 108 -8.94 -54.13 -40.19
C GLN B 108 -8.50 -52.68 -40.40
N ARG B 109 -8.35 -51.94 -39.30
CA ARG B 109 -7.93 -50.55 -39.41
C ARG B 109 -6.50 -50.43 -39.92
N LEU B 110 -5.58 -51.26 -39.42
CA LEU B 110 -4.21 -51.23 -39.92
C LEU B 110 -4.19 -51.51 -41.42
N GLN B 111 -4.89 -52.57 -41.84
CA GLN B 111 -4.97 -52.88 -43.26
C GLN B 111 -5.61 -51.72 -44.03
N GLU B 112 -6.71 -51.19 -43.51
CA GLU B 112 -7.39 -50.04 -44.13
C GLU B 112 -6.43 -48.88 -44.36
N VAL B 113 -5.67 -48.51 -43.33
CA VAL B 113 -4.80 -47.35 -43.44
C VAL B 113 -3.68 -47.60 -44.44
N GLU B 114 -3.07 -48.79 -44.39
CA GLU B 114 -2.05 -49.14 -45.37
C GLU B 114 -2.62 -49.09 -46.79
N ALA B 115 -3.82 -49.66 -46.97
CA ALA B 115 -4.48 -49.60 -48.27
C ALA B 115 -4.69 -48.17 -48.71
N GLU B 116 -5.07 -47.30 -47.78
CA GLU B 116 -5.36 -45.92 -48.15
C GLU B 116 -4.09 -45.14 -48.42
N VAL B 117 -3.02 -45.41 -47.67
CA VAL B 117 -1.73 -44.76 -47.94
C VAL B 117 -1.19 -45.23 -49.28
N ALA B 118 -1.34 -46.52 -49.57
CA ALA B 118 -0.94 -47.04 -50.88
C ALA B 118 -1.73 -46.40 -52.00
N ALA B 119 -3.04 -46.23 -51.81
CA ALA B 119 -3.90 -45.72 -52.88
C ALA B 119 -3.81 -44.21 -53.02
N THR B 120 -3.69 -43.50 -51.90
CA THR B 120 -3.84 -42.04 -51.89
C THR B 120 -2.63 -41.28 -51.37
N GLY B 121 -1.61 -41.96 -50.85
CA GLY B 121 -0.49 -41.28 -50.24
C GLY B 121 -0.78 -40.68 -48.88
N THR B 122 -1.94 -40.93 -48.32
CA THR B 122 -2.34 -40.40 -47.01
C THR B 122 -3.53 -41.24 -46.54
N TYR B 123 -4.19 -40.80 -45.47
CA TYR B 123 -5.36 -41.50 -44.95
C TYR B 123 -6.15 -40.54 -44.08
N GLN B 124 -7.37 -40.94 -43.74
CA GLN B 124 -8.31 -40.12 -42.99
C GLN B 124 -8.55 -40.76 -41.63
N LEU B 125 -8.55 -39.93 -40.59
CA LEU B 125 -8.88 -40.40 -39.25
C LEU B 125 -10.38 -40.58 -39.10
N ARG B 126 -10.78 -41.65 -38.44
CA ARG B 126 -12.15 -41.75 -37.96
C ARG B 126 -12.37 -40.69 -36.89
N GLU B 127 -13.63 -40.29 -36.71
CA GLU B 127 -13.93 -39.24 -35.74
C GLU B 127 -13.42 -39.60 -34.34
N SER B 128 -13.70 -40.82 -33.88
CA SER B 128 -13.25 -41.22 -32.54
CA SER B 128 -13.25 -41.22 -32.54
C SER B 128 -11.73 -41.26 -32.44
N GLU B 129 -11.05 -41.54 -33.54
CA GLU B 129 -9.59 -41.50 -33.53
C GLU B 129 -9.09 -40.07 -33.40
N LEU B 130 -9.75 -39.14 -34.08
CA LEU B 130 -9.37 -37.74 -34.00
C LEU B 130 -9.52 -37.21 -32.58
N VAL B 131 -10.66 -37.51 -31.95
CA VAL B 131 -10.89 -37.11 -30.57
C VAL B 131 -9.82 -37.69 -29.66
N PHE B 132 -9.54 -38.98 -29.83
CA PHE B 132 -8.52 -39.61 -28.99
C PHE B 132 -7.15 -39.00 -29.24
N GLY B 133 -6.83 -38.76 -30.51
CA GLY B 133 -5.54 -38.19 -30.86
C GLY B 133 -5.34 -36.77 -30.38
N ALA B 134 -6.41 -35.97 -30.37
CA ALA B 134 -6.30 -34.59 -29.87
C ALA B 134 -6.05 -34.58 -28.37
N LYS B 135 -6.77 -35.43 -27.64
CA LYS B 135 -6.55 -35.58 -26.20
C LYS B 135 -5.14 -36.06 -25.89
N GLN B 136 -4.64 -37.05 -26.65
CA GLN B 136 -3.29 -37.54 -26.41
C GLN B 136 -2.26 -36.47 -26.68
N ALA B 137 -2.48 -35.65 -27.72
CA ALA B 137 -1.54 -34.57 -28.01
C ALA B 137 -1.44 -33.63 -26.83
N TRP B 138 -2.58 -33.25 -26.25
CA TRP B 138 -2.56 -32.46 -25.02
C TRP B 138 -1.84 -33.22 -23.90
N ARG B 139 -2.25 -34.48 -23.69
CA ARG B 139 -1.63 -35.32 -22.67
C ARG B 139 -0.11 -35.40 -22.81
N ASN B 140 0.38 -35.42 -24.07
CA ASN B 140 1.81 -35.54 -24.36
C ASN B 140 2.59 -34.23 -24.29
N ALA B 141 1.94 -33.08 -24.10
CA ALA B 141 2.57 -31.77 -24.26
C ALA B 141 3.43 -31.46 -23.03
N PRO B 142 4.76 -31.48 -23.16
CA PRO B 142 5.63 -31.49 -21.96
C PRO B 142 5.63 -30.19 -21.17
N ARG B 143 5.35 -29.07 -21.82
CA ARG B 143 5.39 -27.77 -21.17
C ARG B 143 4.03 -27.35 -20.60
N CYS B 144 3.02 -28.21 -20.69
CA CYS B 144 1.67 -27.86 -20.25
C CYS B 144 1.47 -28.33 -18.81
N VAL B 145 1.32 -27.35 -17.91
CA VAL B 145 1.05 -27.68 -16.51
C VAL B 145 -0.40 -28.06 -16.25
N GLY B 146 -1.30 -27.79 -17.20
CA GLY B 146 -2.71 -28.04 -16.97
C GLY B 146 -3.19 -29.42 -17.38
N ARG B 147 -2.27 -30.36 -17.55
CA ARG B 147 -2.62 -31.64 -18.17
C ARG B 147 -3.47 -32.56 -17.30
N ILE B 148 -3.68 -32.27 -16.01
CA ILE B 148 -4.63 -33.08 -15.24
C ILE B 148 -5.98 -33.14 -15.95
N GLN B 149 -6.31 -32.10 -16.72
CA GLN B 149 -7.55 -31.95 -17.46
C GLN B 149 -7.58 -32.68 -18.81
N TRP B 150 -6.53 -33.42 -19.18
CA TRP B 150 -6.31 -33.76 -20.58
C TRP B 150 -7.48 -34.55 -21.17
N GLY B 151 -8.12 -35.40 -20.37
CA GLY B 151 -9.25 -36.19 -20.85
C GLY B 151 -10.51 -35.39 -21.07
N LYS B 152 -10.61 -34.20 -20.49
CA LYS B 152 -11.79 -33.34 -20.62
C LYS B 152 -11.49 -32.31 -21.70
N LEU B 153 -11.74 -32.69 -22.95
CA LEU B 153 -11.43 -31.80 -24.07
C LEU B 153 -12.57 -31.93 -25.07
N GLN B 154 -13.18 -30.81 -25.42
CA GLN B 154 -14.21 -30.79 -26.44
C GLN B 154 -13.51 -30.67 -27.79
N VAL B 155 -13.74 -31.65 -28.66
CA VAL B 155 -13.09 -31.67 -29.96
C VAL B 155 -14.14 -31.31 -31.00
N PHE B 156 -13.92 -30.19 -31.69
CA PHE B 156 -14.79 -29.76 -32.77
C PHE B 156 -14.13 -30.18 -34.08
N ASP B 157 -14.85 -31.00 -34.85
CA ASP B 157 -14.31 -31.56 -36.08
C ASP B 157 -14.69 -30.59 -37.19
N ALA B 158 -13.74 -29.75 -37.61
CA ALA B 158 -13.96 -28.88 -38.75
C ALA B 158 -13.16 -29.33 -39.97
N ARG B 159 -12.93 -30.64 -40.07
CA ARG B 159 -12.13 -31.14 -41.17
C ARG B 159 -12.85 -31.05 -42.51
N ASP B 160 -14.13 -30.73 -42.49
CA ASP B 160 -14.87 -30.45 -43.71
C ASP B 160 -14.83 -28.97 -44.09
N CYS B 161 -14.13 -28.15 -43.31
CA CYS B 161 -14.10 -26.72 -43.59
C CYS B 161 -13.60 -26.45 -45.00
N ARG B 162 -14.22 -25.48 -45.65
CA ARG B 162 -14.06 -25.28 -47.08
C ARG B 162 -13.38 -23.97 -47.44
N SER B 163 -13.44 -22.96 -46.58
CA SER B 163 -13.05 -21.61 -46.93
C SER B 163 -12.54 -20.90 -45.69
N ALA B 164 -11.98 -19.71 -45.89
CA ALA B 164 -11.63 -18.91 -44.72
C ALA B 164 -12.89 -18.39 -44.03
N GLN B 165 -13.98 -18.19 -44.78
CA GLN B 165 -15.19 -17.67 -44.15
C GLN B 165 -15.81 -18.72 -43.22
N GLU B 166 -15.89 -19.98 -43.69
CA GLU B 166 -16.34 -21.05 -42.81
C GLU B 166 -15.38 -21.22 -41.64
N MET B 167 -14.08 -21.05 -41.87
CA MET B 167 -13.11 -21.17 -40.81
C MET B 167 -13.41 -20.18 -39.69
N PHE B 168 -13.72 -18.94 -40.05
CA PHE B 168 -14.04 -17.92 -39.06
C PHE B 168 -15.27 -18.30 -38.24
N THR B 169 -16.32 -18.80 -38.90
CA THR B 169 -17.52 -19.24 -38.18
C THR B 169 -17.19 -20.33 -37.18
N TYR B 170 -16.43 -21.34 -37.62
CA TYR B 170 -15.94 -22.36 -36.72
C TYR B 170 -15.17 -21.77 -35.55
N ILE B 171 -14.37 -20.74 -35.81
CA ILE B 171 -13.56 -20.20 -34.72
C ILE B 171 -14.42 -19.41 -33.73
N CYS B 172 -15.36 -18.62 -34.26
CA CYS B 172 -16.29 -17.90 -33.41
C CYS B 172 -17.08 -18.86 -32.54
N ASN B 173 -17.51 -19.99 -33.10
CA ASN B 173 -18.23 -20.95 -32.28
CA ASN B 173 -18.21 -21.00 -32.32
C ASN B 173 -17.32 -21.63 -31.26
N HIS B 174 -16.05 -21.86 -31.62
CA HIS B 174 -15.09 -22.33 -30.63
C HIS B 174 -14.98 -21.34 -29.48
N ILE B 175 -14.72 -20.07 -29.79
CA ILE B 175 -14.59 -19.03 -28.78
C ILE B 175 -15.84 -18.96 -27.92
N LYS B 176 -17.01 -19.03 -28.55
CA LYS B 176 -18.25 -18.93 -27.78
C LYS B 176 -18.38 -20.10 -26.82
N TYR B 177 -18.14 -21.31 -27.31
CA TYR B 177 -18.28 -22.50 -26.48
C TYR B 177 -17.26 -22.49 -25.35
N ALA B 178 -16.00 -22.23 -25.69
CA ALA B 178 -14.92 -22.32 -24.70
C ALA B 178 -15.07 -21.26 -23.62
N THR B 179 -15.43 -20.05 -24.01
CA THR B 179 -15.62 -18.97 -23.03
C THR B 179 -16.79 -19.28 -22.11
N ASN B 180 -17.94 -19.63 -22.69
CA ASN B 180 -19.06 -20.12 -21.88
C ASN B 180 -19.41 -19.10 -20.77
N ARG B 181 -19.35 -17.81 -21.13
CA ARG B 181 -19.67 -16.70 -20.22
C ARG B 181 -18.79 -16.68 -18.98
N GLY B 182 -17.55 -17.14 -19.08
CA GLY B 182 -16.62 -17.11 -17.98
C GLY B 182 -16.36 -18.46 -17.34
N ASN B 183 -17.28 -19.41 -17.51
CA ASN B 183 -17.04 -20.76 -17.00
C ASN B 183 -16.36 -21.56 -18.12
N LEU B 184 -15.04 -21.43 -18.19
CA LEU B 184 -14.32 -21.82 -19.40
C LEU B 184 -14.30 -23.34 -19.55
N ARG B 185 -14.30 -23.79 -20.80
CA ARG B 185 -14.31 -25.20 -21.14
C ARG B 185 -13.20 -25.42 -22.15
N SER B 186 -12.40 -26.47 -21.94
CA SER B 186 -11.28 -26.74 -22.82
C SER B 186 -11.79 -27.27 -24.14
N ALA B 187 -11.24 -26.76 -25.25
CA ALA B 187 -11.75 -27.19 -26.56
C ALA B 187 -10.64 -27.10 -27.58
N ILE B 188 -10.81 -27.86 -28.65
CA ILE B 188 -9.94 -27.74 -29.80
C ILE B 188 -10.85 -27.82 -31.02
N THR B 189 -10.57 -27.01 -32.03
CA THR B 189 -11.23 -27.14 -33.32
C THR B 189 -10.19 -27.59 -34.33
N VAL B 190 -10.45 -28.68 -35.04
CA VAL B 190 -9.48 -29.29 -35.93
C VAL B 190 -9.89 -29.00 -37.36
N PHE B 191 -9.10 -28.21 -38.07
CA PHE B 191 -9.37 -27.89 -39.46
C PHE B 191 -8.70 -28.92 -40.35
N PRO B 192 -9.01 -28.92 -41.66
CA PRO B 192 -8.55 -30.01 -42.53
C PRO B 192 -7.05 -30.23 -42.46
N GLN B 193 -6.65 -31.50 -42.54
CA GLN B 193 -5.25 -31.87 -42.47
C GLN B 193 -4.51 -31.42 -43.72
N ARG B 194 -3.21 -31.22 -43.53
CA ARG B 194 -2.30 -31.05 -44.65
C ARG B 194 -2.45 -32.24 -45.59
N CYS B 195 -2.48 -31.95 -46.88
CA CYS B 195 -2.65 -33.01 -47.86
C CYS B 195 -1.94 -32.62 -49.13
N PRO B 196 -1.37 -33.59 -49.84
CA PRO B 196 -0.67 -33.27 -51.09
C PRO B 196 -1.60 -32.61 -52.09
N GLY B 197 -1.08 -31.59 -52.76
CA GLY B 197 -1.78 -30.93 -53.85
C GLY B 197 -2.52 -29.68 -53.46
N ARG B 198 -2.56 -29.34 -52.18
CA ARG B 198 -3.30 -28.17 -51.75
C ARG B 198 -2.51 -27.52 -50.62
N GLY B 199 -2.66 -26.21 -50.50
CA GLY B 199 -2.03 -25.50 -49.40
C GLY B 199 -2.71 -25.80 -48.08
N ASP B 200 -2.10 -25.27 -47.01
CA ASP B 200 -2.55 -25.46 -45.65
C ASP B 200 -3.61 -24.44 -45.26
N PHE B 201 -4.56 -24.88 -44.44
CA PHE B 201 -5.25 -23.94 -43.57
C PHE B 201 -4.28 -23.44 -42.51
N ARG B 202 -4.26 -22.13 -42.30
CA ARG B 202 -3.44 -21.56 -41.25
C ARG B 202 -4.20 -20.40 -40.60
N ILE B 203 -4.09 -20.32 -39.28
CA ILE B 203 -4.41 -19.11 -38.54
C ILE B 203 -3.09 -18.38 -38.34
N TRP B 204 -2.98 -17.15 -38.82
CA TRP B 204 -1.69 -16.47 -38.72
C TRP B 204 -1.42 -15.98 -37.31
N ASN B 205 -2.47 -15.57 -36.60
CA ASN B 205 -2.38 -15.16 -35.20
C ASN B 205 -1.89 -16.30 -34.31
N SER B 206 -1.00 -15.96 -33.35
CA SER B 206 -0.50 -16.98 -32.43
C SER B 206 -1.55 -17.40 -31.40
N GLN B 207 -2.48 -16.52 -31.05
CA GLN B 207 -3.67 -16.87 -30.30
C GLN B 207 -4.89 -16.22 -30.92
N LEU B 208 -6.06 -16.79 -30.60
CA LEU B 208 -7.30 -16.22 -31.09
C LEU B 208 -7.51 -14.80 -30.56
N VAL B 209 -7.12 -14.56 -29.30
CA VAL B 209 -7.22 -13.24 -28.69
C VAL B 209 -5.82 -12.74 -28.40
N ARG B 210 -5.50 -11.59 -28.98
CA ARG B 210 -4.19 -10.95 -28.85
C ARG B 210 -4.43 -9.46 -28.87
N TYR B 211 -3.66 -8.72 -28.09
CA TYR B 211 -3.75 -7.28 -28.13
C TYR B 211 -2.73 -6.71 -29.09
N ALA B 212 -3.15 -5.69 -29.85
CA ALA B 212 -2.26 -5.02 -30.78
C ALA B 212 -1.01 -4.50 -30.08
N GLY B 213 0.09 -4.46 -30.82
CA GLY B 213 1.29 -3.76 -30.40
C GLY B 213 1.76 -2.80 -31.47
N TYR B 214 1.62 -1.51 -31.22
CA TYR B 214 1.95 -0.47 -32.20
C TYR B 214 3.30 0.15 -31.88
N ARG B 215 4.25 0.05 -32.82
CA ARG B 215 5.47 0.83 -32.70
C ARG B 215 5.12 2.31 -32.62
N GLN B 216 5.89 3.05 -31.84
CA GLN B 216 5.47 4.38 -31.44
C GLN B 216 6.23 5.47 -32.19
N GLN B 217 6.02 6.71 -31.72
CA GLN B 217 6.73 7.87 -32.25
C GLN B 217 8.20 7.86 -31.85
N ASP B 218 8.50 7.50 -30.60
CA ASP B 218 9.88 7.44 -30.16
C ASP B 218 10.55 6.12 -30.54
N GLY B 219 9.82 5.02 -30.50
CA GLY B 219 10.38 3.70 -30.77
C GLY B 219 9.86 2.67 -29.80
N SER B 220 9.09 3.14 -28.81
CA SER B 220 8.44 2.25 -27.87
C SER B 220 7.28 1.53 -28.53
N VAL B 221 6.69 0.59 -27.82
CA VAL B 221 5.51 -0.12 -28.27
C VAL B 221 4.34 0.36 -27.41
N ARG B 222 3.21 0.61 -28.05
CA ARG B 222 1.97 0.85 -27.33
C ARG B 222 1.13 -0.41 -27.44
N GLY B 223 0.75 -0.97 -26.30
CA GLY B 223 0.11 -2.27 -26.31
C GLY B 223 1.08 -3.39 -26.03
N ASP B 224 0.87 -4.54 -26.64
CA ASP B 224 1.64 -5.73 -26.31
C ASP B 224 2.81 -5.85 -27.28
N PRO B 225 4.05 -5.68 -26.84
CA PRO B 225 5.19 -5.79 -27.77
C PRO B 225 5.36 -7.18 -28.38
N ALA B 226 4.83 -8.23 -27.76
CA ALA B 226 4.94 -9.56 -28.37
C ALA B 226 4.21 -9.65 -29.71
N ASN B 227 3.31 -8.70 -29.99
CA ASN B 227 2.39 -8.78 -31.12
C ASN B 227 2.66 -7.70 -32.16
N VAL B 228 3.85 -7.08 -32.11
CA VAL B 228 4.19 -6.07 -33.10
C VAL B 228 4.09 -6.63 -34.51
N GLU B 229 4.63 -7.84 -34.74
CA GLU B 229 4.70 -8.37 -36.09
C GLU B 229 3.31 -8.68 -36.64
N ILE B 230 2.50 -9.42 -35.87
CA ILE B 230 1.15 -9.76 -36.32
C ILE B 230 0.30 -8.50 -36.49
N THR B 231 0.53 -7.52 -35.64
CA THR B 231 -0.15 -6.23 -35.79
C THR B 231 0.20 -5.58 -37.12
N GLU B 232 1.49 -5.60 -37.49
CA GLU B 232 1.91 -5.02 -38.77
C GLU B 232 1.28 -5.76 -39.94
N LEU B 233 1.17 -7.08 -39.83
CA LEU B 233 0.50 -7.86 -40.87
C LEU B 233 -0.96 -7.49 -41.00
N CYS B 234 -1.66 -7.31 -39.87
CA CYS B 234 -3.07 -6.97 -39.95
C CYS B 234 -3.26 -5.63 -40.64
N ILE B 235 -2.46 -4.63 -40.28
CA ILE B 235 -2.53 -3.33 -40.94
C ILE B 235 -2.18 -3.49 -42.43
N GLN B 236 -1.04 -4.15 -42.70
CA GLN B 236 -0.63 -4.43 -44.07
C GLN B 236 -1.70 -5.16 -44.85
N HIS B 237 -2.60 -5.87 -44.17
CA HIS B 237 -3.73 -6.54 -44.82
C HIS B 237 -5.03 -5.78 -44.64
N GLY B 238 -4.95 -4.46 -44.48
CA GLY B 238 -6.13 -3.63 -44.56
C GLY B 238 -6.86 -3.37 -43.25
N TRP B 239 -6.32 -3.80 -42.11
CA TRP B 239 -6.95 -3.48 -40.84
C TRP B 239 -6.73 -2.03 -40.50
N THR B 240 -7.76 -1.38 -40.01
CA THR B 240 -7.64 -0.02 -39.51
C THR B 240 -7.25 -0.07 -38.04
N PRO B 241 -6.00 0.24 -37.72
CA PRO B 241 -5.55 0.07 -36.33
C PRO B 241 -6.20 1.07 -35.40
N GLY B 242 -6.28 0.69 -34.13
CA GLY B 242 -6.61 1.61 -33.07
C GLY B 242 -5.34 2.27 -32.55
N ASN B 243 -5.42 2.76 -31.32
CA ASN B 243 -4.19 3.20 -30.67
C ASN B 243 -4.24 2.96 -29.17
N GLY B 244 -5.07 2.02 -28.70
CA GLY B 244 -5.08 1.64 -27.31
C GLY B 244 -3.97 0.66 -26.95
N ARG B 245 -3.89 0.35 -25.66
CA ARG B 245 -2.96 -0.64 -25.17
C ARG B 245 -3.53 -2.04 -25.18
N PHE B 246 -4.85 -2.17 -25.33
CA PHE B 246 -5.52 -3.45 -25.26
C PHE B 246 -6.50 -3.58 -26.41
N ASP B 247 -6.06 -3.27 -27.62
CA ASP B 247 -6.94 -3.41 -28.78
C ASP B 247 -6.88 -4.85 -29.25
N VAL B 248 -8.04 -5.51 -29.32
CA VAL B 248 -8.08 -6.90 -29.76
C VAL B 248 -7.79 -6.96 -31.27
N LEU B 249 -6.86 -7.84 -31.66
CA LEU B 249 -6.47 -7.93 -33.07
C LEU B 249 -7.54 -8.65 -33.88
N PRO B 250 -7.63 -8.35 -35.17
CA PRO B 250 -8.43 -9.21 -36.04
C PRO B 250 -7.70 -10.52 -36.31
N LEU B 251 -8.46 -11.50 -36.77
CA LEU B 251 -7.88 -12.75 -37.24
C LEU B 251 -7.45 -12.64 -38.71
N LEU B 252 -6.24 -13.11 -39.01
CA LEU B 252 -5.78 -13.34 -40.37
C LEU B 252 -5.92 -14.84 -40.63
N LEU B 253 -6.84 -15.21 -41.51
CA LEU B 253 -7.19 -16.61 -41.71
C LEU B 253 -6.84 -17.00 -43.13
N GLN B 254 -6.09 -18.07 -43.28
CA GLN B 254 -5.59 -18.51 -44.58
C GLN B 254 -6.25 -19.83 -44.94
N ALA B 255 -7.07 -19.80 -46.00
CA ALA B 255 -7.53 -21.01 -46.67
C ALA B 255 -6.46 -21.47 -47.64
N PRO B 256 -6.46 -22.74 -48.03
CA PRO B 256 -5.38 -23.28 -48.87
C PRO B 256 -5.19 -22.46 -50.14
N ASP B 257 -3.92 -22.13 -50.42
CA ASP B 257 -3.52 -21.48 -51.67
C ASP B 257 -4.22 -20.14 -51.86
N GLU B 258 -4.60 -19.53 -50.75
CA GLU B 258 -5.28 -18.26 -50.64
C GLU B 258 -4.41 -17.31 -49.83
N PRO B 259 -4.38 -16.03 -50.16
CA PRO B 259 -3.82 -15.06 -49.22
C PRO B 259 -4.63 -15.07 -47.93
N PRO B 260 -4.07 -14.62 -46.82
CA PRO B 260 -4.87 -14.57 -45.59
C PRO B 260 -5.96 -13.52 -45.74
N GLU B 261 -7.07 -13.77 -45.06
CA GLU B 261 -8.23 -12.90 -45.08
C GLU B 261 -8.43 -12.36 -43.67
N LEU B 262 -8.74 -11.07 -43.57
CA LEU B 262 -8.96 -10.40 -42.29
C LEU B 262 -10.38 -10.66 -41.78
N PHE B 263 -10.50 -10.97 -40.49
CA PHE B 263 -11.78 -11.17 -39.83
C PHE B 263 -11.73 -10.50 -38.47
N LEU B 264 -12.64 -9.55 -38.24
CA LEU B 264 -12.76 -8.94 -36.93
C LEU B 264 -13.58 -9.84 -36.01
N LEU B 265 -13.15 -9.97 -34.76
CA LEU B 265 -13.95 -10.71 -33.79
C LEU B 265 -15.03 -9.80 -33.23
N PRO B 266 -16.29 -10.22 -33.23
CA PRO B 266 -17.33 -9.42 -32.58
C PRO B 266 -16.92 -9.10 -31.16
N PRO B 267 -16.91 -7.82 -30.79
CA PRO B 267 -16.49 -7.44 -29.44
C PRO B 267 -17.12 -8.28 -28.33
N GLU B 268 -18.39 -8.64 -28.45
CA GLU B 268 -19.06 -9.39 -27.39
C GLU B 268 -18.70 -10.87 -27.38
N LEU B 269 -17.94 -11.35 -28.36
CA LEU B 269 -17.44 -12.71 -28.29
C LEU B 269 -16.17 -12.80 -27.45
N VAL B 270 -15.45 -11.70 -27.29
CA VAL B 270 -14.14 -11.69 -26.63
C VAL B 270 -14.37 -11.24 -25.19
N LEU B 271 -14.44 -12.18 -24.26
CA LEU B 271 -14.67 -11.84 -22.87
C LEU B 271 -13.39 -11.32 -22.25
N GLU B 272 -13.45 -10.12 -21.66
CA GLU B 272 -12.28 -9.53 -21.05
C GLU B 272 -12.52 -9.28 -19.58
N VAL B 273 -11.43 -9.11 -18.85
CA VAL B 273 -11.47 -8.92 -17.40
C VAL B 273 -10.71 -7.63 -17.09
N PRO B 274 -11.39 -6.55 -16.70
CA PRO B 274 -10.67 -5.38 -16.18
C PRO B 274 -9.94 -5.78 -14.91
N LEU B 275 -8.72 -5.28 -14.74
CA LEU B 275 -7.87 -5.69 -13.63
C LEU B 275 -7.96 -4.67 -12.51
N GLU B 276 -8.29 -5.16 -11.32
CA GLU B 276 -8.29 -4.37 -10.10
C GLU B 276 -7.64 -5.20 -9.00
N HIS B 277 -7.27 -4.54 -7.94
CA HIS B 277 -6.63 -5.20 -6.83
C HIS B 277 -7.53 -5.10 -5.60
N PRO B 278 -7.64 -6.16 -4.79
CA PRO B 278 -8.63 -6.14 -3.70
C PRO B 278 -8.38 -5.08 -2.66
N THR B 279 -7.12 -4.70 -2.46
CA THR B 279 -6.83 -3.64 -1.51
C THR B 279 -6.09 -2.46 -2.09
N LEU B 280 -5.51 -2.53 -3.26
CA LEU B 280 -4.84 -1.33 -3.80
C LEU B 280 -5.81 -0.68 -4.78
N GLU B 281 -6.59 0.28 -4.30
CA GLU B 281 -7.66 0.85 -5.12
C GLU B 281 -7.13 1.63 -6.31
N TRP B 282 -5.90 2.15 -6.23
CA TRP B 282 -5.34 2.85 -7.37
C TRP B 282 -5.03 1.89 -8.52
N PHE B 283 -4.95 0.58 -8.26
CA PHE B 283 -4.55 -0.37 -9.29
C PHE B 283 -5.53 -0.33 -10.47
N ALA B 284 -6.82 -0.15 -10.17
CA ALA B 284 -7.81 -0.07 -11.23
C ALA B 284 -7.51 1.06 -12.20
N ALA B 285 -6.89 2.14 -11.71
CA ALA B 285 -6.61 3.29 -12.56
C ALA B 285 -5.50 3.02 -13.56
N LEU B 286 -4.82 1.88 -13.46
CA LEU B 286 -3.85 1.53 -14.48
C LEU B 286 -4.52 1.23 -15.81
N GLY B 287 -5.83 0.99 -15.79
CA GLY B 287 -6.54 0.65 -17.00
C GLY B 287 -6.11 -0.66 -17.60
N LEU B 288 -5.63 -1.59 -16.78
CA LEU B 288 -5.18 -2.85 -17.33
C LEU B 288 -6.35 -3.80 -17.49
N ARG B 289 -6.26 -4.64 -18.51
CA ARG B 289 -7.25 -5.64 -18.85
C ARG B 289 -6.52 -6.89 -19.29
N TRP B 290 -7.21 -8.02 -19.21
CA TRP B 290 -6.77 -9.19 -19.95
C TRP B 290 -7.99 -9.97 -20.40
N TYR B 291 -7.79 -10.88 -21.34
CA TYR B 291 -8.90 -11.61 -21.90
C TYR B 291 -9.06 -12.96 -21.20
N ALA B 292 -10.30 -13.46 -21.21
CA ALA B 292 -10.63 -14.71 -20.53
C ALA B 292 -9.97 -15.92 -21.19
N LEU B 293 -9.90 -15.95 -22.51
CA LEU B 293 -9.67 -17.23 -23.17
C LEU B 293 -8.25 -17.34 -23.71
N PRO B 294 -7.41 -18.24 -23.17
CA PRO B 294 -6.12 -18.53 -23.84
C PRO B 294 -6.36 -19.56 -24.92
N ALA B 295 -6.25 -19.14 -26.18
CA ALA B 295 -6.54 -20.02 -27.31
C ALA B 295 -5.35 -20.00 -28.26
N VAL B 296 -4.49 -20.99 -28.16
CA VAL B 296 -3.31 -21.04 -29.01
C VAL B 296 -3.75 -21.49 -30.38
N SER B 297 -3.34 -20.75 -31.40
CA SER B 297 -3.86 -20.92 -32.75
C SER B 297 -2.78 -21.12 -33.81
N ASN B 298 -1.49 -21.16 -33.45
CA ASN B 298 -0.44 -21.25 -34.45
C ASN B 298 0.33 -22.55 -34.37
N MET B 299 -0.15 -23.52 -33.60
CA MET B 299 0.55 -24.78 -33.46
C MET B 299 0.00 -25.85 -34.37
N LEU B 300 0.86 -26.81 -34.69
CA LEU B 300 0.51 -27.92 -35.57
C LEU B 300 0.15 -29.14 -34.73
N LEU B 301 -0.99 -29.72 -35.02
CA LEU B 301 -1.44 -30.93 -34.37
C LEU B 301 -1.04 -32.10 -35.23
N GLU B 302 -0.26 -33.02 -34.67
CA GLU B 302 0.22 -34.18 -35.41
C GLU B 302 -0.40 -35.42 -34.80
N ILE B 303 -1.14 -36.19 -35.61
CA ILE B 303 -1.77 -37.42 -35.14
C ILE B 303 -1.44 -38.51 -36.15
N GLY B 304 -0.79 -39.57 -35.69
CA GLY B 304 -0.52 -40.72 -36.54
C GLY B 304 0.09 -40.36 -37.86
N GLY B 305 1.03 -39.42 -37.87
CA GLY B 305 1.66 -38.99 -39.09
C GLY B 305 0.90 -37.95 -39.88
N LEU B 306 -0.38 -37.73 -39.58
CA LEU B 306 -1.11 -36.68 -40.27
C LEU B 306 -0.87 -35.36 -39.57
N GLU B 307 -0.91 -34.28 -40.33
CA GLU B 307 -0.58 -32.97 -39.77
C GLU B 307 -1.75 -32.03 -39.96
N PHE B 308 -2.17 -31.40 -38.87
CA PHE B 308 -3.23 -30.40 -38.88
C PHE B 308 -2.59 -29.06 -38.55
N PRO B 309 -2.14 -28.29 -39.56
CA PRO B 309 -1.49 -27.00 -39.29
C PRO B 309 -2.42 -25.97 -38.67
N ALA B 310 -3.73 -26.15 -38.77
CA ALA B 310 -4.67 -25.23 -38.12
C ALA B 310 -5.53 -26.04 -37.18
N ALA B 311 -5.27 -25.92 -35.89
CA ALA B 311 -6.06 -26.67 -34.94
C ALA B 311 -6.05 -25.91 -33.61
N PRO B 312 -6.71 -24.75 -33.53
CA PRO B 312 -6.59 -23.92 -32.32
C PRO B 312 -7.19 -24.63 -31.13
N PHE B 313 -6.49 -24.54 -29.99
CA PHE B 313 -6.97 -25.13 -28.75
C PHE B 313 -6.97 -24.06 -27.64
N SER B 314 -7.82 -24.27 -26.66
CA SER B 314 -7.97 -23.29 -25.59
C SER B 314 -8.31 -24.01 -24.30
N GLY B 315 -7.88 -23.41 -23.17
CA GLY B 315 -8.30 -23.89 -21.88
C GLY B 315 -8.68 -22.70 -21.03
N TRP B 316 -8.04 -22.55 -19.87
CA TRP B 316 -8.16 -21.34 -19.08
C TRP B 316 -6.77 -20.97 -18.56
N TYR B 317 -6.64 -19.74 -18.09
CA TYR B 317 -5.35 -19.24 -17.70
C TYR B 317 -4.88 -19.79 -16.36
N MET B 318 -3.56 -19.92 -16.23
CA MET B 318 -2.91 -19.90 -14.94
C MET B 318 -2.49 -18.46 -14.67
N SER B 319 -2.78 -17.96 -13.46
CA SER B 319 -2.67 -16.52 -13.23
C SER B 319 -1.28 -15.98 -13.47
N THR B 320 -0.24 -16.80 -13.31
CA THR B 320 1.11 -16.24 -13.52
C THR B 320 1.37 -15.94 -14.98
N GLU B 321 0.73 -16.64 -15.91
CA GLU B 321 0.92 -16.27 -17.31
C GLU B 321 0.58 -14.80 -17.51
N ILE B 322 -0.52 -14.36 -16.89
CA ILE B 322 -0.95 -12.98 -17.04
C ILE B 322 -0.18 -12.08 -16.10
N GLY B 323 -0.28 -12.36 -14.80
CA GLY B 323 0.25 -11.43 -13.83
C GLY B 323 1.76 -11.33 -13.92
N THR B 324 2.44 -12.46 -14.09
CA THR B 324 3.88 -12.39 -14.11
C THR B 324 4.44 -12.16 -15.51
N ARG B 325 4.12 -13.04 -16.45
CA ARG B 325 4.79 -12.92 -17.75
C ARG B 325 4.21 -11.78 -18.57
N ASN B 326 2.89 -11.79 -18.82
CA ASN B 326 2.36 -10.81 -19.76
C ASN B 326 2.49 -9.40 -19.23
N LEU B 327 2.27 -9.20 -17.93
CA LEU B 327 2.29 -7.85 -17.39
C LEU B 327 3.67 -7.42 -16.90
N CYS B 328 4.49 -8.35 -16.38
CA CYS B 328 5.76 -7.95 -15.78
C CYS B 328 7.01 -8.26 -16.60
N ASP B 329 6.94 -9.05 -17.67
CA ASP B 329 8.14 -9.24 -18.49
C ASP B 329 8.62 -7.88 -18.97
N PRO B 330 9.92 -7.59 -18.88
CA PRO B 330 10.44 -6.30 -19.39
C PRO B 330 10.05 -6.05 -20.83
N HIS B 331 10.01 -7.09 -21.65
CA HIS B 331 9.65 -6.97 -23.05
C HIS B 331 8.17 -7.17 -23.29
N ARG B 332 7.36 -7.21 -22.23
CA ARG B 332 5.94 -7.23 -22.48
C ARG B 332 5.33 -5.94 -21.95
N TYR B 333 4.25 -6.00 -21.18
CA TYR B 333 3.65 -4.76 -20.70
C TYR B 333 4.55 -4.06 -19.68
N ASN B 334 5.41 -4.80 -18.99
CA ASN B 334 6.51 -4.19 -18.24
C ASN B 334 6.00 -3.18 -17.21
N ILE B 335 5.00 -3.60 -16.43
CA ILE B 335 4.37 -2.67 -15.48
C ILE B 335 5.02 -2.70 -14.10
N LEU B 336 6.06 -3.52 -13.91
CA LEU B 336 6.52 -3.84 -12.56
C LEU B 336 6.95 -2.59 -11.80
N GLU B 337 7.81 -1.78 -12.41
CA GLU B 337 8.31 -0.61 -11.70
C GLU B 337 7.18 0.37 -11.42
N ASP B 338 6.30 0.60 -12.40
CA ASP B 338 5.20 1.51 -12.15
C ASP B 338 4.34 1.03 -10.99
N VAL B 339 4.11 -0.29 -10.90
CA VAL B 339 3.33 -0.81 -9.77
C VAL B 339 4.09 -0.65 -8.46
N ALA B 340 5.40 -0.94 -8.45
CA ALA B 340 6.17 -0.79 -7.21
C ALA B 340 6.24 0.66 -6.77
N VAL B 341 6.39 1.58 -7.72
CA VAL B 341 6.38 3.01 -7.41
C VAL B 341 5.06 3.40 -6.75
N CYS B 342 3.94 3.00 -7.36
CA CYS B 342 2.64 3.30 -6.78
C CYS B 342 2.48 2.67 -5.40
N MET B 343 3.06 1.48 -5.18
CA MET B 343 3.00 0.82 -3.89
C MET B 343 3.86 1.48 -2.83
N ASP B 344 4.55 2.57 -3.18
CA ASP B 344 5.49 3.25 -2.29
C ASP B 344 6.69 2.37 -1.94
N LEU B 345 6.99 1.35 -2.74
CA LEU B 345 8.18 0.56 -2.47
C LEU B 345 9.44 1.35 -2.83
N ASP B 346 10.54 0.98 -2.19
CA ASP B 346 11.82 1.63 -2.43
C ASP B 346 12.46 0.92 -3.60
N THR B 347 12.40 1.53 -4.79
CA THR B 347 12.89 0.91 -6.00
C THR B 347 14.35 1.25 -6.32
N ARG B 348 15.04 1.98 -5.45
CA ARG B 348 16.42 2.32 -5.77
C ARG B 348 17.41 1.26 -5.33
N THR B 349 16.96 0.20 -4.66
CA THR B 349 17.83 -0.87 -4.19
C THR B 349 17.14 -2.21 -4.42
N THR B 350 17.90 -3.21 -4.88
CA THR B 350 17.26 -4.48 -5.19
C THR B 350 16.93 -5.27 -3.93
N SER B 351 17.71 -5.08 -2.85
CA SER B 351 17.54 -5.89 -1.66
C SER B 351 16.25 -5.58 -0.90
N SER B 352 15.55 -4.50 -1.22
CA SER B 352 14.22 -4.33 -0.67
C SER B 352 13.22 -5.33 -1.23
N LEU B 353 13.58 -6.04 -2.30
CA LEU B 353 12.72 -7.01 -2.99
C LEU B 353 11.45 -6.35 -3.49
N TRP B 354 11.57 -5.10 -3.96
CA TRP B 354 10.42 -4.40 -4.49
C TRP B 354 9.86 -5.11 -5.71
N LYS B 355 10.73 -5.69 -6.54
CA LYS B 355 10.23 -6.42 -7.70
C LYS B 355 9.35 -7.57 -7.27
N ASP B 356 9.83 -8.36 -6.30
CA ASP B 356 9.05 -9.52 -5.86
C ASP B 356 7.74 -9.09 -5.21
N LYS B 357 7.77 -8.04 -4.38
CA LYS B 357 6.53 -7.58 -3.75
C LYS B 357 5.52 -7.07 -4.78
N ALA B 358 5.98 -6.27 -5.73
CA ALA B 358 5.04 -5.74 -6.72
C ALA B 358 4.49 -6.85 -7.61
N ALA B 359 5.33 -7.81 -8.00
CA ALA B 359 4.82 -8.91 -8.83
C ALA B 359 3.79 -9.74 -8.06
N VAL B 360 4.03 -9.99 -6.77
CA VAL B 360 3.03 -10.74 -6.02
C VAL B 360 1.69 -10.02 -6.04
N GLU B 361 1.70 -8.69 -5.89
CA GLU B 361 0.41 -7.98 -5.87
C GLU B 361 -0.21 -7.92 -7.25
N ILE B 362 0.60 -7.90 -8.32
CA ILE B 362 0.01 -7.96 -9.65
C ILE B 362 -0.69 -9.30 -9.84
N ASN B 363 -0.08 -10.37 -9.35
CA ASN B 363 -0.71 -11.68 -9.46
C ASN B 363 -1.97 -11.78 -8.61
N VAL B 364 -1.94 -11.23 -7.39
CA VAL B 364 -3.16 -11.14 -6.58
C VAL B 364 -4.25 -10.41 -7.35
N ALA B 365 -3.90 -9.28 -7.97
CA ALA B 365 -4.88 -8.51 -8.73
C ALA B 365 -5.49 -9.34 -9.85
N VAL B 366 -4.67 -10.11 -10.54
CA VAL B 366 -5.18 -10.95 -11.62
C VAL B 366 -6.17 -11.97 -11.07
N LEU B 367 -5.79 -12.67 -10.00
CA LEU B 367 -6.65 -13.69 -9.43
C LEU B 367 -7.95 -13.09 -8.91
N HIS B 368 -7.83 -12.00 -8.17
CA HIS B 368 -9.01 -11.31 -7.67
C HIS B 368 -9.92 -10.87 -8.80
N SER B 369 -9.33 -10.34 -9.86
CA SER B 369 -10.14 -9.75 -10.91
C SER B 369 -10.88 -10.82 -11.69
N TYR B 370 -10.21 -11.93 -12.01
CA TYR B 370 -10.89 -13.03 -12.69
C TYR B 370 -11.95 -13.66 -11.80
N GLN B 371 -11.67 -13.78 -10.50
CA GLN B 371 -12.69 -14.35 -9.63
C GLN B 371 -13.87 -13.41 -9.49
N LEU B 372 -13.61 -12.11 -9.42
CA LEU B 372 -14.70 -11.14 -9.35
C LEU B 372 -15.56 -11.18 -10.61
N ALA B 373 -14.94 -11.32 -11.76
CA ALA B 373 -15.64 -11.40 -13.03
C ALA B 373 -16.24 -12.77 -13.28
N LYS B 374 -15.98 -13.74 -12.39
CA LYS B 374 -16.45 -15.13 -12.55
C LYS B 374 -15.94 -15.73 -13.86
N VAL B 375 -14.63 -15.60 -14.08
CA VAL B 375 -13.93 -16.18 -15.21
C VAL B 375 -12.93 -17.17 -14.65
N THR B 376 -13.05 -18.42 -15.08
CA THR B 376 -12.14 -19.48 -14.65
C THR B 376 -10.68 -19.03 -14.70
N ILE B 377 -9.96 -19.29 -13.61
CA ILE B 377 -8.53 -19.04 -13.54
C ILE B 377 -7.99 -19.94 -12.45
N VAL B 378 -6.74 -20.36 -12.60
CA VAL B 378 -6.10 -21.20 -11.59
C VAL B 378 -4.81 -20.52 -11.17
N ASP B 379 -4.56 -20.48 -9.87
CA ASP B 379 -3.29 -19.93 -9.41
C ASP B 379 -2.19 -20.98 -9.56
N HIS B 380 -0.94 -20.53 -9.44
CA HIS B 380 0.18 -21.42 -9.69
C HIS B 380 0.31 -22.50 -8.62
N HIS B 381 -0.23 -22.27 -7.42
CA HIS B 381 -0.18 -23.29 -6.39
C HIS B 381 -1.15 -24.43 -6.67
N ALA B 382 -2.40 -24.07 -6.96
CA ALA B 382 -3.37 -25.09 -7.32
C ALA B 382 -2.94 -25.82 -8.59
N ALA B 383 -2.43 -25.08 -9.56
CA ALA B 383 -2.09 -25.69 -10.84
C ALA B 383 -0.96 -26.70 -10.69
N THR B 384 0.09 -26.34 -9.93
CA THR B 384 1.21 -27.25 -9.76
C THR B 384 0.84 -28.42 -8.86
N ALA B 385 -0.05 -28.21 -7.89
CA ALA B 385 -0.52 -29.34 -7.09
C ALA B 385 -1.31 -30.31 -7.96
N SER B 386 -2.13 -29.80 -8.86
CA SER B 386 -2.87 -30.71 -9.73
C SER B 386 -1.95 -31.40 -10.72
N PHE B 387 -0.88 -30.71 -11.14
CA PHE B 387 0.08 -31.35 -12.03
C PHE B 387 0.79 -32.51 -11.33
N MET B 388 1.09 -32.36 -10.04
CA MET B 388 1.69 -33.47 -9.30
C MET B 388 0.77 -34.69 -9.34
N LYS B 389 -0.53 -34.47 -9.15
CA LYS B 389 -1.47 -35.57 -9.28
C LYS B 389 -1.45 -36.12 -10.69
N HIS B 390 -1.26 -35.25 -11.69
CA HIS B 390 -1.20 -35.75 -13.06
C HIS B 390 -0.01 -36.69 -13.23
N LEU B 391 1.15 -36.29 -12.69
CA LEU B 391 2.36 -37.11 -12.78
C LEU B 391 2.15 -38.45 -12.12
N GLU B 392 1.46 -38.47 -10.98
CA GLU B 392 1.17 -39.74 -10.30
C GLU B 392 0.19 -40.58 -11.13
N ASN B 393 -0.90 -39.96 -11.60
CA ASN B 393 -1.81 -40.69 -12.48
C ASN B 393 -1.04 -41.26 -13.67
N GLU B 394 -0.15 -40.45 -14.27
CA GLU B 394 0.52 -40.89 -15.47
C GLU B 394 1.56 -41.97 -15.19
N GLN B 395 2.20 -41.93 -14.03
CA GLN B 395 3.12 -43.00 -13.66
C GLN B 395 2.41 -44.35 -13.61
N LYS B 396 1.21 -44.37 -13.00
CA LYS B 396 0.43 -45.61 -12.97
C LYS B 396 -0.07 -46.00 -14.35
N ALA B 397 -0.51 -45.01 -15.13
CA ALA B 397 -1.14 -45.28 -16.42
C ALA B 397 -0.14 -45.70 -17.48
N ARG B 398 0.96 -44.96 -17.61
CA ARG B 398 1.88 -45.15 -18.73
C ARG B 398 3.32 -45.36 -18.31
N GLY B 399 3.64 -45.35 -17.02
CA GLY B 399 5.02 -45.52 -16.59
C GLY B 399 5.85 -44.28 -16.73
N GLY B 400 5.26 -43.11 -16.58
CA GLY B 400 6.00 -41.89 -16.79
C GLY B 400 5.17 -40.78 -17.38
N CYS B 401 5.79 -39.62 -17.57
CA CYS B 401 5.12 -38.45 -18.09
C CYS B 401 6.15 -37.47 -18.64
N PRO B 402 6.07 -37.12 -19.93
CA PRO B 402 6.98 -36.11 -20.48
C PRO B 402 6.71 -34.75 -19.85
N ALA B 403 7.75 -34.16 -19.27
CA ALA B 403 7.54 -32.90 -18.57
C ALA B 403 8.78 -32.05 -18.68
N ASP B 404 8.59 -30.77 -18.97
CA ASP B 404 9.67 -29.81 -19.17
C ASP B 404 9.74 -28.95 -17.92
N TRP B 405 10.62 -29.33 -16.99
CA TRP B 405 10.71 -28.70 -15.67
C TRP B 405 10.69 -27.17 -15.77
N ALA B 406 11.51 -26.60 -16.65
CA ALA B 406 11.62 -25.15 -16.71
C ALA B 406 10.33 -24.46 -17.13
N TRP B 407 9.43 -25.15 -17.84
CA TRP B 407 8.14 -24.56 -18.17
C TRP B 407 7.07 -24.88 -17.14
N ILE B 408 7.19 -26.04 -16.47
CA ILE B 408 6.23 -26.46 -15.47
C ILE B 408 6.38 -25.63 -14.19
N VAL B 409 7.59 -25.38 -13.76
CA VAL B 409 7.85 -24.53 -12.58
C VAL B 409 7.40 -23.11 -12.87
N PRO B 410 6.51 -22.54 -12.07
CA PRO B 410 5.96 -21.21 -12.36
C PRO B 410 7.01 -20.11 -12.28
N PRO B 411 6.78 -18.99 -12.95
CA PRO B 411 7.81 -17.93 -13.04
C PRO B 411 7.95 -17.09 -11.78
N ILE B 412 7.04 -17.20 -10.81
CA ILE B 412 7.26 -16.66 -9.47
C ILE B 412 7.10 -17.83 -8.51
N SER B 413 7.76 -17.72 -7.36
CA SER B 413 7.57 -18.64 -6.26
C SER B 413 7.80 -20.08 -6.66
N GLY B 414 8.75 -20.30 -7.57
CA GLY B 414 9.08 -21.64 -8.04
C GLY B 414 9.20 -22.71 -6.96
N SER B 415 10.10 -22.52 -5.97
CA SER B 415 10.31 -23.59 -5.01
C SER B 415 9.23 -23.65 -3.95
N LEU B 416 8.29 -22.70 -3.94
CA LEU B 416 7.11 -22.88 -3.10
C LEU B 416 6.12 -23.86 -3.71
N THR B 417 6.29 -24.19 -5.02
CA THR B 417 5.36 -25.14 -5.58
C THR B 417 5.96 -26.53 -5.55
N PRO B 418 5.14 -27.58 -5.48
CA PRO B 418 5.71 -28.93 -5.36
C PRO B 418 6.45 -29.38 -6.61
N VAL B 419 6.16 -28.80 -7.78
CA VAL B 419 6.83 -29.26 -8.99
C VAL B 419 8.30 -28.89 -9.01
N PHE B 420 8.69 -27.83 -8.28
CA PHE B 420 10.09 -27.45 -8.25
C PHE B 420 10.96 -28.61 -7.75
N HIS B 421 10.44 -29.36 -6.78
CA HIS B 421 11.18 -30.42 -6.10
C HIS B 421 10.99 -31.77 -6.76
N GLN B 422 10.39 -31.78 -7.94
CA GLN B 422 10.14 -32.99 -8.71
C GLN B 422 11.10 -33.03 -9.89
N GLU B 423 11.97 -34.03 -9.94
CA GLU B 423 12.74 -34.25 -11.15
C GLU B 423 11.79 -34.69 -12.26
N MET B 424 12.09 -34.28 -13.48
CA MET B 424 11.22 -34.57 -14.61
C MET B 424 12.05 -35.01 -15.80
N VAL B 425 11.42 -35.80 -16.67
CA VAL B 425 12.05 -36.31 -17.88
C VAL B 425 11.32 -35.70 -19.06
N ASN B 426 12.06 -35.02 -19.92
CA ASN B 426 11.48 -34.34 -21.06
C ASN B 426 11.76 -35.16 -22.30
N TYR B 427 10.72 -35.44 -23.07
CA TYR B 427 10.85 -36.19 -24.31
C TYR B 427 9.61 -35.97 -25.15
N PHE B 428 9.68 -36.38 -26.41
CA PHE B 428 8.62 -36.12 -27.38
C PHE B 428 7.85 -37.41 -27.65
N LEU B 429 6.57 -37.41 -27.35
CA LEU B 429 5.66 -38.47 -27.73
C LEU B 429 4.69 -37.94 -28.78
N SER B 430 4.21 -38.84 -29.64
CA SER B 430 3.18 -38.50 -30.59
C SER B 430 1.94 -39.34 -30.30
N PRO B 431 0.72 -38.80 -30.51
CA PRO B 431 0.30 -37.49 -31.02
C PRO B 431 0.86 -36.30 -30.27
N ALA B 432 1.02 -35.18 -30.97
CA ALA B 432 1.72 -34.05 -30.37
C ALA B 432 1.26 -32.75 -30.99
N PHE B 433 1.40 -31.69 -30.21
CA PHE B 433 1.38 -30.35 -30.72
C PHE B 433 2.82 -29.90 -30.95
N ARG B 434 3.09 -29.36 -32.13
CA ARG B 434 4.42 -28.91 -32.53
C ARG B 434 4.36 -27.43 -32.89
N TYR B 435 5.45 -26.73 -32.63
CA TYR B 435 5.58 -25.42 -33.24
C TYR B 435 5.79 -25.58 -34.74
N GLN B 436 5.47 -24.54 -35.49
CA GLN B 436 5.66 -24.58 -36.94
C GLN B 436 6.07 -23.19 -37.39
N PRO B 437 6.69 -23.07 -38.54
CA PRO B 437 7.09 -21.74 -39.02
C PRO B 437 5.86 -20.87 -39.22
N ASP B 438 6.09 -19.57 -39.09
CA ASP B 438 5.05 -18.62 -39.43
C ASP B 438 4.78 -18.67 -40.93
N PRO B 439 3.53 -18.53 -41.35
CA PRO B 439 3.21 -18.65 -42.77
C PRO B 439 3.71 -17.50 -43.63
N TRP B 440 4.19 -16.40 -43.04
CA TRP B 440 4.69 -15.30 -43.86
C TRP B 440 6.22 -15.28 -43.97
N PHE C 28 -26.75 39.28 26.80
CA PHE C 28 -26.81 39.12 25.35
C PHE C 28 -25.42 39.08 24.74
N PRO C 29 -24.97 37.89 24.32
CA PRO C 29 -23.62 37.74 23.80
C PRO C 29 -23.33 38.69 22.65
N ARG C 30 -22.17 39.34 22.70
CA ARG C 30 -21.61 40.10 21.59
C ARG C 30 -20.93 39.16 20.61
N VAL C 31 -21.30 39.26 19.34
CA VAL C 31 -20.82 38.35 18.30
C VAL C 31 -20.21 39.19 17.19
N LYS C 32 -18.94 38.92 16.89
CA LYS C 32 -18.17 39.73 15.96
C LYS C 32 -17.85 38.93 14.70
N ASN C 33 -17.92 39.61 13.55
CA ASN C 33 -17.34 39.11 12.32
C ASN C 33 -15.98 39.74 12.15
N TRP C 34 -14.94 38.92 12.10
CA TRP C 34 -13.56 39.39 12.08
C TRP C 34 -13.06 39.76 10.69
N GLU C 35 -13.76 39.33 9.64
CA GLU C 35 -13.41 39.78 8.29
C GLU C 35 -13.90 41.20 8.06
N VAL C 36 -15.10 41.51 8.55
CA VAL C 36 -15.73 42.79 8.31
C VAL C 36 -15.62 43.72 9.51
N GLY C 37 -15.43 43.19 10.71
CA GLY C 37 -15.45 43.98 11.92
C GLY C 37 -16.84 44.27 12.44
N SER C 38 -17.88 43.76 11.79
CA SER C 38 -19.23 44.05 12.22
C SER C 38 -19.57 43.29 13.50
N ILE C 39 -20.43 43.91 14.30
CA ILE C 39 -20.86 43.42 15.59
C ILE C 39 -22.37 43.25 15.57
N THR C 40 -22.86 42.12 16.10
CA THR C 40 -24.27 41.95 16.45
C THR C 40 -24.36 41.41 17.87
N TYR C 41 -25.58 41.35 18.38
CA TYR C 41 -25.86 40.78 19.69
C TYR C 41 -26.91 39.68 19.53
N ASP C 42 -26.66 38.51 20.10
CA ASP C 42 -27.60 37.40 19.98
C ASP C 42 -28.60 37.48 21.13
N THR C 43 -29.76 38.08 20.87
CA THR C 43 -30.79 38.12 21.89
C THR C 43 -31.62 36.85 21.90
N LEU C 44 -31.58 36.07 20.82
CA LEU C 44 -32.38 34.85 20.73
C LEU C 44 -31.88 33.76 21.66
N SER C 45 -30.57 33.72 21.95
CA SER C 45 -30.04 32.72 22.88
C SER C 45 -30.68 32.80 24.25
N ALA C 46 -31.25 33.95 24.61
CA ALA C 46 -31.93 34.06 25.90
C ALA C 46 -33.13 33.10 25.99
N GLN C 47 -33.73 32.78 24.85
CA GLN C 47 -34.89 31.90 24.77
C GLN C 47 -34.50 30.42 24.62
N ALA C 48 -33.23 30.08 24.84
CA ALA C 48 -32.79 28.70 24.69
C ALA C 48 -33.47 27.82 25.71
N GLN C 49 -34.16 26.79 25.23
CA GLN C 49 -34.93 25.90 26.08
C GLN C 49 -34.01 24.96 26.87
N GLN C 50 -33.81 23.74 26.35
CA GLN C 50 -33.00 22.77 27.05
C GLN C 50 -31.54 23.23 27.09
N ASP C 51 -30.74 22.54 27.89
CA ASP C 51 -29.38 22.97 28.20
C ASP C 51 -28.36 22.15 27.44
N GLY C 52 -27.37 22.83 26.86
CA GLY C 52 -26.27 22.18 26.19
C GLY C 52 -25.24 21.66 27.19
N PRO C 53 -24.11 21.17 26.69
CA PRO C 53 -23.16 20.44 27.54
C PRO C 53 -22.09 21.30 28.19
N CYS C 54 -22.06 22.59 27.92
CA CYS C 54 -20.95 23.42 28.34
C CYS C 54 -21.22 23.98 29.73
N THR C 55 -20.16 24.28 30.46
CA THR C 55 -20.27 24.98 31.73
C THR C 55 -19.23 26.08 31.77
N PRO C 56 -19.35 27.02 32.72
CA PRO C 56 -18.26 27.99 32.92
C PRO C 56 -16.93 27.32 33.16
N ARG C 57 -16.92 26.09 33.69
CA ARG C 57 -15.66 25.42 33.95
C ARG C 57 -15.04 24.89 32.67
N ARG C 58 -15.83 24.38 31.73
CA ARG C 58 -15.22 23.83 30.53
C ARG C 58 -16.24 23.80 29.41
N CYS C 59 -15.72 23.99 28.20
CA CYS C 59 -16.52 24.02 26.98
C CYS C 59 -16.42 22.66 26.30
N LEU C 60 -17.58 22.05 26.04
CA LEU C 60 -17.67 20.79 25.32
C LEU C 60 -18.27 20.98 23.94
N GLY C 61 -18.09 22.17 23.35
CA GLY C 61 -18.71 22.45 22.08
C GLY C 61 -18.25 21.53 20.96
N SER C 62 -17.07 20.92 21.11
CA SER C 62 -16.55 20.06 20.05
C SER C 62 -17.08 18.63 20.11
N LEU C 63 -17.84 18.25 21.13
CA LEU C 63 -18.31 16.88 21.23
C LEU C 63 -19.49 16.67 20.28
N VAL C 64 -19.44 15.55 19.55
CA VAL C 64 -20.49 15.27 18.56
C VAL C 64 -21.82 14.98 19.26
N PHE C 65 -21.83 14.05 20.20
CA PHE C 65 -23.00 13.78 21.03
C PHE C 65 -22.69 14.16 22.48
N PRO C 66 -23.14 15.34 22.96
CA PRO C 66 -22.87 15.91 24.29
C PRO C 66 -22.88 14.90 25.45
N ALA C 79 -45.75 12.21 33.22
CA ALA C 79 -45.52 13.66 33.19
C ALA C 79 -46.49 14.35 32.25
N PRO C 80 -47.76 14.45 32.65
CA PRO C 80 -48.74 15.18 31.81
C PRO C 80 -48.55 16.69 31.83
N GLU C 81 -48.13 17.26 32.97
CA GLU C 81 -47.87 18.69 33.01
C GLU C 81 -46.66 19.06 32.18
N GLN C 82 -45.65 18.20 32.18
CA GLN C 82 -44.47 18.39 31.34
C GLN C 82 -44.86 18.57 29.88
N LEU C 83 -45.71 17.68 29.38
CA LEU C 83 -46.15 17.76 27.99
C LEU C 83 -46.88 19.07 27.72
N LEU C 84 -47.70 19.51 28.67
CA LEU C 84 -48.52 20.70 28.47
C LEU C 84 -47.66 21.94 28.29
N SER C 85 -46.69 22.14 29.19
CA SER C 85 -45.87 23.34 29.14
C SER C 85 -45.17 23.48 27.79
N GLN C 86 -44.60 22.38 27.28
CA GLN C 86 -43.97 22.41 25.97
C GLN C 86 -45.00 22.67 24.88
N ALA C 87 -46.12 21.93 24.92
CA ALA C 87 -47.17 22.10 23.93
C ALA C 87 -47.69 23.53 23.94
N ARG C 88 -47.92 24.07 25.14
CA ARG C 88 -48.43 25.43 25.24
C ARG C 88 -47.48 26.43 24.60
N ASP C 89 -46.19 26.33 24.90
CA ASP C 89 -45.26 27.33 24.38
C ASP C 89 -45.01 27.19 22.89
N PHE C 90 -45.19 25.99 22.31
CA PHE C 90 -45.13 25.89 20.86
C PHE C 90 -46.35 26.54 20.20
N ILE C 91 -47.53 26.47 20.84
CA ILE C 91 -48.71 27.08 20.23
C ILE C 91 -48.56 28.59 20.17
N ASN C 92 -47.96 29.18 21.21
CA ASN C 92 -47.77 30.63 21.23
C ASN C 92 -46.75 31.06 20.18
N GLN C 93 -45.66 30.30 20.06
CA GLN C 93 -44.73 30.48 18.94
C GLN C 93 -45.48 30.54 17.62
N TYR C 94 -46.23 29.47 17.35
CA TYR C 94 -46.96 29.39 16.08
C TYR C 94 -47.87 30.60 15.88
N TYR C 95 -48.64 30.98 16.89
CA TYR C 95 -49.61 32.03 16.62
C TYR C 95 -48.93 33.40 16.51
N SER C 96 -47.87 33.63 17.27
CA SER C 96 -47.06 34.82 17.05
C SER C 96 -46.52 34.85 15.63
N SER C 97 -46.05 33.71 15.14
CA SER C 97 -45.45 33.64 13.81
C SER C 97 -46.45 33.90 12.68
N ILE C 98 -47.75 33.82 12.94
CA ILE C 98 -48.75 34.12 11.93
C ILE C 98 -49.50 35.40 12.24
N LYS C 99 -48.95 36.26 13.10
CA LYS C 99 -49.55 37.53 13.50
C LYS C 99 -50.93 37.34 14.13
N ARG C 100 -51.21 36.17 14.68
CA ARG C 100 -52.49 35.85 15.28
C ARG C 100 -52.32 35.51 16.76
N SER C 101 -51.41 36.20 17.44
CA SER C 101 -51.11 35.89 18.82
C SER C 101 -52.15 36.49 19.74
N GLY C 102 -52.62 35.68 20.69
CA GLY C 102 -53.66 36.11 21.61
C GLY C 102 -55.03 36.26 21.00
N SER C 103 -55.18 35.95 19.72
CA SER C 103 -56.47 36.04 19.05
C SER C 103 -57.42 34.95 19.54
N GLN C 104 -58.59 34.87 18.91
CA GLN C 104 -59.59 33.90 19.31
C GLN C 104 -59.18 32.49 18.94
N ALA C 105 -58.59 32.30 17.76
CA ALA C 105 -58.14 30.97 17.36
C ALA C 105 -57.01 30.48 18.27
N HIS C 106 -56.22 31.39 18.82
CA HIS C 106 -55.16 30.99 19.73
C HIS C 106 -55.72 30.28 20.96
N GLU C 107 -56.81 30.81 21.53
CA GLU C 107 -57.31 30.25 22.78
C GLU C 107 -57.98 28.89 22.57
N GLN C 108 -58.67 28.71 21.44
CA GLN C 108 -59.35 27.45 21.19
C GLN C 108 -58.34 26.31 21.08
N ARG C 109 -57.27 26.54 20.31
CA ARG C 109 -56.22 25.54 20.19
C ARG C 109 -55.64 25.18 21.56
N LEU C 110 -55.42 26.18 22.41
CA LEU C 110 -54.86 25.91 23.73
C LEU C 110 -55.76 25.00 24.55
N GLN C 111 -57.05 25.36 24.66
CA GLN C 111 -58.00 24.53 25.37
C GLN C 111 -58.13 23.15 24.73
N GLU C 112 -58.02 23.08 23.41
CA GLU C 112 -58.12 21.79 22.74
C GLU C 112 -56.96 20.87 23.13
N VAL C 113 -55.73 21.41 23.09
CA VAL C 113 -54.58 20.64 23.53
C VAL C 113 -54.76 20.18 24.96
N GLU C 114 -55.18 21.10 25.84
CA GLU C 114 -55.46 20.74 27.23
C GLU C 114 -56.41 19.56 27.35
N ALA C 115 -57.55 19.62 26.65
CA ALA C 115 -58.54 18.56 26.80
C ALA C 115 -58.05 17.25 26.22
N GLU C 116 -57.29 17.32 25.12
CA GLU C 116 -56.84 16.10 24.45
C GLU C 116 -55.84 15.34 25.32
N VAL C 117 -54.89 16.04 25.93
CA VAL C 117 -53.94 15.35 26.80
C VAL C 117 -54.63 14.88 28.07
N ALA C 118 -55.64 15.61 28.55
CA ALA C 118 -56.45 15.13 29.66
C ALA C 118 -57.19 13.85 29.30
N ALA C 119 -57.75 13.80 28.07
CA ALA C 119 -58.44 12.60 27.62
C ALA C 119 -57.47 11.44 27.38
N THR C 120 -56.44 11.65 26.55
CA THR C 120 -55.65 10.53 26.05
C THR C 120 -54.21 10.48 26.55
N GLY C 121 -53.68 11.57 27.10
CA GLY C 121 -52.29 11.61 27.54
C GLY C 121 -51.33 12.22 26.55
N THR C 122 -51.79 12.55 25.35
CA THR C 122 -50.99 13.18 24.32
C THR C 122 -51.91 14.10 23.53
N TYR C 123 -51.44 14.64 22.41
CA TYR C 123 -52.33 15.44 21.58
C TYR C 123 -51.85 15.41 20.13
N GLN C 124 -52.74 15.82 19.24
CA GLN C 124 -52.47 15.81 17.81
C GLN C 124 -52.17 17.22 17.31
N LEU C 125 -51.15 17.32 16.45
CA LEU C 125 -50.86 18.58 15.77
C LEU C 125 -51.79 18.78 14.59
N ARG C 126 -52.29 20.01 14.43
CA ARG C 126 -52.90 20.41 13.16
C ARG C 126 -51.84 20.35 12.07
N GLU C 127 -52.27 20.07 10.84
CA GLU C 127 -51.28 19.91 9.77
C GLU C 127 -50.44 21.16 9.57
N SER C 128 -51.04 22.34 9.76
CA SER C 128 -50.27 23.57 9.61
C SER C 128 -49.21 23.67 10.70
N GLU C 129 -49.61 23.44 11.96
CA GLU C 129 -48.66 23.37 13.07
C GLU C 129 -47.56 22.36 12.80
N LEU C 130 -47.91 21.21 12.22
CA LEU C 130 -46.90 20.20 11.90
C LEU C 130 -45.91 20.73 10.87
N VAL C 131 -46.41 21.43 9.85
CA VAL C 131 -45.53 22.00 8.83
C VAL C 131 -44.65 23.09 9.44
N PHE C 132 -45.25 24.03 10.18
CA PHE C 132 -44.46 25.08 10.81
C PHE C 132 -43.42 24.51 11.76
N GLY C 133 -43.74 23.40 12.44
CA GLY C 133 -42.83 22.83 13.41
C GLY C 133 -41.66 22.10 12.78
N ALA C 134 -41.92 21.40 11.67
CA ALA C 134 -40.83 20.80 10.92
C ALA C 134 -39.89 21.87 10.37
N LYS C 135 -40.43 22.94 9.80
CA LYS C 135 -39.56 24.00 9.27
C LYS C 135 -38.77 24.67 10.38
N GLN C 136 -39.42 24.92 11.53
CA GLN C 136 -38.72 25.53 12.65
C GLN C 136 -37.64 24.62 13.21
N ALA C 137 -37.85 23.31 13.19
CA ALA C 137 -36.82 22.42 13.70
C ALA C 137 -35.60 22.43 12.80
N TRP C 138 -35.82 22.54 11.48
CA TRP C 138 -34.72 22.74 10.55
C TRP C 138 -34.05 24.09 10.81
N ARG C 139 -34.85 25.15 10.87
CA ARG C 139 -34.35 26.50 11.13
C ARG C 139 -33.53 26.58 12.41
N ASN C 140 -33.85 25.75 13.40
CA ASN C 140 -33.16 25.78 14.68
C ASN C 140 -31.97 24.83 14.77
N ALA C 141 -31.76 24.02 13.75
CA ALA C 141 -30.68 23.02 13.76
C ALA C 141 -29.32 23.70 13.71
N PRO C 142 -28.54 23.72 14.78
CA PRO C 142 -27.33 24.57 14.80
C PRO C 142 -26.23 24.09 13.86
N ARG C 143 -26.11 22.80 13.60
CA ARG C 143 -25.03 22.31 12.76
C ARG C 143 -25.35 22.31 11.28
N CYS C 144 -26.50 22.84 10.88
CA CYS C 144 -26.93 22.79 9.49
C CYS C 144 -26.51 24.06 8.77
N VAL C 145 -25.58 23.93 7.81
CA VAL C 145 -25.22 25.08 6.97
C VAL C 145 -26.26 25.37 5.90
N GLY C 146 -27.23 24.50 5.69
CA GLY C 146 -28.15 24.70 4.59
C GLY C 146 -29.41 25.48 4.92
N ARG C 147 -29.42 26.20 6.04
CA ARG C 147 -30.69 26.71 6.55
C ARG C 147 -31.24 27.93 5.82
N ILE C 148 -30.50 28.53 4.89
CA ILE C 148 -31.09 29.58 4.06
C ILE C 148 -32.36 29.06 3.40
N GLN C 149 -32.44 27.75 3.18
CA GLN C 149 -33.57 27.09 2.53
C GLN C 149 -34.69 26.72 3.49
N TRP C 150 -34.62 27.15 4.75
CA TRP C 150 -35.48 26.55 5.78
C TRP C 150 -36.95 26.73 5.51
N GLY C 151 -37.36 27.83 4.88
CA GLY C 151 -38.76 28.03 4.63
C GLY C 151 -39.33 27.25 3.47
N LYS C 152 -38.46 26.62 2.68
CA LYS C 152 -38.81 25.85 1.49
C LYS C 152 -38.61 24.38 1.83
N LEU C 153 -39.65 23.77 2.41
CA LEU C 153 -39.59 22.38 2.84
C LEU C 153 -40.94 21.72 2.56
N GLN C 154 -40.90 20.54 1.96
CA GLN C 154 -42.09 19.77 1.64
C GLN C 154 -42.35 18.80 2.79
N VAL C 155 -43.46 18.99 3.50
CA VAL C 155 -43.77 18.19 4.66
C VAL C 155 -44.80 17.13 4.27
N PHE C 156 -44.38 15.87 4.33
CA PHE C 156 -45.26 14.75 4.01
C PHE C 156 -45.80 14.20 5.32
N ASP C 157 -47.12 14.29 5.50
CA ASP C 157 -47.77 13.82 6.72
C ASP C 157 -48.01 12.31 6.60
N ALA C 158 -47.24 11.53 7.35
CA ALA C 158 -47.38 10.08 7.38
C ALA C 158 -47.91 9.58 8.71
N ARG C 159 -48.56 10.46 9.49
CA ARG C 159 -49.03 10.11 10.82
C ARG C 159 -50.20 9.13 10.81
N ASP C 160 -50.66 8.68 9.65
CA ASP C 160 -51.65 7.60 9.58
C ASP C 160 -51.01 6.27 9.18
N CYS C 161 -49.69 6.19 9.19
CA CYS C 161 -49.00 4.94 8.90
C CYS C 161 -49.23 3.93 10.01
N ARG C 162 -49.25 2.65 9.64
CA ARG C 162 -49.53 1.60 10.61
C ARG C 162 -48.78 0.30 10.36
N SER C 163 -47.95 0.21 9.32
CA SER C 163 -47.20 -1.00 9.06
C SER C 163 -45.86 -0.62 8.44
N ALA C 164 -44.89 -1.52 8.59
CA ALA C 164 -43.60 -1.31 7.91
C ALA C 164 -43.78 -1.27 6.39
N GLN C 165 -44.74 -2.02 5.86
CA GLN C 165 -45.01 -1.95 4.43
C GLN C 165 -45.55 -0.58 4.03
N GLU C 166 -46.36 0.03 4.90
CA GLU C 166 -46.85 1.38 4.62
C GLU C 166 -45.75 2.40 4.85
N MET C 167 -44.94 2.22 5.89
CA MET C 167 -43.76 3.03 6.05
C MET C 167 -42.92 3.01 4.78
N PHE C 168 -42.73 1.83 4.21
CA PHE C 168 -41.91 1.70 3.00
C PHE C 168 -42.50 2.50 1.84
N THR C 169 -43.83 2.52 1.72
CA THR C 169 -44.44 3.25 0.63
C THR C 169 -44.32 4.76 0.83
N TYR C 170 -44.52 5.23 2.06
CA TYR C 170 -44.25 6.63 2.35
C TYR C 170 -42.80 7.00 2.05
N ILE C 171 -41.86 6.12 2.40
CA ILE C 171 -40.45 6.45 2.22
C ILE C 171 -40.11 6.50 0.74
N CYS C 172 -40.60 5.53 -0.04
CA CYS C 172 -40.34 5.54 -1.47
C CYS C 172 -40.96 6.75 -2.14
N ASN C 173 -42.12 7.20 -1.65
CA ASN C 173 -42.73 8.42 -2.19
C ASN C 173 -41.88 9.63 -1.87
N HIS C 174 -41.38 9.71 -0.63
CA HIS C 174 -40.44 10.75 -0.25
C HIS C 174 -39.23 10.73 -1.18
N ILE C 175 -38.57 9.58 -1.28
CA ILE C 175 -37.37 9.48 -2.12
C ILE C 175 -37.68 9.91 -3.55
N LYS C 176 -38.81 9.43 -4.09
CA LYS C 176 -39.23 9.82 -5.43
C LYS C 176 -39.45 11.33 -5.54
N TYR C 177 -40.24 11.90 -4.63
CA TYR C 177 -40.46 13.34 -4.67
C TYR C 177 -39.16 14.13 -4.50
N ALA C 178 -38.35 13.73 -3.51
CA ALA C 178 -37.18 14.53 -3.16
C ALA C 178 -36.10 14.45 -4.22
N THR C 179 -35.97 13.29 -4.88
CA THR C 179 -34.96 13.14 -5.92
C THR C 179 -35.32 13.98 -7.14
N ASN C 180 -36.53 13.77 -7.68
CA ASN C 180 -37.04 14.61 -8.76
C ASN C 180 -36.11 14.61 -9.97
N ARG C 181 -35.63 13.41 -10.35
CA ARG C 181 -34.72 13.23 -11.48
C ARG C 181 -33.45 14.08 -11.34
N GLY C 182 -33.02 14.35 -10.11
CA GLY C 182 -31.79 15.05 -9.87
C GLY C 182 -31.95 16.52 -9.52
N ASN C 183 -33.14 17.09 -9.72
CA ASN C 183 -33.41 18.46 -9.30
C ASN C 183 -33.99 18.40 -7.89
N LEU C 184 -33.10 18.32 -6.91
CA LEU C 184 -33.48 17.92 -5.56
C LEU C 184 -34.34 18.96 -4.88
N ARG C 185 -35.27 18.47 -4.06
CA ARG C 185 -36.26 19.28 -3.34
C ARG C 185 -36.30 18.80 -1.90
N SER C 186 -36.25 19.74 -0.96
CA SER C 186 -36.19 19.36 0.44
C SER C 186 -37.53 18.79 0.88
N ALA C 187 -37.47 17.80 1.76
CA ALA C 187 -38.69 17.12 2.17
C ALA C 187 -38.49 16.47 3.52
N ILE C 188 -39.59 16.29 4.23
CA ILE C 188 -39.62 15.49 5.44
C ILE C 188 -40.93 14.71 5.46
N THR C 189 -40.84 13.44 5.84
CA THR C 189 -42.01 12.60 6.03
C THR C 189 -42.14 12.33 7.53
N VAL C 190 -43.25 12.76 8.12
CA VAL C 190 -43.46 12.69 9.56
C VAL C 190 -44.37 11.51 9.86
N PHE C 191 -43.80 10.48 10.47
CA PHE C 191 -44.51 9.27 10.88
C PHE C 191 -45.13 9.46 12.26
N PRO C 192 -45.95 8.52 12.74
CA PRO C 192 -46.67 8.75 14.00
C PRO C 192 -45.75 9.00 15.18
N GLN C 193 -46.19 9.90 16.04
CA GLN C 193 -45.49 10.22 17.27
C GLN C 193 -45.52 9.04 18.23
N ARG C 194 -44.58 9.05 19.16
CA ARG C 194 -44.64 8.10 20.27
C ARG C 194 -45.78 8.48 21.21
N CYS C 195 -46.23 7.51 22.00
CA CYS C 195 -47.21 7.74 23.05
C CYS C 195 -47.13 6.58 24.03
N PRO C 196 -47.68 6.75 25.24
CA PRO C 196 -47.50 5.73 26.28
C PRO C 196 -48.08 4.38 25.88
N GLY C 197 -47.47 3.32 26.42
CA GLY C 197 -47.96 1.96 26.25
C GLY C 197 -47.88 1.43 24.83
N ARG C 198 -47.62 2.32 23.89
CA ARG C 198 -47.54 2.00 22.47
C ARG C 198 -46.09 2.04 22.03
N GLY C 199 -45.76 1.25 21.01
CA GLY C 199 -44.39 1.15 20.54
C GLY C 199 -43.88 2.41 19.86
N ASP C 200 -43.02 2.23 18.86
CA ASP C 200 -42.45 3.36 18.14
C ASP C 200 -42.14 2.98 16.70
N PHE C 201 -42.37 3.92 15.79
CA PHE C 201 -41.86 3.79 14.44
C PHE C 201 -40.40 4.22 14.43
N ARG C 202 -39.53 3.34 13.94
CA ARG C 202 -38.11 3.62 13.86
C ARG C 202 -37.58 3.15 12.52
N ILE C 203 -36.86 4.04 11.82
CA ILE C 203 -36.05 3.65 10.68
C ILE C 203 -34.66 3.31 11.22
N TRP C 204 -34.30 2.04 11.22
CA TRP C 204 -33.05 1.61 11.82
C TRP C 204 -31.84 2.17 11.08
N ASN C 205 -31.94 2.34 9.76
CA ASN C 205 -30.84 2.91 9.00
C ASN C 205 -30.63 4.37 9.40
N SER C 206 -29.37 4.79 9.45
CA SER C 206 -29.09 6.19 9.75
C SER C 206 -29.51 7.10 8.60
N GLN C 207 -29.47 6.59 7.38
CA GLN C 207 -29.90 7.33 6.20
C GLN C 207 -30.72 6.40 5.31
N LEU C 208 -31.60 7.00 4.51
CA LEU C 208 -32.35 6.21 3.55
C LEU C 208 -31.44 5.49 2.58
N VAL C 209 -30.39 6.17 2.12
CA VAL C 209 -29.41 5.58 1.21
C VAL C 209 -28.09 5.44 1.96
N ARG C 210 -27.66 4.20 2.14
CA ARG C 210 -26.40 3.88 2.81
C ARG C 210 -25.72 2.75 2.07
N TYR C 211 -24.42 2.90 1.79
CA TYR C 211 -23.65 1.83 1.18
C TYR C 211 -23.21 0.83 2.24
N ALA C 212 -23.27 -0.46 1.89
CA ALA C 212 -22.90 -1.49 2.83
C ALA C 212 -21.44 -1.38 3.25
N GLY C 213 -21.15 -1.89 4.44
CA GLY C 213 -19.78 -2.08 4.89
C GLY C 213 -19.60 -3.50 5.37
N TYR C 214 -18.70 -4.25 4.73
CA TYR C 214 -18.52 -5.66 5.01
C TYR C 214 -17.20 -5.87 5.73
N ARG C 215 -17.26 -6.44 6.94
CA ARG C 215 -16.05 -6.89 7.60
C ARG C 215 -15.34 -7.95 6.76
N GLN C 216 -14.02 -7.82 6.66
CA GLN C 216 -13.21 -8.73 5.85
C GLN C 216 -12.36 -9.63 6.75
N GLN C 217 -11.94 -10.76 6.18
CA GLN C 217 -10.92 -11.59 6.82
C GLN C 217 -9.59 -10.87 6.92
N ASP C 218 -9.38 -9.85 6.08
CA ASP C 218 -8.31 -8.89 6.27
C ASP C 218 -8.43 -8.17 7.60
N GLY C 219 -9.61 -8.23 8.23
CA GLY C 219 -9.95 -7.35 9.33
C GLY C 219 -10.45 -5.99 8.88
N SER C 220 -10.22 -5.61 7.63
CA SER C 220 -10.63 -4.33 7.09
C SER C 220 -12.13 -4.35 6.79
N VAL C 221 -12.60 -3.29 6.14
CA VAL C 221 -13.97 -3.18 5.68
C VAL C 221 -13.94 -2.89 4.19
N ARG C 222 -14.73 -3.65 3.43
CA ARG C 222 -15.01 -3.31 2.05
C ARG C 222 -16.31 -2.53 2.01
N GLY C 223 -16.25 -1.35 1.39
CA GLY C 223 -17.39 -0.46 1.39
C GLY C 223 -17.27 0.60 2.47
N ASP C 224 -18.39 0.98 3.07
CA ASP C 224 -18.40 2.11 3.99
C ASP C 224 -18.23 1.59 5.42
N PRO C 225 -17.12 1.89 6.09
CA PRO C 225 -16.96 1.43 7.49
C PRO C 225 -18.00 2.03 8.42
N ALA C 226 -18.56 3.20 8.08
CA ALA C 226 -19.63 3.79 8.87
C ALA C 226 -20.83 2.86 9.03
N ASN C 227 -21.04 1.96 8.08
CA ASN C 227 -22.27 1.17 8.05
C ASN C 227 -22.04 -0.30 8.33
N VAL C 228 -20.98 -0.65 9.06
CA VAL C 228 -20.70 -2.05 9.36
C VAL C 228 -21.78 -2.64 10.25
N GLU C 229 -22.24 -1.87 11.24
CA GLU C 229 -23.28 -2.35 12.15
C GLU C 229 -24.59 -2.58 11.40
N ILE C 230 -25.04 -1.58 10.63
CA ILE C 230 -26.32 -1.72 9.95
C ILE C 230 -26.22 -2.76 8.84
N THR C 231 -25.03 -2.96 8.28
CA THR C 231 -24.86 -4.04 7.31
C THR C 231 -24.98 -5.40 7.99
N GLU C 232 -24.45 -5.53 9.21
CA GLU C 232 -24.67 -6.75 9.98
C GLU C 232 -26.15 -6.95 10.30
N LEU C 233 -26.85 -5.87 10.65
CA LEU C 233 -28.25 -5.97 11.02
C LEU C 233 -29.12 -6.38 9.84
N CYS C 234 -28.83 -5.86 8.65
CA CYS C 234 -29.60 -6.26 7.48
C CYS C 234 -29.33 -7.72 7.12
N ILE C 235 -28.09 -8.18 7.31
CA ILE C 235 -27.76 -9.56 6.97
C ILE C 235 -28.52 -10.53 7.88
N GLN C 236 -28.66 -10.18 9.16
CA GLN C 236 -29.48 -10.98 10.06
C GLN C 236 -30.94 -10.96 9.62
N HIS C 237 -31.60 -9.81 9.76
CA HIS C 237 -33.02 -9.69 9.46
C HIS C 237 -33.32 -9.86 7.98
N GLY C 238 -32.69 -10.84 7.33
CA GLY C 238 -33.09 -11.20 5.99
C GLY C 238 -32.05 -11.04 4.89
N TRP C 239 -31.48 -9.84 4.75
CA TRP C 239 -30.78 -9.48 3.52
C TRP C 239 -29.62 -10.42 3.23
N THR C 240 -29.53 -10.86 1.98
CA THR C 240 -28.31 -11.52 1.55
C THR C 240 -27.37 -10.50 0.90
N PRO C 241 -26.09 -10.51 1.24
CA PRO C 241 -25.23 -9.36 0.97
C PRO C 241 -24.52 -9.38 -0.38
N GLY C 242 -24.23 -8.18 -0.87
CA GLY C 242 -23.38 -8.02 -2.03
C GLY C 242 -21.92 -8.11 -1.65
N ASN C 243 -21.06 -7.79 -2.61
CA ASN C 243 -19.62 -7.79 -2.32
C ASN C 243 -18.94 -6.58 -2.93
N GLY C 244 -19.67 -5.48 -3.09
CA GLY C 244 -19.13 -4.28 -3.70
C GLY C 244 -18.83 -3.20 -2.68
N ARG C 245 -18.05 -2.21 -3.13
CA ARG C 245 -17.76 -1.05 -2.31
C ARG C 245 -18.97 -0.13 -2.20
N PHE C 246 -19.92 -0.24 -3.11
CA PHE C 246 -21.06 0.68 -3.13
C PHE C 246 -22.37 -0.08 -3.27
N ASP C 247 -22.56 -1.09 -2.42
CA ASP C 247 -23.82 -1.83 -2.35
C ASP C 247 -24.82 -1.04 -1.50
N VAL C 248 -25.90 -0.58 -2.11
CA VAL C 248 -26.95 0.14 -1.40
C VAL C 248 -27.64 -0.80 -0.41
N LEU C 249 -27.76 -0.36 0.83
CA LEU C 249 -28.34 -1.22 1.86
C LEU C 249 -29.86 -1.26 1.74
N PRO C 250 -30.47 -2.36 2.19
CA PRO C 250 -31.92 -2.37 2.38
C PRO C 250 -32.30 -1.48 3.56
N LEU C 251 -33.59 -1.23 3.67
CA LEU C 251 -34.13 -0.47 4.79
C LEU C 251 -34.66 -1.42 5.85
N LEU C 252 -34.24 -1.19 7.09
CA LEU C 252 -34.78 -1.93 8.24
C LEU C 252 -35.79 -1.00 8.91
N LEU C 253 -37.03 -1.08 8.45
CA LEU C 253 -38.12 -0.28 8.98
C LEU C 253 -38.81 -1.03 10.10
N GLN C 254 -39.26 -0.30 11.11
CA GLN C 254 -39.79 -0.91 12.33
C GLN C 254 -41.09 -0.22 12.70
N ALA C 255 -42.20 -0.96 12.55
CA ALA C 255 -43.49 -0.54 13.05
C ALA C 255 -43.59 -0.84 14.54
N PRO C 256 -44.47 -0.16 15.26
CA PRO C 256 -44.48 -0.26 16.73
C PRO C 256 -44.68 -1.69 17.22
N ASP C 257 -43.82 -2.10 18.17
CA ASP C 257 -43.95 -3.37 18.87
C ASP C 257 -43.81 -4.56 17.93
N GLU C 258 -43.09 -4.37 16.83
CA GLU C 258 -42.82 -5.43 15.86
C GLU C 258 -41.32 -5.51 15.60
N PRO C 259 -40.78 -6.71 15.44
CA PRO C 259 -39.44 -6.83 14.86
C PRO C 259 -39.38 -6.14 13.51
N PRO C 260 -38.27 -5.50 13.17
CA PRO C 260 -38.23 -4.71 11.94
C PRO C 260 -38.23 -5.59 10.71
N GLU C 261 -38.78 -5.05 9.62
CA GLU C 261 -38.90 -5.78 8.37
C GLU C 261 -37.94 -5.21 7.33
N LEU C 262 -37.30 -6.11 6.58
CA LEU C 262 -36.30 -5.74 5.60
C LEU C 262 -36.97 -5.39 4.27
N PHE C 263 -36.65 -4.21 3.74
CA PHE C 263 -37.18 -3.75 2.46
C PHE C 263 -36.04 -3.34 1.56
N LEU C 264 -36.08 -3.78 0.31
CA LEU C 264 -35.07 -3.42 -0.67
C LEU C 264 -35.57 -2.24 -1.49
N LEU C 265 -34.70 -1.26 -1.69
CA LEU C 265 -35.07 -0.06 -2.42
C LEU C 265 -34.98 -0.32 -3.91
N PRO C 266 -36.02 -0.02 -4.68
CA PRO C 266 -35.95 -0.22 -6.13
C PRO C 266 -34.79 0.55 -6.72
N PRO C 267 -33.86 -0.14 -7.40
CA PRO C 267 -32.63 0.53 -7.86
C PRO C 267 -32.89 1.80 -8.66
N GLU C 268 -33.98 1.85 -9.42
CA GLU C 268 -34.35 3.05 -10.16
C GLU C 268 -34.86 4.18 -9.25
N LEU C 269 -35.12 3.88 -7.97
CA LEU C 269 -35.47 4.93 -7.03
C LEU C 269 -34.24 5.61 -6.45
N VAL C 270 -33.10 4.93 -6.45
CA VAL C 270 -31.89 5.40 -5.78
C VAL C 270 -30.96 5.98 -6.84
N LEU C 271 -31.00 7.30 -6.99
CA LEU C 271 -30.19 7.98 -7.99
C LEU C 271 -28.76 8.07 -7.51
N GLU C 272 -27.82 7.57 -8.31
CA GLU C 272 -26.41 7.66 -7.97
C GLU C 272 -25.63 8.37 -9.07
N VAL C 273 -24.49 8.92 -8.67
CA VAL C 273 -23.62 9.69 -9.53
C VAL C 273 -22.27 9.01 -9.59
N PRO C 274 -21.93 8.35 -10.68
CA PRO C 274 -20.56 7.85 -10.85
C PRO C 274 -19.64 9.05 -10.89
N LEU C 275 -18.49 8.93 -10.24
CA LEU C 275 -17.61 10.06 -10.07
C LEU C 275 -16.51 10.02 -11.12
N GLU C 276 -16.31 11.14 -11.80
CA GLU C 276 -15.23 11.30 -12.75
C GLU C 276 -14.65 12.69 -12.56
N HIS C 277 -13.47 12.88 -13.09
CA HIS C 277 -12.81 14.15 -12.92
C HIS C 277 -12.74 14.89 -14.25
N PRO C 278 -12.90 16.22 -14.26
CA PRO C 278 -12.94 16.93 -15.54
C PRO C 278 -11.70 16.76 -16.38
N THR C 279 -10.53 16.55 -15.78
CA THR C 279 -9.29 16.49 -16.53
C THR C 279 -8.41 15.30 -16.18
N LEU C 280 -8.63 14.65 -15.05
CA LEU C 280 -7.86 13.46 -14.66
C LEU C 280 -8.65 12.27 -15.17
N GLU C 281 -8.28 11.79 -16.38
CA GLU C 281 -9.11 10.81 -17.08
C GLU C 281 -9.20 9.50 -16.32
N TRP C 282 -8.18 9.19 -15.51
CA TRP C 282 -8.13 7.95 -14.75
C TRP C 282 -9.05 7.96 -13.52
N PHE C 283 -9.63 9.11 -13.16
CA PHE C 283 -10.43 9.15 -11.93
C PHE C 283 -11.67 8.28 -12.06
N ALA C 284 -12.34 8.31 -13.22
CA ALA C 284 -13.49 7.44 -13.42
C ALA C 284 -13.14 6.00 -13.13
N ALA C 285 -11.94 5.56 -13.53
CA ALA C 285 -11.60 4.15 -13.38
C ALA C 285 -11.48 3.72 -11.92
N LEU C 286 -11.39 4.66 -10.97
CA LEU C 286 -11.40 4.25 -9.58
C LEU C 286 -12.73 3.67 -9.14
N GLY C 287 -13.77 3.78 -9.96
CA GLY C 287 -15.06 3.18 -9.67
C GLY C 287 -15.83 3.87 -8.56
N LEU C 288 -15.44 5.09 -8.21
CA LEU C 288 -16.11 5.78 -7.12
C LEU C 288 -17.49 6.24 -7.55
N ARG C 289 -18.43 6.20 -6.61
CA ARG C 289 -19.80 6.62 -6.84
C ARG C 289 -20.31 7.24 -5.55
N TRP C 290 -21.31 8.11 -5.68
CA TRP C 290 -22.13 8.44 -4.52
C TRP C 290 -23.56 8.64 -4.98
N TYR C 291 -24.45 8.74 -4.01
CA TYR C 291 -25.87 8.83 -4.28
C TYR C 291 -26.35 10.28 -4.16
N ALA C 292 -27.47 10.54 -4.81
CA ALA C 292 -27.96 11.92 -4.95
C ALA C 292 -28.53 12.46 -3.63
N LEU C 293 -29.23 11.62 -2.89
CA LEU C 293 -30.16 12.12 -1.88
C LEU C 293 -29.61 11.98 -0.48
N PRO C 294 -29.20 13.06 0.19
CA PRO C 294 -28.88 12.98 1.63
C PRO C 294 -30.17 13.01 2.42
N ALA C 295 -30.53 11.88 3.02
CA ALA C 295 -31.82 11.73 3.69
C ALA C 295 -31.58 11.08 5.04
N VAL C 296 -31.54 11.90 6.08
CA VAL C 296 -31.27 11.44 7.43
C VAL C 296 -32.54 10.85 8.01
N SER C 297 -32.45 9.61 8.50
CA SER C 297 -33.62 8.82 8.87
C SER C 297 -33.57 8.31 10.30
N ASN C 298 -32.60 8.74 11.10
CA ASN C 298 -32.43 8.20 12.44
C ASN C 298 -32.55 9.26 13.52
N MET C 299 -32.99 10.47 13.20
CA MET C 299 -33.14 11.52 14.19
C MET C 299 -34.60 11.66 14.60
N LEU C 300 -34.79 12.17 15.81
CA LEU C 300 -36.12 12.37 16.39
C LEU C 300 -36.53 13.82 16.19
N LEU C 301 -37.76 14.02 15.71
CA LEU C 301 -38.34 15.34 15.56
C LEU C 301 -39.19 15.65 16.79
N GLU C 302 -38.93 16.78 17.43
CA GLU C 302 -39.67 17.21 18.60
C GLU C 302 -40.39 18.52 18.30
N ILE C 303 -41.71 18.51 18.45
CA ILE C 303 -42.54 19.69 18.23
C ILE C 303 -43.50 19.82 19.40
N GLY C 304 -43.41 20.93 20.12
CA GLY C 304 -44.32 21.20 21.22
C GLY C 304 -44.50 20.05 22.19
N GLY C 305 -43.40 19.46 22.63
CA GLY C 305 -43.46 18.33 23.54
C GLY C 305 -43.79 17.01 22.90
N LEU C 306 -44.18 16.99 21.64
CA LEU C 306 -44.40 15.74 20.92
C LEU C 306 -43.10 15.29 20.27
N GLU C 307 -42.97 13.97 20.11
CA GLU C 307 -41.72 13.37 19.67
C GLU C 307 -42.00 12.38 18.55
N PHE C 308 -41.35 12.58 17.42
CA PHE C 308 -41.55 11.74 16.24
C PHE C 308 -40.27 10.98 15.97
N PRO C 309 -40.16 9.72 16.43
CA PRO C 309 -38.86 9.02 16.32
C PRO C 309 -38.52 8.62 14.90
N ALA C 310 -39.51 8.65 14.00
CA ALA C 310 -39.29 8.39 12.58
C ALA C 310 -39.84 9.60 11.84
N ALA C 311 -38.95 10.45 11.35
CA ALA C 311 -39.32 11.61 10.54
C ALA C 311 -38.14 11.92 9.61
N PRO C 312 -37.93 11.08 8.60
CA PRO C 312 -36.76 11.27 7.74
C PRO C 312 -36.88 12.55 6.93
N PHE C 313 -35.78 13.28 6.85
CA PHE C 313 -35.73 14.52 6.10
C PHE C 313 -34.58 14.46 5.11
N SER C 314 -34.70 15.21 4.03
CA SER C 314 -33.67 15.19 3.00
C SER C 314 -33.51 16.58 2.41
N GLY C 315 -32.33 16.85 1.91
CA GLY C 315 -32.10 18.10 1.20
C GLY C 315 -31.32 17.80 -0.05
N TRP C 316 -30.20 18.48 -0.23
CA TRP C 316 -29.19 18.08 -1.20
C TRP C 316 -27.82 18.19 -0.54
N TYR C 317 -26.83 17.62 -1.21
CA TYR C 317 -25.50 17.55 -0.63
C TYR C 317 -24.74 18.85 -0.80
N MET C 318 -23.93 19.16 0.21
CA MET C 318 -22.78 20.04 0.02
C MET C 318 -21.61 19.16 -0.39
N SER C 319 -20.80 19.63 -1.33
CA SER C 319 -19.88 18.71 -1.98
C SER C 319 -18.82 18.19 -1.02
N THR C 320 -18.43 18.99 0.00
CA THR C 320 -17.41 18.50 0.91
C THR C 320 -17.90 17.33 1.74
N GLU C 321 -19.22 17.19 1.92
CA GLU C 321 -19.72 16.04 2.67
C GLU C 321 -19.32 14.75 1.98
N ILE C 322 -19.42 14.73 0.65
CA ILE C 322 -19.05 13.55 -0.11
C ILE C 322 -17.54 13.51 -0.34
N GLY C 323 -16.99 14.59 -0.91
CA GLY C 323 -15.61 14.54 -1.40
C GLY C 323 -14.57 14.61 -0.32
N THR C 324 -14.87 15.28 0.78
CA THR C 324 -13.92 15.31 1.88
C THR C 324 -14.25 14.29 2.96
N ARG C 325 -15.47 14.33 3.51
CA ARG C 325 -15.75 13.48 4.66
C ARG C 325 -15.99 12.03 4.28
N ASN C 326 -16.96 11.76 3.39
CA ASN C 326 -17.30 10.37 3.10
C ASN C 326 -16.18 9.64 2.38
N LEU C 327 -15.47 10.33 1.49
CA LEU C 327 -14.44 9.66 0.71
C LEU C 327 -13.04 9.83 1.26
N CYS C 328 -12.75 10.88 2.04
CA CYS C 328 -11.39 11.06 2.54
C CYS C 328 -11.21 10.86 4.03
N ASP C 329 -12.29 10.75 4.80
CA ASP C 329 -12.09 10.45 6.22
C ASP C 329 -11.33 9.15 6.37
N PRO C 330 -10.41 9.06 7.35
CA PRO C 330 -9.62 7.83 7.50
C PRO C 330 -10.45 6.64 7.93
N HIS C 331 -11.57 6.89 8.61
CA HIS C 331 -12.48 5.85 9.03
C HIS C 331 -13.66 5.71 8.06
N ARG C 332 -13.60 6.36 6.90
CA ARG C 332 -14.62 6.14 5.89
C ARG C 332 -13.96 5.46 4.69
N TYR C 333 -14.29 5.89 3.46
CA TYR C 333 -13.69 5.22 2.30
C TYR C 333 -12.17 5.41 2.25
N ASN C 334 -11.67 6.53 2.81
CA ASN C 334 -10.24 6.72 3.04
C ASN C 334 -9.44 6.56 1.73
N ILE C 335 -9.91 7.25 0.69
CA ILE C 335 -9.32 7.09 -0.64
C ILE C 335 -8.20 8.09 -0.91
N LEU C 336 -7.86 8.95 0.06
CA LEU C 336 -6.98 10.07 -0.26
C LEU C 336 -5.65 9.60 -0.84
N GLU C 337 -5.07 8.55 -0.27
CA GLU C 337 -3.76 8.13 -0.75
C GLU C 337 -3.86 7.48 -2.12
N ASP C 338 -4.96 6.76 -2.37
CA ASP C 338 -5.20 6.21 -3.70
C ASP C 338 -5.16 7.29 -4.76
N VAL C 339 -5.97 8.32 -4.57
CA VAL C 339 -5.98 9.45 -5.50
C VAL C 339 -4.61 10.11 -5.61
N ALA C 340 -3.89 10.30 -4.48
CA ALA C 340 -2.59 10.96 -4.58
C ALA C 340 -1.59 10.13 -5.37
N VAL C 341 -1.61 8.80 -5.19
CA VAL C 341 -0.77 7.92 -6.00
C VAL C 341 -1.10 8.08 -7.50
N CYS C 342 -2.39 8.19 -7.83
CA CYS C 342 -2.74 8.38 -9.24
C CYS C 342 -2.33 9.74 -9.77
N MET C 343 -2.33 10.76 -8.92
CA MET C 343 -1.84 12.06 -9.32
C MET C 343 -0.33 12.14 -9.34
N ASP C 344 0.37 11.05 -9.03
CA ASP C 344 1.84 11.01 -8.99
C ASP C 344 2.39 12.04 -8.01
N LEU C 345 1.75 12.16 -6.85
CA LEU C 345 2.18 13.09 -5.83
C LEU C 345 3.22 12.44 -4.93
N ASP C 346 4.18 13.24 -4.48
CA ASP C 346 5.17 12.77 -3.50
C ASP C 346 4.48 12.57 -2.16
N THR C 347 4.14 11.32 -1.83
CA THR C 347 3.44 11.06 -0.58
C THR C 347 4.36 10.72 0.57
N ARG C 348 5.68 10.82 0.39
CA ARG C 348 6.59 10.45 1.46
C ARG C 348 6.92 11.60 2.41
N THR C 349 6.50 12.82 2.08
CA THR C 349 6.65 13.97 2.96
C THR C 349 5.32 14.71 3.08
N THR C 350 4.93 15.05 4.31
CA THR C 350 3.69 15.80 4.49
C THR C 350 3.78 17.18 3.87
N SER C 351 4.99 17.75 3.76
CA SER C 351 5.10 19.15 3.39
C SER C 351 4.89 19.38 1.90
N SER C 352 4.78 18.33 1.08
CA SER C 352 4.34 18.51 -0.30
C SER C 352 2.85 18.83 -0.40
N LEU C 353 2.12 18.70 0.71
CA LEU C 353 0.68 18.92 0.77
C LEU C 353 -0.04 18.03 -0.23
N TRP C 354 0.50 16.83 -0.43
CA TRP C 354 -0.15 15.84 -1.30
C TRP C 354 -1.55 15.51 -0.81
N LYS C 355 -1.77 15.53 0.51
CA LYS C 355 -3.11 15.25 1.01
C LYS C 355 -4.08 16.34 0.62
N ASP C 356 -3.65 17.59 0.72
CA ASP C 356 -4.48 18.73 0.37
C ASP C 356 -4.80 18.75 -1.11
N LYS C 357 -3.80 18.49 -1.96
CA LYS C 357 -4.02 18.50 -3.40
C LYS C 357 -4.95 17.38 -3.85
N ALA C 358 -4.77 16.18 -3.30
CA ALA C 358 -5.68 15.09 -3.66
C ALA C 358 -7.10 15.39 -3.20
N ALA C 359 -7.25 15.90 -1.97
CA ALA C 359 -8.56 16.23 -1.46
C ALA C 359 -9.27 17.24 -2.33
N VAL C 360 -8.57 18.30 -2.76
CA VAL C 360 -9.22 19.28 -3.61
C VAL C 360 -9.69 18.63 -4.91
N GLU C 361 -8.86 17.79 -5.52
CA GLU C 361 -9.27 17.21 -6.79
C GLU C 361 -10.43 16.23 -6.63
N ILE C 362 -10.50 15.55 -5.48
CA ILE C 362 -11.66 14.70 -5.20
C ILE C 362 -12.92 15.55 -5.06
N ASN C 363 -12.82 16.70 -4.40
CA ASN C 363 -13.97 17.58 -4.35
C ASN C 363 -14.31 18.15 -5.71
N VAL C 364 -13.32 18.47 -6.54
CA VAL C 364 -13.58 18.91 -7.92
C VAL C 364 -14.35 17.83 -8.66
N ALA C 365 -13.88 16.59 -8.55
CA ALA C 365 -14.56 15.48 -9.21
C ALA C 365 -16.01 15.38 -8.78
N VAL C 366 -16.26 15.49 -7.47
CA VAL C 366 -17.63 15.40 -6.94
C VAL C 366 -18.51 16.48 -7.56
N LEU C 367 -18.06 17.74 -7.48
CA LEU C 367 -18.82 18.84 -8.06
C LEU C 367 -19.04 18.62 -9.55
N HIS C 368 -17.97 18.35 -10.28
CA HIS C 368 -18.08 18.12 -11.72
C HIS C 368 -19.04 16.98 -12.03
N SER C 369 -18.92 15.88 -11.29
CA SER C 369 -19.75 14.71 -11.54
C SER C 369 -21.23 15.00 -11.30
N TYR C 370 -21.55 15.65 -10.18
CA TYR C 370 -22.94 15.97 -9.89
C TYR C 370 -23.51 16.94 -10.93
N GLN C 371 -22.74 17.98 -11.27
CA GLN C 371 -23.21 18.96 -12.25
C GLN C 371 -23.40 18.31 -13.60
N LEU C 372 -22.46 17.44 -14.01
CA LEU C 372 -22.60 16.77 -15.30
C LEU C 372 -23.83 15.88 -15.31
N ALA C 373 -24.14 15.22 -14.19
CA ALA C 373 -25.32 14.39 -14.08
C ALA C 373 -26.56 15.15 -13.68
N LYS C 374 -26.48 16.49 -13.60
CA LYS C 374 -27.65 17.32 -13.35
C LYS C 374 -28.31 16.94 -12.02
N VAL C 375 -27.49 16.61 -11.03
CA VAL C 375 -27.94 16.38 -9.67
C VAL C 375 -27.57 17.60 -8.84
N THR C 376 -28.55 18.14 -8.13
CA THR C 376 -28.32 19.31 -7.30
C THR C 376 -27.17 19.06 -6.32
N ILE C 377 -26.24 20.01 -6.27
CA ILE C 377 -25.14 19.99 -5.30
C ILE C 377 -24.69 21.42 -5.10
N VAL C 378 -24.12 21.70 -3.93
CA VAL C 378 -23.64 23.04 -3.66
C VAL C 378 -22.22 22.92 -3.10
N ASP C 379 -21.33 23.75 -3.62
CA ASP C 379 -19.97 23.65 -3.14
C ASP C 379 -19.88 24.41 -1.81
N HIS C 380 -18.79 24.17 -1.08
CA HIS C 380 -18.73 24.76 0.26
C HIS C 380 -18.60 26.27 0.24
N HIS C 381 -18.09 26.86 -0.85
CA HIS C 381 -18.03 28.32 -0.91
C HIS C 381 -19.42 28.90 -1.05
N ALA C 382 -20.21 28.38 -2.00
CA ALA C 382 -21.57 28.89 -2.15
C ALA C 382 -22.38 28.67 -0.87
N ALA C 383 -22.27 27.49 -0.25
CA ALA C 383 -23.09 27.18 0.91
C ALA C 383 -22.76 28.08 2.09
N THR C 384 -21.46 28.32 2.34
CA THR C 384 -21.11 29.17 3.47
C THR C 384 -21.48 30.61 3.18
N ALA C 385 -21.41 31.03 1.91
CA ALA C 385 -21.86 32.37 1.57
C ALA C 385 -23.37 32.51 1.81
N SER C 386 -24.15 31.46 1.52
CA SER C 386 -25.58 31.53 1.78
CA SER C 386 -25.57 31.54 1.79
C SER C 386 -25.87 31.49 3.28
N PHE C 387 -25.08 30.73 4.04
CA PHE C 387 -25.34 30.71 5.48
C PHE C 387 -25.08 32.07 6.09
N MET C 388 -24.11 32.82 5.56
CA MET C 388 -23.90 34.18 6.03
C MET C 388 -25.14 35.04 5.77
N LYS C 389 -25.74 34.92 4.59
CA LYS C 389 -27.01 35.59 4.34
C LYS C 389 -28.07 35.11 5.31
N HIS C 390 -28.10 33.80 5.59
CA HIS C 390 -29.05 33.28 6.56
C HIS C 390 -28.86 33.91 7.93
N LEU C 391 -27.59 34.06 8.36
CA LEU C 391 -27.32 34.65 9.66
C LEU C 391 -27.84 36.08 9.72
N GLU C 392 -27.62 36.85 8.64
CA GLU C 392 -28.13 38.21 8.57
C GLU C 392 -29.67 38.24 8.58
N ASN C 393 -30.32 37.38 7.79
CA ASN C 393 -31.78 37.32 7.81
C ASN C 393 -32.29 36.93 9.18
N GLU C 394 -31.63 35.98 9.84
CA GLU C 394 -32.11 35.54 11.14
C GLU C 394 -31.88 36.62 12.20
N GLN C 395 -30.78 37.37 12.07
CA GLN C 395 -30.56 38.48 12.99
C GLN C 395 -31.73 39.45 12.94
N LYS C 396 -32.25 39.73 11.75
CA LYS C 396 -33.41 40.62 11.63
C LYS C 396 -34.68 39.93 12.09
N ALA C 397 -34.87 38.67 11.69
CA ALA C 397 -36.12 37.97 11.97
C ALA C 397 -36.28 37.68 13.46
N ARG C 398 -35.22 37.19 14.11
CA ARG C 398 -35.34 36.64 15.45
C ARG C 398 -34.31 37.16 16.45
N GLY C 399 -33.41 38.04 16.04
CA GLY C 399 -32.40 38.53 16.96
C GLY C 399 -31.23 37.60 17.18
N GLY C 400 -31.05 36.62 16.30
CA GLY C 400 -29.92 35.72 16.39
C GLY C 400 -30.18 34.45 15.61
N CYS C 401 -29.23 33.53 15.73
CA CYS C 401 -29.34 32.24 15.07
C CYS C 401 -28.41 31.24 15.75
N PRO C 402 -28.94 30.13 16.29
CA PRO C 402 -28.06 29.10 16.88
C PRO C 402 -27.20 28.48 15.80
N ALA C 403 -25.89 28.54 16.00
CA ALA C 403 -25.00 28.03 14.98
C ALA C 403 -23.80 27.41 15.67
N ASP C 404 -23.41 26.26 15.16
CA ASP C 404 -22.34 25.44 15.72
C ASP C 404 -21.14 25.59 14.82
N TRP C 405 -20.22 26.48 15.20
CA TRP C 405 -19.10 26.87 14.36
C TRP C 405 -18.35 25.67 13.79
N ALA C 406 -18.08 24.66 14.64
CA ALA C 406 -17.28 23.51 14.22
C ALA C 406 -17.92 22.76 13.05
N TRP C 407 -19.24 22.75 12.99
CA TRP C 407 -19.95 22.06 11.91
C TRP C 407 -20.28 23.00 10.75
N ILE C 408 -20.40 24.30 11.01
CA ILE C 408 -20.70 25.24 9.93
C ILE C 408 -19.49 25.42 9.02
N VAL C 409 -18.32 25.59 9.61
CA VAL C 409 -17.07 25.74 8.84
C VAL C 409 -16.78 24.43 8.10
N PRO C 410 -16.57 24.49 6.78
CA PRO C 410 -16.36 23.26 5.98
C PRO C 410 -15.08 22.55 6.37
N PRO C 411 -15.00 21.23 6.12
CA PRO C 411 -13.82 20.45 6.50
C PRO C 411 -12.62 20.58 5.57
N ILE C 412 -12.70 21.41 4.55
CA ILE C 412 -11.52 21.84 3.81
C ILE C 412 -11.65 23.34 3.61
N SER C 413 -10.49 23.99 3.46
CA SER C 413 -10.44 25.41 3.14
C SER C 413 -11.27 26.25 4.12
N GLY C 414 -11.37 25.79 5.37
CA GLY C 414 -12.12 26.50 6.39
C GLY C 414 -12.07 28.00 6.31
N SER C 415 -10.86 28.59 6.37
CA SER C 415 -10.75 30.04 6.47
C SER C 415 -10.90 30.75 5.14
N LEU C 416 -10.98 30.01 4.04
CA LEU C 416 -11.34 30.59 2.75
C LEU C 416 -12.83 30.87 2.64
N THR C 417 -13.64 30.39 3.60
CA THR C 417 -15.07 30.64 3.66
C THR C 417 -15.39 31.68 4.73
N PRO C 418 -16.42 32.49 4.51
CA PRO C 418 -16.67 33.61 5.43
C PRO C 418 -17.17 33.18 6.80
N VAL C 419 -17.72 31.98 6.94
CA VAL C 419 -18.19 31.54 8.25
C VAL C 419 -17.03 31.31 9.19
N PHE C 420 -15.83 31.05 8.66
CA PHE C 420 -14.68 30.85 9.53
C PHE C 420 -14.45 32.07 10.41
N HIS C 421 -14.64 33.25 9.84
CA HIS C 421 -14.39 34.52 10.51
C HIS C 421 -15.60 35.06 11.26
N GLN C 422 -16.67 34.29 11.32
CA GLN C 422 -17.89 34.70 11.98
C GLN C 422 -17.99 33.99 13.33
N GLU C 423 -18.03 34.77 14.41
CA GLU C 423 -18.34 34.21 15.71
C GLU C 423 -19.78 33.74 15.74
N MET C 424 -20.02 32.63 16.41
CA MET C 424 -21.35 32.05 16.47
C MET C 424 -21.70 31.68 17.90
N VAL C 425 -23.01 31.61 18.15
CA VAL C 425 -23.54 31.23 19.45
C VAL C 425 -24.37 29.98 19.25
N ASN C 426 -24.03 28.92 20.00
CA ASN C 426 -24.72 27.66 19.92
C ASN C 426 -25.65 27.50 21.11
N TYR C 427 -26.91 27.18 20.84
CA TYR C 427 -27.93 26.95 21.86
C TYR C 427 -29.06 26.15 21.23
N PHE C 428 -29.91 25.58 22.09
CA PHE C 428 -30.94 24.63 21.69
C PHE C 428 -32.30 25.31 21.73
N LEU C 429 -32.95 25.42 20.56
CA LEU C 429 -34.33 25.86 20.52
C LEU C 429 -35.23 24.69 20.17
N SER C 430 -36.50 24.84 20.49
CA SER C 430 -37.56 23.93 20.08
C SER C 430 -38.53 24.67 19.17
N PRO C 431 -39.13 24.00 18.16
CA PRO C 431 -38.95 22.62 17.70
C PRO C 431 -37.51 22.30 17.30
N ALA C 432 -37.16 21.02 17.36
CA ALA C 432 -35.78 20.63 17.16
C ALA C 432 -35.71 19.22 16.59
N PHE C 433 -34.63 18.97 15.85
CA PHE C 433 -34.18 17.61 15.58
C PHE C 433 -33.18 17.21 16.64
N ARG C 434 -33.31 15.99 17.15
CA ARG C 434 -32.44 15.47 18.19
C ARG C 434 -31.95 14.09 17.80
N TYR C 435 -30.72 13.78 18.21
CA TYR C 435 -30.29 12.39 18.11
C TYR C 435 -31.01 11.57 19.17
N GLN C 436 -31.05 10.26 18.94
CA GLN C 436 -31.81 9.38 19.81
C GLN C 436 -31.07 8.05 19.88
N PRO C 437 -31.30 7.25 20.91
CA PRO C 437 -30.60 5.98 21.00
C PRO C 437 -31.03 5.07 19.85
N ASP C 438 -30.13 4.16 19.48
CA ASP C 438 -30.46 3.17 18.48
C ASP C 438 -31.66 2.33 18.96
N PRO C 439 -32.45 1.80 18.03
CA PRO C 439 -33.59 0.96 18.45
C PRO C 439 -33.15 -0.29 19.21
N TRP C 440 -32.13 -0.98 18.72
CA TRP C 440 -31.59 -2.13 19.42
C TRP C 440 -30.76 -1.66 20.63
N PHE D 28 -16.91 13.46 34.79
CA PHE D 28 -15.84 13.84 33.87
C PHE D 28 -16.23 13.67 32.42
N PRO D 29 -15.96 14.68 31.61
CA PRO D 29 -16.34 14.63 30.18
C PRO D 29 -15.73 13.42 29.48
N ARG D 30 -16.60 12.66 28.83
CA ARG D 30 -16.18 11.61 27.91
C ARG D 30 -15.78 12.23 26.58
N VAL D 31 -14.66 11.78 26.03
CA VAL D 31 -14.01 12.43 24.89
C VAL D 31 -13.66 11.34 23.88
N LYS D 32 -14.17 11.47 22.66
CA LYS D 32 -14.01 10.44 21.65
C LYS D 32 -13.08 10.90 20.54
N ASN D 33 -12.21 10.01 20.10
CA ASN D 33 -11.57 10.16 18.81
C ASN D 33 -12.39 9.39 17.79
N TRP D 34 -12.88 10.09 16.76
CA TRP D 34 -13.75 9.42 15.78
C TRP D 34 -12.97 8.69 14.71
N GLU D 35 -11.69 9.00 14.53
CA GLU D 35 -10.91 8.25 13.56
C GLU D 35 -10.63 6.84 14.06
N VAL D 36 -10.41 6.69 15.35
CA VAL D 36 -10.00 5.43 15.96
C VAL D 36 -11.12 4.79 16.78
N GLY D 37 -12.11 5.56 17.22
CA GLY D 37 -13.11 5.06 18.13
C GLY D 37 -12.72 5.11 19.58
N SER D 38 -11.48 5.50 19.89
CA SER D 38 -11.00 5.48 21.27
C SER D 38 -11.71 6.53 22.10
N ILE D 39 -11.80 6.26 23.40
CA ILE D 39 -12.54 7.11 24.32
C ILE D 39 -11.69 7.35 25.56
N THR D 40 -11.55 8.61 25.95
CA THR D 40 -10.92 9.00 27.19
C THR D 40 -11.86 9.89 27.99
N TYR D 41 -11.50 10.14 29.25
CA TYR D 41 -12.21 11.07 30.11
C TYR D 41 -11.23 12.15 30.53
N ASP D 42 -11.66 13.42 30.40
CA ASP D 42 -10.80 14.54 30.74
C ASP D 42 -11.05 14.87 32.21
N THR D 43 -10.34 14.15 33.08
CA THR D 43 -10.45 14.42 34.50
C THR D 43 -9.74 15.70 34.90
N LEU D 44 -8.79 16.16 34.07
CA LEU D 44 -8.06 17.40 34.39
C LEU D 44 -8.98 18.62 34.36
N SER D 45 -9.99 18.64 33.49
CA SER D 45 -10.88 19.78 33.39
C SER D 45 -11.55 20.08 34.72
N ALA D 46 -11.75 19.06 35.57
CA ALA D 46 -12.37 19.28 36.86
C ALA D 46 -11.59 20.26 37.72
N GLN D 47 -10.31 20.45 37.43
CA GLN D 47 -9.47 21.35 38.20
C GLN D 47 -9.40 22.76 37.61
N ALA D 48 -10.30 23.07 36.68
CA ALA D 48 -10.29 24.35 35.98
C ALA D 48 -10.57 25.49 36.97
N GLN D 49 -9.57 26.35 37.16
CA GLN D 49 -9.67 27.49 38.06
C GLN D 49 -10.64 28.54 37.51
N GLN D 50 -10.16 29.40 36.62
CA GLN D 50 -10.96 30.50 36.13
C GLN D 50 -12.08 29.99 35.23
N ASP D 51 -13.11 30.81 35.08
CA ASP D 51 -14.32 30.42 34.38
C ASP D 51 -14.29 30.92 32.94
N GLY D 52 -14.78 30.06 32.05
CA GLY D 52 -14.83 30.40 30.66
C GLY D 52 -16.14 31.07 30.30
N PRO D 53 -16.40 31.20 29.00
CA PRO D 53 -17.55 31.98 28.56
C PRO D 53 -18.85 31.21 28.38
N CYS D 54 -18.82 29.89 28.51
CA CYS D 54 -19.96 29.06 28.16
C CYS D 54 -20.83 28.79 29.37
N THR D 55 -22.12 28.62 29.11
CA THR D 55 -23.09 28.21 30.12
C THR D 55 -23.90 27.05 29.55
N PRO D 56 -24.62 26.31 30.40
CA PRO D 56 -25.54 25.30 29.85
C PRO D 56 -26.55 25.89 28.90
N ARG D 57 -26.74 27.21 28.95
CA ARG D 57 -27.70 27.89 28.10
C ARG D 57 -27.14 28.05 26.68
N ARG D 58 -25.85 28.37 26.57
CA ARG D 58 -25.29 28.74 25.28
C ARG D 58 -23.79 28.59 25.31
N CYS D 59 -23.24 28.08 24.21
CA CYS D 59 -21.81 27.89 24.02
C CYS D 59 -21.25 29.09 23.27
N LEU D 60 -20.17 29.67 23.80
CA LEU D 60 -19.47 30.79 23.19
C LEU D 60 -18.06 30.41 22.82
N GLY D 61 -17.83 29.12 22.62
CA GLY D 61 -16.52 28.62 22.32
C GLY D 61 -15.91 29.21 21.05
N SER D 62 -16.71 29.76 20.16
CA SER D 62 -16.14 30.28 18.93
C SER D 62 -15.69 31.74 19.05
N LEU D 63 -15.94 32.37 20.18
CA LEU D 63 -15.60 33.78 20.34
C LEU D 63 -14.10 33.93 20.55
N VAL D 64 -13.51 34.92 19.87
CA VAL D 64 -12.06 35.04 19.88
C VAL D 64 -11.56 35.58 21.22
N PHE D 65 -12.18 36.66 21.69
CA PHE D 65 -11.90 37.27 23.00
C PHE D 65 -13.22 37.31 23.74
N PRO D 66 -13.55 36.28 24.48
CA PRO D 66 -14.86 36.27 25.16
C PRO D 66 -14.91 37.19 26.38
N ARG D 67 -13.91 38.06 26.53
CA ARG D 67 -13.81 38.90 27.71
C ARG D 67 -13.59 40.38 27.38
N ALA D 79 -6.07 41.41 47.23
CA ALA D 79 -6.69 40.21 47.78
C ALA D 79 -5.62 39.21 48.19
N PRO D 80 -5.07 39.37 49.40
CA PRO D 80 -3.99 38.48 49.83
C PRO D 80 -4.40 37.01 49.90
N GLU D 81 -5.64 36.74 50.31
CA GLU D 81 -6.11 35.35 50.40
C GLU D 81 -6.18 34.69 49.03
N GLN D 82 -6.67 35.42 48.02
CA GLN D 82 -6.77 34.84 46.69
C GLN D 82 -5.39 34.67 46.07
N LEU D 83 -4.49 35.64 46.26
CA LEU D 83 -3.12 35.48 45.81
C LEU D 83 -2.48 34.24 46.42
N LEU D 84 -2.70 34.02 47.71
CA LEU D 84 -2.09 32.90 48.41
C LEU D 84 -2.58 31.56 47.86
N SER D 85 -3.90 31.41 47.67
CA SER D 85 -4.39 30.12 47.17
C SER D 85 -3.85 29.83 45.77
N GLN D 86 -3.67 30.85 44.94
CA GLN D 86 -3.05 30.64 43.62
C GLN D 86 -1.57 30.33 43.77
N ALA D 87 -0.89 31.02 44.68
CA ALA D 87 0.52 30.74 44.95
C ALA D 87 0.71 29.31 45.44
N ARG D 88 -0.03 28.94 46.49
CA ARG D 88 0.07 27.58 47.03
C ARG D 88 -0.14 26.55 45.94
N ASP D 89 -1.22 26.70 45.16
CA ASP D 89 -1.46 25.74 44.10
C ASP D 89 -0.26 25.67 43.16
N PHE D 90 0.29 26.82 42.79
CA PHE D 90 1.44 26.79 41.89
C PHE D 90 2.61 26.05 42.52
N ILE D 91 2.94 26.38 43.76
CA ILE D 91 4.05 25.71 44.43
C ILE D 91 3.81 24.21 44.49
N ASN D 92 2.57 23.81 44.80
CA ASN D 92 2.24 22.39 44.73
C ASN D 92 2.53 21.82 43.35
N GLN D 93 2.16 22.57 42.29
CA GLN D 93 2.43 22.10 40.94
C GLN D 93 3.93 21.93 40.73
N TYR D 94 4.70 22.92 41.19
CA TYR D 94 6.15 22.83 41.02
C TYR D 94 6.71 21.61 41.72
N TYR D 95 6.38 21.43 43.01
CA TYR D 95 6.96 20.31 43.74
C TYR D 95 6.43 18.98 43.24
N SER D 96 5.24 18.94 42.67
CA SER D 96 4.78 17.73 42.02
C SER D 96 5.64 17.41 40.80
N SER D 97 5.96 18.44 40.01
CA SER D 97 6.70 18.27 38.77
C SER D 97 8.07 17.66 39.00
N ILE D 98 8.71 17.96 40.12
CA ILE D 98 10.02 17.42 40.44
C ILE D 98 9.93 16.22 41.39
N LYS D 99 8.75 15.62 41.53
CA LYS D 99 8.59 14.38 42.30
C LYS D 99 9.00 14.58 43.77
N ARG D 100 8.62 15.71 44.36
CA ARG D 100 9.02 15.99 45.75
C ARG D 100 7.87 16.61 46.53
N SER D 101 6.64 16.22 46.20
CA SER D 101 5.47 16.71 46.93
C SER D 101 5.53 16.27 48.38
N GLY D 102 5.10 17.16 49.27
CA GLY D 102 5.11 16.89 50.70
C GLY D 102 6.49 16.80 51.31
N SER D 103 7.55 17.05 50.54
CA SER D 103 8.89 17.06 51.10
C SER D 103 9.05 18.23 52.07
N GLN D 104 10.16 18.22 52.83
CA GLN D 104 10.49 19.37 53.65
C GLN D 104 10.65 20.62 52.81
N ALA D 105 11.28 20.51 51.63
CA ALA D 105 11.51 21.68 50.81
C ALA D 105 10.19 22.28 50.33
N HIS D 106 9.23 21.41 50.05
CA HIS D 106 7.91 21.85 49.60
C HIS D 106 7.21 22.64 50.70
N GLU D 107 7.13 22.07 51.91
CA GLU D 107 6.52 22.75 53.04
C GLU D 107 7.22 24.07 53.34
N GLN D 108 8.55 24.06 53.34
CA GLN D 108 9.28 25.29 53.64
C GLN D 108 9.03 26.37 52.58
N ARG D 109 8.93 25.98 51.30
CA ARG D 109 8.68 26.99 50.29
C ARG D 109 7.26 27.56 50.42
N LEU D 110 6.29 26.71 50.73
CA LEU D 110 4.94 27.21 51.00
C LEU D 110 4.95 28.20 52.17
N GLN D 111 5.61 27.82 53.27
CA GLN D 111 5.69 28.74 54.41
C GLN D 111 6.39 30.03 54.00
N GLU D 112 7.42 29.92 53.16
CA GLU D 112 8.19 31.08 52.73
C GLU D 112 7.33 32.02 51.89
N VAL D 113 6.53 31.46 50.98
CA VAL D 113 5.65 32.30 50.17
C VAL D 113 4.60 32.97 51.04
N GLU D 114 3.99 32.20 51.95
CA GLU D 114 2.95 32.74 52.81
C GLU D 114 3.48 33.91 53.62
N ALA D 115 4.69 33.78 54.14
CA ALA D 115 5.27 34.85 54.95
C ALA D 115 5.59 36.08 54.10
N GLU D 116 6.05 35.88 52.87
CA GLU D 116 6.34 37.06 52.05
C GLU D 116 5.05 37.76 51.63
N VAL D 117 3.99 37.00 51.38
CA VAL D 117 2.73 37.63 51.01
C VAL D 117 2.15 38.39 52.20
N ALA D 118 2.25 37.81 53.39
CA ALA D 118 1.76 38.49 54.59
C ALA D 118 2.53 39.76 54.90
N ALA D 119 3.82 39.79 54.57
CA ALA D 119 4.67 40.94 54.85
C ALA D 119 4.59 42.02 53.78
N THR D 120 4.42 41.62 52.53
CA THR D 120 4.53 42.54 51.41
C THR D 120 3.32 42.56 50.49
N GLY D 121 2.38 41.63 50.66
CA GLY D 121 1.27 41.53 49.73
C GLY D 121 1.60 40.82 48.44
N THR D 122 2.86 40.43 48.22
CA THR D 122 3.25 39.74 46.99
C THR D 122 4.43 38.83 47.32
N TYR D 123 4.99 38.18 46.31
CA TYR D 123 6.16 37.36 46.55
C TYR D 123 6.93 37.24 45.25
N GLN D 124 8.12 36.65 45.34
CA GLN D 124 8.98 36.46 44.18
C GLN D 124 9.11 34.98 43.90
N LEU D 125 9.03 34.63 42.61
CA LEU D 125 9.34 33.28 42.23
C LEU D 125 10.83 33.01 42.35
N ARG D 126 11.15 31.79 42.77
CA ARG D 126 12.49 31.27 42.56
C ARG D 126 12.74 31.16 41.06
N GLU D 127 14.01 31.24 40.67
CA GLU D 127 14.36 31.11 39.26
C GLU D 127 13.77 29.83 38.68
N SER D 128 13.94 28.71 39.39
CA SER D 128 13.43 27.43 38.89
CA SER D 128 13.43 27.42 38.92
C SER D 128 11.92 27.45 38.75
N GLU D 129 11.22 28.15 39.65
CA GLU D 129 9.77 28.26 39.57
C GLU D 129 9.34 29.06 38.34
N LEU D 130 10.08 30.14 38.01
CA LEU D 130 9.74 30.89 36.81
C LEU D 130 9.88 30.02 35.56
N VAL D 131 10.94 29.23 35.49
CA VAL D 131 11.14 28.37 34.32
C VAL D 131 10.02 27.35 34.22
N PHE D 132 9.72 26.67 35.31
CA PHE D 132 8.60 25.73 35.33
C PHE D 132 7.28 26.42 35.00
N GLY D 133 7.05 27.59 35.60
CA GLY D 133 5.79 28.29 35.36
C GLY D 133 5.60 28.71 33.92
N ALA D 134 6.68 29.15 33.25
CA ALA D 134 6.53 29.55 31.85
C ALA D 134 6.22 28.34 30.98
N LYS D 135 6.91 27.23 31.22
CA LYS D 135 6.62 25.99 30.50
C LYS D 135 5.20 25.50 30.76
N GLN D 136 4.72 25.62 32.01
CA GLN D 136 3.34 25.26 32.30
C GLN D 136 2.34 26.17 31.61
N ALA D 137 2.63 27.48 31.56
CA ALA D 137 1.71 28.37 30.87
C ALA D 137 1.58 27.97 29.40
N TRP D 138 2.69 27.64 28.76
CA TRP D 138 2.64 27.11 27.38
C TRP D 138 1.86 25.80 27.33
N ARG D 139 2.18 24.88 28.22
CA ARG D 139 1.51 23.57 28.25
C ARG D 139 0.00 23.73 28.44
N ASN D 140 -0.42 24.76 29.17
CA ASN D 140 -1.83 25.00 29.41
C ASN D 140 -2.51 25.80 28.31
N ALA D 141 -1.81 26.24 27.28
CA ALA D 141 -2.44 27.17 26.32
C ALA D 141 -3.36 26.41 25.37
N PRO D 142 -4.69 26.54 25.49
CA PRO D 142 -5.59 25.63 24.74
C PRO D 142 -5.58 25.83 23.24
N ARG D 143 -5.27 27.02 22.76
CA ARG D 143 -5.24 27.29 21.33
C ARG D 143 -3.90 27.01 20.68
N CYS D 144 -2.90 26.49 21.40
CA CYS D 144 -1.58 26.26 20.83
C CYS D 144 -1.48 24.82 20.34
N VAL D 145 -1.36 24.65 19.04
CA VAL D 145 -1.13 23.31 18.49
C VAL D 145 0.32 22.87 18.63
N GLY D 146 1.25 23.76 18.97
CA GLY D 146 2.63 23.36 19.07
C GLY D 146 3.08 22.87 20.44
N ARG D 147 2.17 22.46 21.31
CA ARG D 147 2.56 22.14 22.68
C ARG D 147 3.26 20.79 22.85
N ILE D 148 3.48 20.00 21.79
CA ILE D 148 4.39 18.87 21.98
C ILE D 148 5.75 19.36 22.46
N GLN D 149 6.09 20.60 22.17
CA GLN D 149 7.41 21.13 22.48
C GLN D 149 7.51 21.75 23.88
N TRP D 150 6.44 21.72 24.69
CA TRP D 150 6.31 22.64 25.83
C TRP D 150 7.46 22.49 26.82
N GLY D 151 8.08 21.31 26.88
CA GLY D 151 9.19 21.12 27.81
C GLY D 151 10.51 21.66 27.32
N LYS D 152 10.59 22.00 26.03
CA LYS D 152 11.79 22.58 25.42
C LYS D 152 11.52 24.08 25.23
N LEU D 153 11.95 24.85 26.22
CA LEU D 153 11.63 26.28 26.22
C LEU D 153 12.78 26.94 26.95
N GLN D 154 13.48 27.83 26.27
CA GLN D 154 14.53 28.62 26.88
C GLN D 154 13.88 29.79 27.60
N VAL D 155 14.15 29.93 28.90
CA VAL D 155 13.49 30.96 29.69
C VAL D 155 14.55 31.99 30.06
N PHE D 156 14.43 33.19 29.53
CA PHE D 156 15.32 34.30 29.85
C PHE D 156 14.70 35.10 30.99
N ASP D 157 15.44 35.22 32.09
CA ASP D 157 14.94 35.91 33.27
C ASP D 157 15.38 37.36 33.15
N ALA D 158 14.45 38.23 32.76
CA ALA D 158 14.68 39.67 32.71
C ALA D 158 14.01 40.39 33.87
N ARG D 159 13.80 39.71 34.99
CA ARG D 159 13.07 40.35 36.08
C ARG D 159 13.85 41.48 36.74
N ASP D 160 15.15 41.60 36.43
CA ASP D 160 15.96 42.71 36.90
C ASP D 160 15.97 43.89 35.94
N CYS D 161 15.12 43.84 34.92
CA CYS D 161 15.12 44.88 33.91
C CYS D 161 14.66 46.19 34.51
N ARG D 162 15.32 47.27 34.13
CA ARG D 162 15.01 48.53 34.78
C ARG D 162 14.74 49.68 33.82
N SER D 163 14.87 49.48 32.51
CA SER D 163 14.63 50.58 31.60
C SER D 163 14.13 50.02 30.28
N ALA D 164 13.56 50.91 29.46
CA ALA D 164 13.15 50.50 28.12
C ALA D 164 14.36 50.13 27.26
N GLN D 165 15.50 50.80 27.50
CA GLN D 165 16.72 50.44 26.80
C GLN D 165 17.17 49.03 27.16
N GLU D 166 17.18 48.67 28.45
CA GLU D 166 17.53 47.30 28.81
C GLU D 166 16.49 46.33 28.28
N MET D 167 15.23 46.75 28.23
CA MET D 167 14.19 45.95 27.59
C MET D 167 14.59 45.58 26.18
N PHE D 168 15.07 46.57 25.41
CA PHE D 168 15.41 46.33 24.02
C PHE D 168 16.59 45.37 23.91
N THR D 169 17.55 45.47 24.82
CA THR D 169 18.71 44.57 24.79
C THR D 169 18.27 43.13 25.03
N TYR D 170 17.44 42.94 26.06
CA TYR D 170 16.84 41.64 26.32
C TYR D 170 16.10 41.09 25.11
N ILE D 171 15.31 41.93 24.45
CA ILE D 171 14.52 41.44 23.32
C ILE D 171 15.42 41.07 22.16
N CYS D 172 16.41 41.91 21.88
CA CYS D 172 17.38 41.60 20.84
C CYS D 172 18.09 40.28 21.13
N ASN D 173 18.51 40.06 22.37
CA ASN D 173 19.14 38.78 22.71
C ASN D 173 18.16 37.63 22.53
N HIS D 174 16.88 37.85 22.86
CA HIS D 174 15.85 36.83 22.65
C HIS D 174 15.76 36.50 21.17
N ILE D 175 15.65 37.54 20.32
CA ILE D 175 15.48 37.33 18.88
C ILE D 175 16.68 36.58 18.32
N LYS D 176 17.88 36.97 18.74
CA LYS D 176 19.08 36.32 18.26
C LYS D 176 19.10 34.85 18.66
N TYR D 177 18.86 34.58 19.95
CA TYR D 177 18.86 33.20 20.42
C TYR D 177 17.82 32.36 19.69
N ALA D 178 16.59 32.90 19.58
CA ALA D 178 15.47 32.11 19.09
C ALA D 178 15.58 31.90 17.59
N THR D 179 16.02 32.93 16.87
CA THR D 179 16.23 32.82 15.43
C THR D 179 17.33 31.83 15.12
N ASN D 180 18.52 32.03 15.72
CA ASN D 180 19.59 31.05 15.60
C ASN D 180 19.86 30.76 14.12
N ARG D 181 19.92 31.84 13.34
CA ARG D 181 20.11 31.83 11.89
C ARG D 181 19.26 30.77 11.17
N GLY D 182 18.01 30.68 11.60
CA GLY D 182 17.02 29.86 10.94
C GLY D 182 16.75 28.53 11.62
N ASN D 183 17.62 28.09 12.53
CA ASN D 183 17.34 26.87 13.27
C ASN D 183 16.61 27.29 14.55
N LEU D 184 15.31 27.46 14.42
CA LEU D 184 14.58 28.21 15.44
C LEU D 184 14.52 27.47 16.76
N ARG D 185 14.53 28.24 17.85
CA ARG D 185 14.52 27.71 19.21
C ARG D 185 13.47 28.45 20.03
N SER D 186 12.61 27.69 20.68
CA SER D 186 11.54 28.29 21.47
C SER D 186 12.14 29.00 22.69
N ALA D 187 11.62 30.18 22.98
CA ALA D 187 12.18 31.01 24.03
C ALA D 187 11.11 31.93 24.60
N ILE D 188 11.30 32.32 25.85
CA ILE D 188 10.47 33.36 26.42
C ILE D 188 11.37 34.22 27.29
N THR D 189 11.16 35.52 27.27
CA THR D 189 11.88 36.43 28.14
C THR D 189 10.88 37.03 29.10
N VAL D 190 11.15 36.94 30.40
CA VAL D 190 10.16 37.36 31.40
C VAL D 190 10.67 38.64 32.05
N PHE D 191 9.98 39.73 31.80
CA PHE D 191 10.28 41.02 32.36
C PHE D 191 9.63 41.13 33.73
N PRO D 192 9.92 42.18 34.49
CA PRO D 192 9.47 42.23 35.89
C PRO D 192 7.96 42.12 36.04
N GLN D 193 7.55 41.46 37.10
CA GLN D 193 6.14 41.28 37.36
C GLN D 193 5.50 42.60 37.74
N ARG D 194 4.19 42.66 37.52
CA ARG D 194 3.35 43.72 38.02
C ARG D 194 3.50 43.85 39.53
N CYS D 195 3.54 45.07 40.00
CA CYS D 195 3.58 45.29 41.44
C CYS D 195 2.91 46.62 41.75
N PRO D 196 2.30 46.73 42.93
CA PRO D 196 1.57 47.97 43.25
C PRO D 196 2.50 49.18 43.30
N GLY D 197 1.95 50.33 42.94
CA GLY D 197 2.70 51.58 43.00
C GLY D 197 3.75 51.75 41.94
N ARG D 198 3.66 50.99 40.86
CA ARG D 198 4.61 51.10 39.76
C ARG D 198 3.90 50.62 38.51
N GLY D 199 4.12 51.33 37.41
CA GLY D 199 3.53 50.91 36.15
C GLY D 199 4.13 49.60 35.63
N ASP D 200 3.44 49.02 34.67
CA ASP D 200 3.88 47.78 34.04
C ASP D 200 4.95 48.02 32.98
N PHE D 201 5.85 47.05 32.83
CA PHE D 201 6.54 46.90 31.57
C PHE D 201 5.53 46.42 30.53
N ARG D 202 5.54 47.02 29.35
CA ARG D 202 4.71 46.55 28.26
C ARG D 202 5.48 46.64 26.95
N ILE D 203 5.28 45.62 26.10
CA ILE D 203 5.63 45.70 24.69
C ILE D 203 4.35 46.02 23.95
N TRP D 204 4.30 47.15 23.25
CA TRP D 204 3.05 47.58 22.66
C TRP D 204 2.73 46.75 21.42
N ASN D 205 3.77 46.39 20.67
CA ASN D 205 3.60 45.55 19.48
C ASN D 205 3.01 44.21 19.85
N SER D 206 2.15 43.67 18.95
CA SER D 206 1.55 42.37 19.21
C SER D 206 2.56 41.25 19.03
N GLN D 207 3.56 41.48 18.18
CA GLN D 207 4.65 40.55 17.97
C GLN D 207 5.93 41.35 17.85
N LEU D 208 7.06 40.67 18.03
CA LEU D 208 8.33 41.37 17.93
C LEU D 208 8.63 41.74 16.48
N VAL D 209 8.18 40.93 15.54
CA VAL D 209 8.32 41.21 14.11
C VAL D 209 6.93 41.33 13.53
N ARG D 210 6.64 42.50 12.95
CA ARG D 210 5.36 42.83 12.34
C ARG D 210 5.65 43.71 11.14
N TYR D 211 4.91 43.49 10.05
CA TYR D 211 5.06 44.36 8.91
C TYR D 211 4.15 45.57 9.04
N ALA D 212 4.64 46.71 8.59
CA ALA D 212 3.84 47.93 8.64
C ALA D 212 2.55 47.78 7.83
N GLY D 213 1.47 48.32 8.37
CA GLY D 213 0.23 48.46 7.62
C GLY D 213 -0.14 49.93 7.52
N TYR D 214 -0.04 50.49 6.32
CA TYR D 214 -0.25 51.92 6.09
C TYR D 214 -1.67 52.14 5.57
N ARG D 215 -2.51 52.78 6.40
CA ARG D 215 -3.82 53.25 5.94
C ARG D 215 -3.63 54.18 4.75
N GLN D 216 -4.05 53.73 3.57
CA GLN D 216 -3.71 54.45 2.36
C GLN D 216 -4.61 55.67 2.18
N GLN D 217 -4.36 56.40 1.09
CA GLN D 217 -5.14 57.59 0.76
C GLN D 217 -6.63 57.29 0.61
N ASP D 218 -7.00 56.03 0.33
CA ASP D 218 -8.35 55.65 -0.08
C ASP D 218 -9.17 55.01 1.03
N GLY D 219 -8.56 54.61 2.15
CA GLY D 219 -9.18 53.68 3.07
C GLY D 219 -8.76 52.25 2.86
N SER D 220 -7.98 51.99 1.81
CA SER D 220 -7.30 50.71 1.62
C SER D 220 -6.08 50.68 2.55
N VAL D 221 -5.25 49.65 2.42
CA VAL D 221 -4.04 49.52 3.24
C VAL D 221 -2.91 48.99 2.37
N ARG D 222 -1.73 49.57 2.52
CA ARG D 222 -0.53 48.98 1.96
C ARG D 222 0.27 48.32 3.08
N GLY D 223 0.60 47.05 2.89
CA GLY D 223 1.25 46.26 3.91
C GLY D 223 0.23 45.38 4.62
N ASP D 224 0.42 45.16 5.92
CA ASP D 224 -0.41 44.22 6.62
C ASP D 224 -1.53 44.95 7.34
N PRO D 225 -2.79 44.79 6.93
CA PRO D 225 -3.89 45.49 7.62
C PRO D 225 -4.03 45.15 9.09
N ALA D 226 -3.54 43.99 9.53
CA ALA D 226 -3.59 43.64 10.93
C ALA D 226 -2.84 44.63 11.81
N ASN D 227 -1.90 45.38 11.24
CA ASN D 227 -0.98 46.21 12.00
C ASN D 227 -1.19 47.70 11.72
N VAL D 228 -2.37 48.09 11.25
CA VAL D 228 -2.64 49.50 10.99
C VAL D 228 -2.52 50.33 12.27
N GLU D 229 -3.08 49.81 13.36
CA GLU D 229 -3.12 50.61 14.59
C GLU D 229 -1.72 50.79 15.16
N ILE D 230 -0.95 49.70 15.24
CA ILE D 230 0.39 49.82 15.80
C ILE D 230 1.30 50.61 14.87
N THR D 231 1.09 50.49 13.55
CA THR D 231 1.84 51.32 12.62
C THR D 231 1.59 52.80 12.86
N GLU D 232 0.34 53.18 13.11
CA GLU D 232 0.04 54.59 13.32
C GLU D 232 0.57 55.07 14.67
N LEU D 233 0.64 54.16 15.66
CA LEU D 233 1.29 54.51 16.91
C LEU D 233 2.78 54.73 16.71
N CYS D 234 3.42 53.88 15.90
CA CYS D 234 4.85 54.07 15.63
C CYS D 234 5.11 55.42 14.95
N ILE D 235 4.29 55.77 13.96
CA ILE D 235 4.44 57.07 13.29
C ILE D 235 4.30 58.19 14.31
N GLN D 236 3.17 58.18 15.01
CA GLN D 236 2.84 59.17 16.03
C GLN D 236 3.94 59.30 17.09
N HIS D 237 4.75 58.27 17.28
CA HIS D 237 5.87 58.30 18.23
C HIS D 237 7.21 58.51 17.54
N GLY D 238 7.21 59.12 16.35
CA GLY D 238 8.43 59.59 15.73
C GLY D 238 9.06 58.66 14.70
N TRP D 239 8.46 57.50 14.43
CA TRP D 239 9.05 56.61 13.44
C TRP D 239 8.87 57.19 12.04
N THR D 240 9.97 57.21 11.29
CA THR D 240 9.88 57.60 9.89
C THR D 240 9.41 56.39 9.09
N PRO D 241 8.21 56.45 8.51
CA PRO D 241 7.63 55.25 7.91
C PRO D 241 8.28 54.92 6.58
N GLY D 242 7.91 53.75 6.06
CA GLY D 242 8.19 53.38 4.71
C GLY D 242 6.97 53.44 3.82
N ASN D 243 7.07 52.81 2.66
CA ASN D 243 5.91 52.64 1.80
C ASN D 243 5.95 51.28 1.10
N GLY D 244 6.55 50.28 1.74
CA GLY D 244 6.53 48.94 1.21
C GLY D 244 5.43 48.11 1.84
N ARG D 245 5.26 46.91 1.29
CA ARG D 245 4.31 45.96 1.83
C ARG D 245 4.88 45.14 2.98
N PHE D 246 6.20 45.11 3.14
CA PHE D 246 6.88 44.28 4.13
C PHE D 246 7.91 45.08 4.91
N ASP D 247 7.51 46.25 5.41
CA ASP D 247 8.39 47.07 6.25
C ASP D 247 8.28 46.59 7.69
N VAL D 248 9.41 46.15 8.25
CA VAL D 248 9.41 45.70 9.64
C VAL D 248 9.17 46.89 10.55
N LEU D 249 8.23 46.75 11.49
CA LEU D 249 7.93 47.85 12.39
C LEU D 249 9.00 48.00 13.47
N PRO D 250 9.21 49.22 13.97
CA PRO D 250 10.01 49.39 15.19
C PRO D 250 9.24 48.86 16.39
N LEU D 251 9.95 48.64 17.48
CA LEU D 251 9.31 48.26 18.72
C LEU D 251 9.00 49.50 19.54
N LEU D 252 7.79 49.54 20.11
CA LEU D 252 7.40 50.54 21.09
C LEU D 252 7.44 49.83 22.43
N LEU D 253 8.42 50.23 23.26
CA LEU D 253 8.68 49.57 24.53
C LEU D 253 8.34 50.52 25.67
N GLN D 254 7.61 50.00 26.64
CA GLN D 254 7.09 50.78 27.75
C GLN D 254 7.77 50.28 29.02
N ALA D 255 8.59 51.13 29.60
CA ALA D 255 9.05 50.89 30.95
C ALA D 255 8.03 51.47 31.94
N PRO D 256 8.07 51.04 33.21
CA PRO D 256 7.10 51.55 34.19
C PRO D 256 7.03 53.07 34.20
N ASP D 257 5.80 53.57 34.00
CA ASP D 257 5.43 54.98 34.24
C ASP D 257 6.13 55.92 33.27
N GLU D 258 6.39 55.43 32.08
CA GLU D 258 7.01 56.16 30.99
C GLU D 258 6.15 55.97 29.76
N PRO D 259 6.04 56.97 28.91
CA PRO D 259 5.47 56.74 27.59
C PRO D 259 6.32 55.74 26.83
N PRO D 260 5.77 55.08 25.82
CA PRO D 260 6.57 54.12 25.07
C PRO D 260 7.76 54.79 24.41
N GLU D 261 8.84 54.02 24.27
CA GLU D 261 10.03 54.44 23.55
C GLU D 261 10.17 53.59 22.30
N LEU D 262 10.57 54.23 21.20
CA LEU D 262 10.76 53.59 19.91
C LEU D 262 12.15 52.99 19.76
N PHE D 263 12.23 51.76 19.27
CA PHE D 263 13.49 51.07 19.02
C PHE D 263 13.44 50.34 17.69
N LEU D 264 14.39 50.62 16.81
CA LEU D 264 14.48 49.93 15.53
C LEU D 264 15.21 48.61 15.71
N LEU D 265 14.60 47.53 15.22
CA LEU D 265 15.32 46.27 15.20
C LEU D 265 16.43 46.33 14.15
N PRO D 266 17.63 45.87 14.49
CA PRO D 266 18.69 45.78 13.47
C PRO D 266 18.23 44.87 12.34
N PRO D 267 18.31 45.34 11.10
CA PRO D 267 17.89 44.49 9.97
C PRO D 267 18.49 43.09 10.01
N GLU D 268 19.75 42.96 10.44
CA GLU D 268 20.41 41.66 10.46
C GLU D 268 19.87 40.73 11.54
N LEU D 269 19.07 41.25 12.46
CA LEU D 269 18.47 40.46 13.51
C LEU D 269 17.11 39.86 13.09
N VAL D 270 16.50 40.41 12.04
CA VAL D 270 15.15 40.01 11.61
C VAL D 270 15.32 39.13 10.37
N LEU D 271 15.34 37.82 10.59
CA LEU D 271 15.50 36.90 9.48
C LEU D 271 14.20 36.83 8.70
N GLU D 272 14.29 36.89 7.39
CA GLU D 272 13.13 36.90 6.53
C GLU D 272 13.31 35.86 5.44
N VAL D 273 12.19 35.37 4.92
CA VAL D 273 12.19 34.34 3.90
C VAL D 273 11.50 34.92 2.68
N PRO D 274 12.20 35.13 1.57
CA PRO D 274 11.52 35.44 0.31
C PRO D 274 10.68 34.25 -0.10
N LEU D 275 9.49 34.53 -0.61
CA LEU D 275 8.57 33.45 -0.99
C LEU D 275 8.73 33.15 -2.47
N GLU D 276 8.98 31.89 -2.78
CA GLU D 276 8.98 31.40 -4.14
C GLU D 276 8.24 30.07 -4.13
N HIS D 277 7.87 29.62 -5.33
CA HIS D 277 7.14 28.37 -5.43
C HIS D 277 8.00 27.34 -6.17
N PRO D 278 7.97 26.07 -5.76
CA PRO D 278 8.93 25.13 -6.35
C PRO D 278 8.69 24.88 -7.82
N THR D 279 7.46 25.02 -8.30
CA THR D 279 7.22 24.85 -9.71
C THR D 279 6.58 26.05 -10.40
N LEU D 280 6.03 27.01 -9.68
CA LEU D 280 5.43 28.20 -10.33
C LEU D 280 6.42 29.35 -10.23
N GLU D 281 7.25 29.51 -11.27
CA GLU D 281 8.36 30.45 -11.24
C GLU D 281 7.90 31.90 -11.21
N TRP D 282 6.72 32.20 -11.73
CA TRP D 282 6.22 33.58 -11.61
C TRP D 282 5.92 33.96 -10.17
N PHE D 283 5.70 32.98 -9.30
CA PHE D 283 5.33 33.28 -7.91
C PHE D 283 6.37 34.19 -7.26
N ALA D 284 7.64 33.98 -7.59
CA ALA D 284 8.69 34.81 -7.00
C ALA D 284 8.51 36.27 -7.35
N ALA D 285 7.88 36.57 -8.49
CA ALA D 285 7.73 37.96 -8.92
C ALA D 285 6.64 38.67 -8.13
N LEU D 286 5.79 37.93 -7.40
CA LEU D 286 4.86 38.57 -6.47
C LEU D 286 5.60 39.40 -5.42
N GLY D 287 6.87 39.10 -5.17
CA GLY D 287 7.62 39.85 -4.17
C GLY D 287 7.16 39.60 -2.76
N LEU D 288 6.67 38.41 -2.47
CA LEU D 288 6.18 38.12 -1.14
C LEU D 288 7.33 37.65 -0.26
N ARG D 289 7.19 37.91 1.03
CA ARG D 289 8.17 37.43 1.98
C ARG D 289 7.47 37.31 3.33
N TRP D 290 8.03 36.49 4.20
CA TRP D 290 7.57 36.51 5.58
C TRP D 290 8.79 36.38 6.49
N TYR D 291 8.58 36.64 7.77
CA TYR D 291 9.70 36.61 8.68
C TYR D 291 9.82 35.26 9.36
N ALA D 292 11.03 34.98 9.86
CA ALA D 292 11.31 33.66 10.41
C ALA D 292 10.57 33.44 11.73
N LEU D 293 10.49 34.47 12.56
CA LEU D 293 10.27 34.29 13.99
C LEU D 293 8.89 34.75 14.44
N PRO D 294 7.98 33.84 14.81
CA PRO D 294 6.70 34.25 15.40
C PRO D 294 6.93 34.49 16.89
N ALA D 295 6.83 35.74 17.31
CA ALA D 295 7.20 36.09 18.69
C ALA D 295 6.10 36.98 19.26
N VAL D 296 5.17 36.36 20.00
CA VAL D 296 4.05 37.10 20.56
C VAL D 296 4.54 37.89 21.76
N SER D 297 4.24 39.19 21.77
CA SER D 297 4.80 40.12 22.74
C SER D 297 3.77 40.89 23.54
N ASN D 298 2.47 40.65 23.33
CA ASN D 298 1.44 41.43 23.99
C ASN D 298 0.59 40.62 24.97
N MET D 299 0.94 39.36 25.25
CA MET D 299 0.13 38.62 26.21
C MET D 299 0.74 38.68 27.61
N LEU D 300 -0.11 38.45 28.60
CA LEU D 300 0.29 38.50 30.01
C LEU D 300 0.55 37.08 30.50
N LEU D 301 1.67 36.89 31.16
CA LEU D 301 2.01 35.59 31.72
C LEU D 301 1.64 35.62 33.20
N GLU D 302 0.82 34.67 33.63
CA GLU D 302 0.36 34.58 35.01
C GLU D 302 0.89 33.29 35.62
N ILE D 303 1.65 33.40 36.70
CA ILE D 303 2.22 32.25 37.40
C ILE D 303 1.95 32.45 38.89
N GLY D 304 1.29 31.48 39.51
CA GLY D 304 1.07 31.54 40.95
C GLY D 304 0.43 32.83 41.44
N GLY D 305 -0.48 33.40 40.66
CA GLY D 305 -1.09 34.68 41.01
C GLY D 305 -0.25 35.89 40.69
N LEU D 306 1.03 35.72 40.36
CA LEU D 306 1.84 36.84 39.89
C LEU D 306 1.57 37.06 38.41
N GLU D 307 1.66 38.31 37.99
CA GLU D 307 1.35 38.67 36.61
C GLU D 307 2.55 39.34 36.00
N PHE D 308 2.91 38.90 34.81
CA PHE D 308 4.04 39.45 34.06
C PHE D 308 3.44 40.02 32.78
N PRO D 309 3.14 41.32 32.74
CA PRO D 309 2.50 41.90 31.54
C PRO D 309 3.41 41.95 30.34
N ALA D 310 4.72 41.81 30.51
CA ALA D 310 5.64 41.74 29.39
C ALA D 310 6.43 40.44 29.51
N ALA D 311 6.13 39.49 28.63
CA ALA D 311 6.87 38.24 28.60
C ALA D 311 6.82 37.70 27.18
N PRO D 312 7.49 38.32 26.20
CA PRO D 312 7.36 37.84 24.80
C PRO D 312 7.89 36.42 24.68
N PHE D 313 7.16 35.61 23.92
CA PHE D 313 7.55 34.22 23.73
C PHE D 313 7.57 33.90 22.23
N SER D 314 8.39 32.95 21.85
CA SER D 314 8.47 32.66 20.43
C SER D 314 8.71 31.18 20.21
N GLY D 315 8.29 30.70 19.04
CA GLY D 315 8.58 29.34 18.64
C GLY D 315 8.98 29.35 17.19
N TRP D 316 8.27 28.58 16.39
CA TRP D 316 8.42 28.61 14.95
C TRP D 316 7.04 28.50 14.33
N TYR D 317 6.97 28.82 13.05
CA TYR D 317 5.69 28.93 12.39
C TYR D 317 5.14 27.59 12.02
N MET D 318 3.81 27.47 12.06
CA MET D 318 3.10 26.47 11.28
C MET D 318 2.71 27.10 9.95
N SER D 319 2.94 26.40 8.83
CA SER D 319 2.90 27.08 7.54
C SER D 319 1.54 27.70 7.26
N THR D 320 0.45 27.09 7.75
CA THR D 320 -0.85 27.67 7.45
C THR D 320 -1.02 29.05 8.05
N GLU D 321 -0.30 29.39 9.13
CA GLU D 321 -0.44 30.74 9.66
C GLU D 321 -0.02 31.76 8.62
N ILE D 322 1.08 31.49 7.91
CA ILE D 322 1.54 32.38 6.87
C ILE D 322 0.73 32.18 5.60
N GLY D 323 0.69 30.94 5.12
CA GLY D 323 0.18 30.70 3.77
C GLY D 323 -1.32 30.94 3.67
N THR D 324 -2.06 30.51 4.68
CA THR D 324 -3.50 30.62 4.63
C THR D 324 -4.01 31.89 5.31
N ARG D 325 -3.64 32.10 6.58
CA ARG D 325 -4.25 33.23 7.27
C ARG D 325 -3.61 34.55 6.85
N ASN D 326 -2.28 34.67 6.98
CA ASN D 326 -1.67 35.98 6.76
C ASN D 326 -1.71 36.39 5.29
N LEU D 327 -1.56 35.43 4.38
CA LEU D 327 -1.54 35.82 2.98
C LEU D 327 -2.90 35.74 2.29
N CYS D 328 -3.80 34.85 2.73
CA CYS D 328 -5.08 34.65 2.04
C CYS D 328 -6.31 35.16 2.78
N ASP D 329 -6.19 35.55 4.05
CA ASP D 329 -7.34 36.18 4.69
C ASP D 329 -7.71 37.41 3.89
N PRO D 330 -9.00 37.62 3.60
CA PRO D 330 -9.41 38.80 2.83
C PRO D 330 -9.01 40.11 3.49
N HIS D 331 -9.01 40.15 4.82
CA HIS D 331 -8.63 41.33 5.60
C HIS D 331 -7.15 41.35 5.94
N ARG D 332 -6.35 40.51 5.29
CA ARG D 332 -4.91 40.59 5.44
C ARG D 332 -4.30 40.88 4.08
N TYR D 333 -3.31 40.10 3.66
CA TYR D 333 -2.66 40.44 2.40
C TYR D 333 -3.51 40.08 1.20
N ASN D 334 -4.45 39.15 1.37
CA ASN D 334 -5.53 38.96 0.41
C ASN D 334 -4.99 38.70 -1.00
N ILE D 335 -4.05 37.75 -1.12
CA ILE D 335 -3.44 37.47 -2.42
C ILE D 335 -4.12 36.34 -3.19
N LEU D 336 -5.18 35.75 -2.64
CA LEU D 336 -5.73 34.50 -3.18
C LEU D 336 -6.15 34.67 -4.63
N GLU D 337 -6.96 35.69 -4.91
CA GLU D 337 -7.49 35.86 -6.26
C GLU D 337 -6.36 36.14 -7.24
N ASP D 338 -5.37 36.93 -6.82
CA ASP D 338 -4.26 37.24 -7.72
C ASP D 338 -3.48 35.99 -8.11
N VAL D 339 -3.19 35.12 -7.13
CA VAL D 339 -2.48 33.88 -7.40
C VAL D 339 -3.31 32.96 -8.29
N ALA D 340 -4.61 32.88 -8.00
CA ALA D 340 -5.49 32.03 -8.82
C ALA D 340 -5.48 32.46 -10.27
N VAL D 341 -5.58 33.77 -10.51
CA VAL D 341 -5.53 34.29 -11.88
C VAL D 341 -4.20 33.96 -12.53
N CYS D 342 -3.11 34.13 -11.80
CA CYS D 342 -1.80 33.78 -12.35
C CYS D 342 -1.68 32.29 -12.64
N MET D 343 -2.38 31.46 -11.87
CA MET D 343 -2.42 30.02 -12.12
C MET D 343 -3.33 29.66 -13.28
N ASP D 344 -3.97 30.67 -13.88
CA ASP D 344 -4.91 30.46 -14.98
C ASP D 344 -6.10 29.61 -14.56
N LEU D 345 -6.56 29.80 -13.32
CA LEU D 345 -7.74 29.14 -12.83
C LEU D 345 -8.99 29.94 -13.17
N ASP D 346 -10.12 29.26 -13.22
CA ASP D 346 -11.38 29.91 -13.57
C ASP D 346 -11.98 30.53 -12.31
N THR D 347 -11.70 31.81 -12.10
CA THR D 347 -12.10 32.48 -10.86
C THR D 347 -13.52 33.02 -10.90
N ARG D 348 -14.33 32.64 -11.89
CA ARG D 348 -15.67 33.21 -12.02
C ARG D 348 -16.77 32.22 -11.70
N THR D 349 -16.42 31.02 -11.24
CA THR D 349 -17.37 30.16 -10.54
C THR D 349 -16.66 29.56 -9.33
N THR D 350 -17.35 29.54 -8.19
CA THR D 350 -16.78 28.94 -6.98
C THR D 350 -16.56 27.44 -7.18
N SER D 351 -17.35 26.80 -8.03
CA SER D 351 -17.31 25.35 -8.05
C SER D 351 -16.07 24.80 -8.74
N SER D 352 -15.27 25.64 -9.38
CA SER D 352 -13.97 25.17 -9.83
C SER D 352 -13.01 24.96 -8.67
N LEU D 353 -13.37 25.46 -7.49
CA LEU D 353 -12.51 25.36 -6.31
C LEU D 353 -11.18 26.04 -6.56
N TRP D 354 -11.22 27.15 -7.29
CA TRP D 354 -10.00 27.90 -7.54
C TRP D 354 -9.42 28.44 -6.24
N LYS D 355 -10.28 28.84 -5.30
CA LYS D 355 -9.76 29.31 -4.01
C LYS D 355 -8.96 28.22 -3.32
N ASP D 356 -9.52 27.01 -3.25
CA ASP D 356 -8.82 25.92 -2.58
C ASP D 356 -7.50 25.62 -3.28
N LYS D 357 -7.48 25.69 -4.61
CA LYS D 357 -6.27 25.33 -5.36
C LYS D 357 -5.18 26.39 -5.22
N ALA D 358 -5.55 27.67 -5.30
CA ALA D 358 -4.55 28.71 -5.11
C ALA D 358 -4.02 28.68 -3.69
N ALA D 359 -4.91 28.50 -2.72
CA ALA D 359 -4.47 28.49 -1.32
C ALA D 359 -3.50 27.35 -1.05
N VAL D 360 -3.78 26.17 -1.59
CA VAL D 360 -2.83 25.07 -1.40
C VAL D 360 -1.48 25.42 -1.99
N GLU D 361 -1.45 26.03 -3.19
CA GLU D 361 -0.13 26.36 -3.76
C GLU D 361 0.59 27.46 -2.98
N ILE D 362 -0.16 28.40 -2.38
CA ILE D 362 0.49 29.41 -1.56
C ILE D 362 1.13 28.76 -0.34
N ASN D 363 0.44 27.77 0.25
CA ASN D 363 1.01 27.04 1.37
C ASN D 363 2.21 26.21 0.96
N VAL D 364 2.15 25.59 -0.21
CA VAL D 364 3.32 24.92 -0.76
C VAL D 364 4.48 25.90 -0.89
N ALA D 365 4.21 27.09 -1.46
CA ALA D 365 5.29 28.05 -1.63
C ALA D 365 5.93 28.39 -0.27
N VAL D 366 5.11 28.63 0.75
CA VAL D 366 5.65 28.99 2.07
C VAL D 366 6.55 27.88 2.59
N LEU D 367 6.03 26.64 2.59
CA LEU D 367 6.82 25.50 3.03
C LEU D 367 8.08 25.36 2.20
N HIS D 368 7.95 25.42 0.89
CA HIS D 368 9.14 25.29 0.05
C HIS D 368 10.17 26.37 0.37
N SER D 369 9.70 27.61 0.57
CA SER D 369 10.61 28.73 0.71
C SER D 369 11.32 28.72 2.06
N TYR D 370 10.62 28.32 3.13
CA TYR D 370 11.29 28.23 4.43
C TYR D 370 12.28 27.07 4.44
N GLN D 371 11.93 25.95 3.80
CA GLN D 371 12.88 24.84 3.71
C GLN D 371 14.10 25.24 2.89
N LEU D 372 13.88 25.89 1.76
CA LEU D 372 14.99 26.40 0.94
C LEU D 372 15.89 27.30 1.76
N ALA D 373 15.29 28.22 2.51
CA ALA D 373 16.05 29.16 3.33
C ALA D 373 16.62 28.54 4.59
N LYS D 374 16.29 27.28 4.88
CA LYS D 374 16.74 26.60 6.11
C LYS D 374 16.25 27.35 7.36
N VAL D 375 15.00 27.77 7.31
CA VAL D 375 14.29 28.33 8.47
C VAL D 375 13.26 27.32 8.89
N THR D 376 13.30 26.93 10.17
CA THR D 376 12.35 25.99 10.74
C THR D 376 10.92 26.36 10.39
N ILE D 377 10.15 25.37 9.94
CA ILE D 377 8.72 25.56 9.74
C ILE D 377 8.09 24.18 9.85
N VAL D 378 6.82 24.14 10.26
CA VAL D 378 6.12 22.87 10.34
C VAL D 378 4.83 23.00 9.53
N ASP D 379 4.52 21.98 8.71
CA ASP D 379 3.25 22.03 8.01
C ASP D 379 2.14 21.58 8.96
N HIS D 380 0.89 21.81 8.53
CA HIS D 380 -0.23 21.55 9.42
C HIS D 380 -0.48 20.05 9.62
N HIS D 381 -0.03 19.21 8.68
CA HIS D 381 -0.15 17.76 8.89
C HIS D 381 0.80 17.30 9.99
N ALA D 382 2.06 17.72 9.90
CA ALA D 382 3.02 17.29 10.91
C ALA D 382 2.63 17.87 12.26
N ALA D 383 2.23 19.15 12.27
CA ALA D 383 1.93 19.83 13.54
C ALA D 383 0.74 19.20 14.23
N THR D 384 -0.32 18.87 13.50
CA THR D 384 -1.47 18.25 14.16
C THR D 384 -1.18 16.80 14.53
N ALA D 385 -0.35 16.11 13.75
CA ALA D 385 0.06 14.77 14.18
C ALA D 385 0.84 14.85 15.50
N SER D 386 1.70 15.84 15.64
CA SER D 386 2.46 15.96 16.89
C SER D 386 1.54 16.36 18.03
N PHE D 387 0.53 17.17 17.74
CA PHE D 387 -0.41 17.54 18.79
C PHE D 387 -1.22 16.34 19.28
N MET D 388 -1.54 15.40 18.40
CA MET D 388 -2.19 14.17 18.84
C MET D 388 -1.30 13.41 19.81
N LYS D 389 0.00 13.33 19.52
CA LYS D 389 0.91 12.68 20.45
C LYS D 389 0.95 13.45 21.77
N HIS D 390 0.90 14.78 21.70
CA HIS D 390 0.83 15.60 22.91
C HIS D 390 -0.42 15.28 23.72
N LEU D 391 -1.59 15.23 23.06
CA LEU D 391 -2.80 14.87 23.80
C LEU D 391 -2.63 13.53 24.48
N GLU D 392 -2.04 12.57 23.77
CA GLU D 392 -1.82 11.26 24.36
C GLU D 392 -0.87 11.34 25.55
N ASN D 393 0.20 12.13 25.43
CA ASN D 393 1.12 12.30 26.56
C ASN D 393 0.40 12.89 27.76
N GLU D 394 -0.42 13.92 27.50
CA GLU D 394 -1.07 14.67 28.56
C GLU D 394 -2.17 13.85 29.23
N GLN D 395 -2.87 13.03 28.46
CA GLN D 395 -3.84 12.12 29.07
C GLN D 395 -3.16 11.26 30.13
N LYS D 396 -2.00 10.67 29.79
CA LYS D 396 -1.24 9.88 30.75
C LYS D 396 -0.75 10.74 31.91
N ALA D 397 -0.14 11.89 31.60
CA ALA D 397 0.55 12.66 32.63
C ALA D 397 -0.42 13.39 33.55
N ARG D 398 -1.53 13.89 33.02
CA ARG D 398 -2.40 14.78 33.77
C ARG D 398 -3.87 14.39 33.70
N GLY D 399 -4.23 13.40 32.89
CA GLY D 399 -5.62 13.04 32.77
C GLY D 399 -6.42 13.98 31.91
N GLY D 400 -5.77 14.71 31.02
CA GLY D 400 -6.48 15.56 30.10
C GLY D 400 -5.58 16.66 29.58
N CYS D 401 -6.16 17.49 28.73
CA CYS D 401 -5.41 18.57 28.08
C CYS D 401 -6.38 19.63 27.59
N PRO D 402 -6.28 20.86 28.07
CA PRO D 402 -7.17 21.91 27.57
C PRO D 402 -6.84 22.24 26.13
N ALA D 403 -7.85 22.20 25.27
CA ALA D 403 -7.64 22.30 23.84
C ALA D 403 -8.88 22.93 23.24
N ASP D 404 -8.65 23.92 22.41
CA ASP D 404 -9.69 24.71 21.77
C ASP D 404 -9.77 24.20 20.32
N TRP D 405 -10.76 23.35 20.05
CA TRP D 405 -10.84 22.66 18.76
C TRP D 405 -10.76 23.64 17.58
N ALA D 406 -11.52 24.73 17.66
CA ALA D 406 -11.60 25.67 16.55
C ALA D 406 -10.24 26.26 16.21
N TRP D 407 -9.33 26.34 17.19
CA TRP D 407 -8.01 26.90 16.95
C TRP D 407 -6.98 25.82 16.65
N ILE D 408 -7.17 24.60 17.17
CA ILE D 408 -6.24 23.51 16.90
C ILE D 408 -6.40 22.99 15.46
N VAL D 409 -7.62 22.92 14.97
CA VAL D 409 -7.87 22.48 13.60
C VAL D 409 -7.35 23.56 12.65
N PRO D 410 -6.47 23.20 11.72
CA PRO D 410 -5.86 24.18 10.81
C PRO D 410 -6.91 24.81 9.91
N PRO D 411 -6.62 26.01 9.36
CA PRO D 411 -7.60 26.72 8.55
C PRO D 411 -7.79 26.17 7.14
N ILE D 412 -6.93 25.27 6.67
CA ILE D 412 -7.20 24.55 5.43
C ILE D 412 -7.11 23.07 5.76
N SER D 413 -7.85 22.28 5.01
CA SER D 413 -7.75 20.83 5.06
C SER D 413 -8.06 20.27 6.45
N GLY D 414 -8.97 20.93 7.17
CA GLY D 414 -9.22 20.56 8.56
C GLY D 414 -9.44 19.07 8.77
N SER D 415 -10.37 18.49 8.03
CA SER D 415 -10.64 17.09 8.32
C SER D 415 -9.60 16.15 7.75
N LEU D 416 -8.64 16.66 6.98
CA LEU D 416 -7.51 15.81 6.59
C LEU D 416 -6.51 15.67 7.71
N THR D 417 -6.70 16.39 8.81
CA THR D 417 -5.77 16.25 9.90
C THR D 417 -6.44 15.48 11.03
N PRO D 418 -5.65 14.79 11.87
CA PRO D 418 -6.27 13.92 12.87
C PRO D 418 -6.94 14.69 13.99
N VAL D 419 -6.57 15.96 14.22
CA VAL D 419 -7.21 16.68 15.32
C VAL D 419 -8.66 16.99 15.01
N PHE D 420 -9.02 17.06 13.73
CA PHE D 420 -10.40 17.35 13.38
C PHE D 420 -11.34 16.31 13.98
N HIS D 421 -10.91 15.06 13.99
CA HIS D 421 -11.72 13.94 14.44
C HIS D 421 -11.59 13.70 15.93
N GLN D 422 -10.86 14.57 16.63
CA GLN D 422 -10.62 14.42 18.05
C GLN D 422 -11.49 15.41 18.81
N GLU D 423 -12.41 14.89 19.61
CA GLU D 423 -13.15 15.75 20.51
C GLU D 423 -12.20 16.33 21.55
N MET D 424 -12.50 17.57 21.96
CA MET D 424 -11.61 18.31 22.84
C MET D 424 -12.42 19.02 23.92
N VAL D 425 -11.78 19.22 25.07
CA VAL D 425 -12.39 19.92 26.19
C VAL D 425 -11.57 21.18 26.39
N ASN D 426 -12.25 22.32 26.39
CA ASN D 426 -11.55 23.59 26.54
C ASN D 426 -11.79 24.13 27.95
N TYR D 427 -10.70 24.50 28.63
CA TYR D 427 -10.80 25.04 29.98
C TYR D 427 -9.51 25.78 30.31
N PHE D 428 -9.57 26.55 31.38
CA PHE D 428 -8.48 27.44 31.73
C PHE D 428 -7.75 26.87 32.94
N LEU D 429 -6.48 26.55 32.75
CA LEU D 429 -5.59 26.23 33.85
C LEU D 429 -4.56 27.34 34.01
N SER D 430 -3.97 27.37 35.20
CA SER D 430 -2.91 28.29 35.53
C SER D 430 -1.68 27.49 35.98
N PRO D 431 -0.46 27.94 35.65
CA PRO D 431 0.00 29.12 34.91
C PRO D 431 -0.61 29.25 33.51
N ALA D 432 -0.71 30.48 33.00
CA ALA D 432 -1.46 30.73 31.78
C ALA D 432 -0.89 31.95 31.10
N PHE D 433 -0.94 31.91 29.78
CA PHE D 433 -0.87 33.12 28.98
C PHE D 433 -2.27 33.66 28.77
N ARG D 434 -2.42 34.95 28.97
CA ARG D 434 -3.71 35.62 28.92
C ARG D 434 -3.61 36.82 28.01
N TYR D 435 -4.67 37.10 27.27
CA TYR D 435 -4.79 38.39 26.64
C TYR D 435 -5.01 39.47 27.69
N GLN D 436 -4.60 40.68 27.34
CA GLN D 436 -4.74 41.82 28.23
C GLN D 436 -5.06 43.03 27.36
N PRO D 437 -5.66 44.07 27.93
CA PRO D 437 -5.99 45.24 27.13
C PRO D 437 -4.74 45.87 26.55
N ASP D 438 -4.92 46.50 25.40
CA ASP D 438 -3.83 47.25 24.80
C ASP D 438 -3.48 48.43 25.69
N PRO D 439 -2.19 48.72 25.88
CA PRO D 439 -1.80 49.70 26.90
C PRO D 439 -2.19 51.13 26.58
N TRP D 440 -2.58 51.41 25.34
CA TRP D 440 -3.00 52.75 24.95
C TRP D 440 -4.52 52.88 25.00
CHA HEM E . 26.51 -23.66 -6.48
CHB HEM E . 26.13 -18.95 -5.23
CHC HEM E . 30.93 -18.81 -4.65
CHD HEM E . 31.34 -23.34 -6.36
C1A HEM E . 25.99 -22.43 -6.10
C2A HEM E . 24.59 -22.13 -5.87
C3A HEM E . 24.50 -20.83 -5.53
C4A HEM E . 25.82 -20.26 -5.53
CMA HEM E . 23.22 -20.06 -5.18
CAA HEM E . 23.41 -23.11 -5.98
CBA HEM E . 23.52 -24.11 -4.83
CGA HEM E . 22.16 -24.57 -4.39
O1A HEM E . 21.16 -23.83 -4.56
O2A HEM E . 22.07 -25.70 -3.84
C1B HEM E . 27.40 -18.48 -4.94
C2B HEM E . 27.74 -17.17 -4.44
C3B HEM E . 29.08 -17.11 -4.28
C4B HEM E . 29.61 -18.41 -4.66
CMB HEM E . 26.73 -16.05 -4.15
CAB HEM E . 29.83 -15.86 -3.75
CBB HEM E . 31.15 -15.68 -3.88
C1C HEM E . 31.47 -20.04 -5.02
C2C HEM E . 32.84 -20.46 -4.86
C3C HEM E . 32.96 -21.72 -5.32
C4C HEM E . 31.66 -22.12 -5.80
CMC HEM E . 33.92 -19.55 -4.22
CAC HEM E . 34.20 -22.64 -5.42
CBC HEM E . 35.45 -22.21 -5.37
C1D HEM E . 30.07 -23.83 -6.56
C2D HEM E . 29.73 -25.12 -7.11
C3D HEM E . 28.39 -25.23 -7.14
C4D HEM E . 27.84 -23.99 -6.62
CMD HEM E . 30.78 -26.17 -7.56
CAD HEM E . 27.60 -26.44 -7.69
CBD HEM E . 27.86 -26.43 -9.19
CGD HEM E . 27.38 -27.67 -9.88
O1D HEM E . 27.24 -27.60 -11.13
O2D HEM E . 27.13 -28.72 -9.22
NA HEM E . 26.70 -21.26 -5.90
NB HEM E . 28.57 -19.21 -5.07
NC HEM E . 30.77 -21.09 -5.59
ND HEM E . 28.89 -23.16 -6.28
FE HEM E . 28.72 -21.10 -5.97
N1 H4B F . 18.36 -24.83 -8.12
C2 H4B F . 19.19 -24.55 -7.08
N2 H4B F . 19.90 -23.39 -7.09
N3 H4B F . 19.30 -25.39 -6.04
C4 H4B F . 18.59 -26.54 -6.00
O4 H4B F . 18.69 -27.34 -5.03
C4A H4B F . 17.75 -26.86 -7.06
C8A H4B F . 17.65 -25.97 -8.12
N5 H4B F . 17.03 -28.00 -7.05
N8 H4B F . 16.83 -26.27 -9.17
C6 H4B F . 16.62 -28.55 -8.32
C7 H4B F . 16.02 -27.48 -9.21
C9 H4B F . 15.68 -29.74 -8.08
O9 H4B F . 14.69 -29.44 -7.09
C10 H4B F . 14.96 -30.13 -9.37
C11 H4B F . 14.13 -31.39 -9.14
O10 H4B F . 15.93 -30.31 -10.41
C02 A1A0F G . 26.95 -20.28 -2.03
C03 A1A0F G . 28.34 -20.25 -2.10
C04 A1A0F G . 29.05 -21.43 -2.22
C05 A1A0F G . 28.37 -22.63 -2.25
C06 A1A0F G . 26.98 -22.62 -2.18
C07 A1A0F G . 30.55 -21.44 -2.30
C11 A1A0F G . 26.24 -23.91 -2.19
C12 A1A0F G . 25.19 -24.11 -1.31
C13 A1A0F G . 24.50 -25.31 -1.32
C14 A1A0F G . 24.87 -26.31 -2.22
C15 A1A0F G . 25.93 -26.11 -3.10
C16 A1A0F G . 26.61 -24.90 -3.09
C17 A1A0F G . 26.31 -27.20 -4.07
C21 A1A0F G . 23.35 -25.55 -0.37
C23 A1A0F G . 21.78 -23.70 -0.67
F18 A1A0F G . 27.49 -26.94 -4.63
F19 A1A0F G . 25.39 -27.31 -5.01
F20 A1A0F G . 26.41 -28.34 -3.40
N01 A1A0F G . 26.30 -21.47 -2.05
N02 A1A0F G . 26.24 -19.14 -1.91
N22 A1A0F G . 22.08 -25.11 -1.00
C1 BTB H . 1.43 -13.65 15.81
O1 BTB H . 0.89 -14.96 15.98
C2 BTB H . 0.31 -12.62 15.91
C3 BTB H . -0.50 -12.63 14.61
O3 BTB H . -1.85 -12.15 14.64
C4 BTB H . -0.51 -12.95 17.17
O4 BTB H . -1.91 -13.14 16.94
N BTB H . 0.98 -11.31 16.14
C5 BTB H . 1.61 -10.77 14.94
C6 BTB H . 1.52 -9.24 14.95
O6 BTB H . 0.16 -8.81 14.78
C7 BTB H . 1.90 -11.36 17.30
C8 BTB H . 1.60 -10.22 18.26
O8 BTB H . 0.23 -10.29 18.70
C1 BTB I . -5.83 -26.64 8.32
O1 BTB I . -6.08 -25.41 8.99
C2 BTB I . -4.60 -26.51 7.40
C3 BTB I . -3.55 -25.71 8.13
O3 BTB I . -2.25 -26.08 7.65
C4 BTB I . -4.07 -27.92 7.15
O4 BTB I . -2.65 -27.92 6.97
N BTB I . -4.93 -25.80 6.14
C5 BTB I . -6.38 -25.60 5.94
C6 BTB I . -6.65 -24.11 5.91
O6 BTB I . -5.79 -23.48 6.88
C7 BTB I . -4.38 -26.44 4.93
C8 BTB I . -3.49 -25.44 4.21
O8 BTB I . -2.83 -24.60 5.18
C1 BTB J . 44.99 -49.07 14.49
O1 BTB J . 44.23 -48.98 15.71
C2 BTB J . 44.85 -47.79 13.69
C3 BTB J . 43.40 -47.63 13.23
O3 BTB J . 42.56 -47.24 14.33
C4 BTB J . 45.24 -46.62 14.57
O4 BTB J . 44.88 -45.38 13.96
N BTB J . 45.69 -47.84 12.46
C5 BTB J . 45.72 -49.20 11.90
C6 BTB J . 45.92 -49.18 10.38
O6 BTB J . 45.08 -48.18 9.80
C7 BTB J . 47.05 -47.36 12.70
C8 BTB J . 47.37 -46.18 11.77
O8 BTB J . 46.79 -44.98 12.28
C1 GOL K . 54.08 -20.17 -2.32
O1 GOL K . 53.39 -19.03 -2.76
C2 GOL K . 53.18 -21.05 -1.47
O2 GOL K . 52.05 -20.34 -0.99
C3 GOL K . 53.96 -21.60 -0.28
O3 GOL K . 53.74 -22.98 -0.18
C1 GOL L . 5.10 -42.88 22.24
O1 GOL L . 4.52 -44.17 22.29
C2 GOL L . 5.21 -42.42 20.78
O2 GOL L . 5.40 -41.02 20.71
C3 GOL L . 3.95 -42.82 20.02
O3 GOL L . 4.30 -42.97 18.65
CL CL M . 23.02 -23.60 2.41
GD GD3 N . -1.48 -10.47 16.60
ZN ZN O . 18.86 -31.92 -21.50
C1 GOL P . -5.43 -14.31 10.02
O1 GOL P . -6.31 -13.26 9.65
C2 GOL P . -6.25 -15.50 9.60
O2 GOL P . -7.50 -14.91 9.71
C3 GOL P . -6.14 -16.67 10.56
O3 GOL P . -4.98 -17.43 10.28
CHA HEM Q . 1.47 -24.77 -22.49
CHB HEM Q . -1.57 -24.29 -18.77
CHC HEM Q . -5.14 -26.28 -21.41
CHD HEM Q . -1.85 -27.60 -24.70
C1A HEM Q . 0.92 -24.34 -21.31
C2A HEM Q . 1.50 -23.36 -20.40
C3A HEM Q . 0.64 -23.22 -19.37
C4A HEM Q . -0.48 -24.11 -19.59
CMA HEM Q . 0.82 -22.30 -18.15
CAA HEM Q . 2.82 -22.61 -20.63
CBA HEM Q . 2.48 -21.38 -21.43
CGA HEM Q . 3.58 -20.34 -21.38
O1A HEM Q . 4.17 -20.13 -20.30
O2A HEM Q . 3.80 -19.69 -22.44
C1B HEM Q . -2.81 -24.75 -19.15
C2B HEM Q . -4.02 -24.70 -18.38
C3B HEM Q . -5.01 -25.25 -19.08
C4B HEM Q . -4.46 -25.68 -20.36
CMB HEM Q . -4.16 -24.10 -16.96
CAB HEM Q . -6.46 -25.36 -18.55
CBB HEM Q . -7.36 -26.24 -19.03
C1C HEM Q . -4.57 -26.81 -22.55
C2C HEM Q . -5.27 -27.49 -23.63
C3C HEM Q . -4.37 -27.84 -24.55
C4C HEM Q . -3.06 -27.43 -24.07
CMC HEM Q . -6.82 -27.68 -23.63
CAC HEM Q . -4.55 -28.60 -25.88
CBC HEM Q . -5.61 -29.40 -26.10
C1D HEM Q . -0.70 -26.91 -24.39
C2D HEM Q . 0.49 -26.91 -25.19
C3D HEM Q . 1.40 -26.12 -24.61
C4D HEM Q . 0.84 -25.62 -23.38
CMD HEM Q . 0.68 -27.64 -26.53
CAD HEM Q . 2.82 -25.90 -25.18
CBD HEM Q . 3.51 -27.19 -24.72
CGD HEM Q . 4.83 -27.54 -25.34
O1D HEM Q . 5.32 -28.64 -24.93
O2D HEM Q . 5.41 -26.77 -26.18
NA HEM Q . -0.26 -24.76 -20.78
NB HEM Q . -3.11 -25.38 -20.35
NC HEM Q . -3.23 -26.79 -22.86
ND HEM Q . -0.45 -26.12 -23.27
FE HEM Q . -1.67 -26.02 -21.65
N1 H4B R . 8.17 -21.43 -18.76
C2 H4B R . 6.91 -21.11 -19.19
N2 H4B R . 5.81 -21.67 -18.61
N3 H4B R . 6.77 -20.23 -20.21
C4 H4B R . 7.84 -19.65 -20.80
O4 H4B R . 7.68 -18.82 -21.71
C4A H4B R . 9.11 -19.98 -20.36
C8A H4B R . 9.27 -20.89 -19.32
N5 H4B R . 10.19 -19.43 -20.93
N8 H4B R . 10.51 -21.24 -18.89
C6 H4B R . 11.47 -20.10 -20.81
C7 H4B R . 11.72 -20.62 -19.40
C9 H4B R . 12.59 -19.19 -21.35
O9 H4B R . 12.53 -17.87 -20.80
C10 H4B R . 13.96 -19.78 -21.05
C11 H4B R . 14.98 -19.06 -21.90
O10 H4B R . 13.94 -21.17 -21.42
C02 A1A0F S . -3.02 -21.75 -21.02
C03 A1A0F S . -3.92 -22.57 -21.71
C04 A1A0F S . -3.65 -22.92 -23.04
C05 A1A0F S . -2.52 -22.44 -23.64
C06 A1A0F S . -1.66 -21.62 -22.91
C07 A1A0F S . -4.57 -23.81 -23.84
C11 A1A0F S . -0.46 -21.11 -23.60
C12 A1A0F S . -0.11 -19.78 -23.47
C13 A1A0F S . 1.02 -19.29 -24.12
C14 A1A0F S . 1.76 -20.16 -24.91
C15 A1A0F S . 1.41 -21.49 -25.05
C16 A1A0F S . 0.29 -21.98 -24.39
C17 A1A0F S . 2.26 -22.39 -25.91
C21 A1A0F S . 1.49 -17.85 -23.98
C23 A1A0F S . 1.42 -17.75 -21.50
F18 A1A0F S . 1.52 -23.36 -26.45
F19 A1A0F S . 3.23 -22.92 -25.18
F20 A1A0F S . 2.80 -21.67 -26.87
N01 A1A0F S . -1.93 -21.28 -21.64
N02 A1A0F S . -3.24 -21.35 -19.74
N22 A1A0F S . 0.94 -17.17 -22.78
C1 BTB T . -8.77 -0.07 4.30
O1 BTB T . -10.17 -0.39 4.30
C2 BTB T . -8.17 -0.30 2.93
C3 BTB T . -7.06 -1.36 3.04
O3 BTB T . -6.64 -1.77 1.74
C4 BTB T . -9.22 -0.81 1.95
O4 BTB T . -8.65 -0.88 0.64
N BTB T . -7.62 0.98 2.39
C5 BTB T . -6.49 1.46 3.19
C6 BTB T . -5.23 1.43 2.34
O6 BTB T . -5.22 2.56 1.47
C7 BTB T . -8.64 2.03 2.16
C8 BTB T . -8.73 2.42 0.68
O8 BTB T . -7.45 2.79 0.13
C1 BTB U . -11.75 -16.79 -55.52
O1 BTB U . -12.46 -15.74 -54.82
C2 BTB U . -10.50 -17.20 -54.73
C3 BTB U . -10.15 -16.07 -53.80
O3 BTB U . -8.85 -15.60 -54.18
C4 BTB U . -10.80 -18.47 -53.92
O4 BTB U . -12.21 -18.72 -53.87
N BTB U . -9.31 -17.40 -55.60
C5 BTB U . -9.65 -17.39 -57.04
C6 BTB U . -8.62 -16.56 -57.81
O6 BTB U . -7.87 -15.74 -56.92
C7 BTB U . -8.55 -18.64 -55.30
C8 BTB U . -7.06 -18.30 -55.29
O8 BTB U . -7.01 -16.90 -55.03
C1 GOL V . 8.70 -17.72 -25.17
O1 GOL V . 8.75 -18.90 -24.41
C2 GOL V . 9.55 -16.68 -24.46
O2 GOL V . 9.76 -17.13 -23.13
C3 GOL V . 8.80 -15.36 -24.41
O3 GOL V . 9.59 -14.42 -23.72
CL CL W . -0.91 -15.47 -22.88
GD GD3 X . -6.29 0.36 0.19
C1 BTB Y . 2.84 7.08 3.26
O1 BTB Y . 1.65 6.67 2.59
C2 BTB Y . 3.64 5.87 3.74
C3 BTB Y . 4.91 5.78 2.91
O3 BTB Y . 4.94 6.83 1.93
C4 BTB Y . 4.10 6.11 5.19
O4 BTB Y . 3.27 7.11 5.80
N BTB Y . 2.84 4.61 3.64
C5 BTB Y . 2.19 4.30 4.92
C6 BTB Y . 0.74 4.74 4.83
O6 BTB Y . 0.48 4.93 3.43
C7 BTB Y . 3.67 3.47 3.23
C8 BTB Y . 2.85 2.19 3.32
O8 BTB Y . 1.59 2.41 2.68
GD GD3 Z . 0.94 6.74 -14.78
CHA HEM AA . -26.76 18.96 9.24
CHB HEM AA . -26.22 20.77 4.75
CHC HEM AA . -31.05 20.51 4.28
CHD HEM AA . -31.61 19.42 9.00
C1A HEM AA . -26.19 19.36 8.03
C2A HEM AA . -24.78 19.32 7.68
C3A HEM AA . -24.65 19.81 6.45
C4A HEM AA . -25.95 20.21 5.98
CMA HEM AA . -23.36 19.98 5.63
CAA HEM AA . -23.64 18.76 8.55
CBA HEM AA . -23.73 17.25 8.31
CGA HEM AA . -22.40 16.56 8.46
O1A HEM AA . -21.37 17.18 8.09
O2A HEM AA . -22.38 15.39 8.92
C1B HEM AA . -27.49 20.84 4.22
C2B HEM AA . -27.81 21.31 2.89
C3B HEM AA . -29.13 21.27 2.76
C4B HEM AA . -29.71 20.74 3.99
CMB HEM AA . -26.78 21.79 1.84
CAB HEM AA . -29.89 21.65 1.45
CBB HEM AA . -31.20 21.94 1.47
C1C HEM AA . -31.63 20.14 5.48
C2C HEM AA . -33.04 19.82 5.72
C3C HEM AA . -33.20 19.52 7.03
C4C HEM AA . -31.89 19.65 7.66
CMC HEM AA . -34.12 19.83 4.60
CAC HEM AA . -34.46 19.12 7.82
CBC HEM AA . -35.71 19.43 7.44
C1D HEM AA . -30.35 19.17 9.48
C2D HEM AA . -30.01 18.73 10.82
C3D HEM AA . -28.67 18.60 10.88
C4D HEM AA . -28.10 18.98 9.59
CMD HEM AA . -31.02 18.44 11.95
CAD HEM AA . -27.88 18.17 12.14
CBD HEM AA . -27.96 19.40 13.04
CGD HEM AA . -27.61 19.13 14.48
O1D HEM AA . -27.81 20.06 15.29
O2D HEM AA . -27.14 18.00 14.82
NA HEM AA . -26.86 19.92 6.97
NB HEM AA . -28.65 20.51 4.87
NC HEM AA . -30.98 20.02 6.69
ND HEM AA . -29.17 19.31 8.76
FE HEM AA . -28.90 20.24 6.92
N1 H4B BA . -18.50 19.32 10.97
C2 H4B BA . -19.42 18.74 10.14
N2 H4B BA . -20.07 19.49 9.21
N3 H4B BA . -19.69 17.42 10.24
C4 H4B BA . -19.06 16.65 11.16
O4 H4B BA . -19.29 15.43 11.26
C4A H4B BA . -18.13 17.23 12.00
C8A H4B BA . -17.85 18.59 11.89
N5 H4B BA . -17.50 16.47 12.90
N8 H4B BA . -16.95 19.15 12.72
C6 H4B BA . -16.96 17.11 14.07
C7 H4B BA . -16.18 18.37 13.68
C9 H4B BA . -16.12 16.12 14.86
O9 H4B BA . -15.12 15.48 14.06
C10 H4B BA . -15.40 16.85 15.96
C11 H4B BA . -14.59 15.86 16.77
O10 H4B BA . -16.41 17.51 16.73
C02 A1A0F CA . -27.22 17.41 3.87
C03 A1A0F CA . -28.62 17.50 3.90
C04 A1A0F CA . -29.31 16.85 4.90
C05 A1A0F CA . -28.63 16.13 5.86
C06 A1A0F CA . -27.25 16.07 5.81
C07 A1A0F CA . -30.82 16.91 4.95
C11 A1A0F CA . -26.52 15.28 6.84
C12 A1A0F CA . -25.51 14.40 6.47
C13 A1A0F CA . -24.85 13.67 7.45
C14 A1A0F CA . -25.21 13.82 8.79
C15 A1A0F CA . -26.23 14.70 9.16
C16 A1A0F CA . -26.88 15.42 8.17
C17 A1A0F CA . -26.65 14.90 10.60
C21 A1A0F CA . -23.75 12.72 7.07
C23 A1A0F CA . -22.10 14.12 5.95
F18 A1A0F CA . -27.84 15.47 10.63
F19 A1A0F CA . -25.79 15.68 11.22
F20 A1A0F CA . -26.71 13.74 11.25
N01 A1A0F CA . -26.57 16.70 4.82
N02 A1A0F CA . -26.52 18.03 2.89
N22 A1A0F CA . -22.42 13.37 7.18
C1 BTB DA . -1.98 5.63 -11.24
O1 BTB DA . -2.66 4.39 -11.37
C2 BTB DA . -0.90 5.80 -12.31
C3 BTB DA . 0.18 6.69 -11.68
O3 BTB DA . 0.98 7.46 -12.59
C4 BTB DA . -0.31 4.44 -12.62
O4 BTB DA . 0.89 4.48 -13.37
N BTB DA . -1.51 6.40 -13.53
C5 BTB DA . -2.15 7.68 -13.23
C6 BTB DA . -1.86 8.62 -14.40
O6 BTB DA . -0.49 9.04 -14.39
C7 BTB DA . -2.46 5.50 -14.24
C8 BTB DA . -1.96 5.22 -15.66
O8 BTB DA . -1.34 6.39 -16.22
C1 BTB EA . -47.30 -8.68 17.09
O1 BTB EA . -48.24 -7.61 17.21
C2 BTB EA . -47.80 -9.70 16.07
C3 BTB EA . -49.22 -10.13 16.41
O3 BTB EA . -50.18 -9.24 15.82
C4 BTB EA . -47.86 -9.07 14.67
O4 BTB EA . -48.71 -7.91 14.69
N BTB EA . -46.83 -10.84 16.12
C5 BTB EA . -45.94 -10.88 14.95
C6 BTB EA . -44.61 -10.21 15.27
O6 BTB EA . -43.95 -9.91 14.03
C7 BTB EA . -47.49 -12.15 16.29
C8 BTB EA . -47.20 -12.72 17.67
O8 BTB EA . -47.80 -11.88 18.69
C1 GOL FA . -53.11 18.93 2.96
O1 GOL FA . -54.01 19.80 3.61
C2 GOL FA . -53.48 17.51 3.35
O2 GOL FA . -54.36 17.58 4.45
C3 GOL FA . -52.26 16.70 3.75
O3 GOL FA . -52.70 15.54 4.44
C1 GOL GA . -22.12 40.39 2.52
O1 GOL GA . -23.05 41.32 1.99
C2 GOL GA . -20.74 41.05 2.66
O2 GOL GA . -19.80 40.09 3.10
C3 GOL GA . -20.80 42.19 3.66
O3 GOL GA . -19.58 42.90 3.62
C1 GOL HA . -49.65 -1.65 26.71
O1 GOL HA . -50.23 -0.40 27.05
C2 GOL HA . -48.21 -1.71 27.20
O2 GOL HA . -47.33 -1.54 26.12
C3 GOL HA . -47.94 -3.07 27.84
O3 GOL HA . -47.34 -3.92 26.88
CL CL IA . -23.56 11.76 4.00
ZN ZN JA . -18.81 25.85 24.89
CHA HEM KA . -1.14 29.89 19.70
CHB HEM KA . 1.81 27.11 17.08
CHC HEM KA . 5.37 27.73 20.28
CHD HEM KA . 2.17 29.73 23.25
C1A HEM KA . -0.62 29.20 18.65
C2A HEM KA . -1.19 29.06 17.33
C3A HEM KA . -0.35 28.32 16.59
C4A HEM KA . 0.76 27.92 17.44
CMA HEM KA . -0.52 27.88 15.13
CAA HEM KA . -2.48 29.76 16.89
CBA HEM KA . -2.01 31.13 16.41
CGA HEM KA . -3.06 31.78 15.55
O1A HEM KA . -3.74 31.05 14.81
O2A HEM KA . -3.22 33.02 15.60
C1B HEM KA . 3.03 27.02 17.68
C2B HEM KA . 4.20 26.33 17.18
C3B HEM KA . 5.20 26.50 18.08
C4B HEM KA . 4.68 27.30 19.17
CMB HEM KA . 4.29 25.54 15.87
CAB HEM KA . 6.62 25.89 17.91
CBB HEM KA . 7.50 25.85 18.93
C1C HEM KA . 4.83 28.35 21.36
C2C HEM KA . 5.54 28.75 22.54
C3C HEM KA . 4.66 29.32 23.38
C4C HEM KA . 3.35 29.28 22.74
CMC HEM KA . 7.07 28.55 22.70
CAC HEM KA . 4.89 29.90 24.79
CBC HEM KA . 6.01 29.70 25.48
C1D HEM KA . 1.00 29.97 22.54
C2D HEM KA . -0.16 30.65 23.06
C3D HEM KA . -1.08 30.68 22.10
C4D HEM KA . -0.53 30.04 20.93
CMD HEM KA . -0.36 31.22 24.48
CAD HEM KA . -2.48 31.31 22.29
CBD HEM KA . -3.25 30.21 23.04
CGD HEM KA . -4.58 30.66 23.61
O1D HEM KA . -5.23 29.77 24.23
O2D HEM KA . -4.98 31.85 23.46
NA HEM KA . 0.56 28.49 18.66
NB HEM KA . 3.36 27.61 18.90
NC HEM KA . 3.50 28.68 21.52
ND HEM KA . 0.74 29.63 21.23
FE HEM KA . 1.88 28.29 20.24
N1 H4B LA . -7.92 29.21 14.74
C2 H4B LA . -6.66 29.69 14.72
N2 H4B LA . -5.61 28.82 14.85
N3 H4B LA . -6.43 31.00 14.55
C4 H4B LA . -7.43 31.89 14.44
O4 H4B LA . -7.19 33.11 14.31
C4A H4B LA . -8.73 31.41 14.47
C8A H4B LA . -8.96 30.05 14.62
N5 H4B LA . -9.76 32.25 14.36
N8 H4B LA . -10.22 29.54 14.66
C6 H4B LA . -11.04 31.83 14.89
C7 H4B LA . -11.39 30.40 14.46
C9 H4B LA . -12.12 32.85 14.52
O9 H4B LA . -12.03 33.20 13.14
C10 H4B LA . -13.51 32.32 14.85
C11 H4B LA . -14.59 33.38 14.64
O10 H4B LA . -13.49 31.90 16.22
C02 A1A0F MA . 3.41 30.30 16.40
C03 A1A0F MA . 4.32 30.29 17.48
C04 A1A0F MA . 4.08 31.14 18.56
C05 A1A0F MA . 2.98 31.97 18.53
C06 A1A0F MA . 2.11 31.96 17.45
C07 A1A0F MA . 5.01 31.18 19.75
C11 A1A0F MA . 0.96 32.89 17.43
C12 A1A0F MA . 0.69 33.61 16.27
C13 A1A0F MA . -0.38 34.49 16.20
C14 A1A0F MA . -1.18 34.67 17.32
C15 A1A0F MA . -0.93 33.95 18.49
C16 A1A0F MA . 0.13 33.06 18.54
C17 A1A0F MA . -1.82 34.15 19.70
C21 A1A0F MA . -0.68 35.26 14.92
C23 A1A0F MA . -0.95 33.32 13.50
F18 A1A0F MA . -1.10 34.00 20.80
F19 A1A0F MA . -2.78 33.25 19.73
F20 A1A0F MA . -2.36 35.36 19.70
N01 A1A0F MA . 2.36 31.14 16.40
N02 A1A0F MA . 3.59 29.52 15.33
N22 A1A0F MA . -0.20 34.57 13.72
C1 BTB NA . 9.73 22.01 -15.51
O1 BTB NA . 10.17 20.99 -14.60
C2 BTB NA . 8.97 23.04 -14.71
C3 BTB NA . 7.77 22.36 -14.04
O3 BTB NA . 7.01 23.28 -13.23
C4 BTB NA . 9.88 23.62 -13.63
O4 BTB NA . 9.35 24.88 -13.21
N BTB NA . 8.54 24.13 -15.62
C5 BTB NA . 7.42 23.69 -16.47
C6 BTB NA . 6.24 24.63 -16.23
O6 BTB NA . 6.59 25.94 -16.66
C7 BTB NA . 9.62 24.72 -16.44
C8 BTB NA . 9.91 26.16 -16.01
O8 BTB NA . 8.74 26.99 -16.07
C1 BTB OA . 9.18 60.88 30.90
O1 BTB OA . 7.76 61.03 31.09
C2 BTB OA . 9.77 60.72 32.28
C3 BTB OA . 9.73 62.07 33.00
O3 BTB OA . 8.47 62.18 33.67
C4 BTB OA . 8.84 59.77 33.03
O4 BTB OA . 8.98 59.84 34.45
N BTB OA . 11.16 60.20 32.18
C5 BTB OA . 11.69 59.97 33.55
C6 BTB OA . 13.02 60.59 33.97
O6 BTB OA . 14.07 59.65 33.67
C7 BTB OA . 12.02 61.08 31.34
C8 BTB OA . 13.18 60.34 30.67
O8 BTB OA . 13.52 60.89 29.39
C1 GOL PA . -9.46 35.53 14.31
O1 GOL PA . -8.66 35.48 15.48
C2 GOL PA . -8.73 36.26 13.20
O2 GOL PA . -8.13 37.43 13.73
C3 GOL PA . -9.67 36.65 12.04
O3 GOL PA . -10.60 35.64 11.66
CL CL QA . 1.62 35.59 12.42
GD GD3 RA . 6.96 25.83 -14.00
#